data_2BWG
#
_entry.id   2BWG
#
_cell.length_a   55.312
_cell.length_b   114.418
_cell.length_c   115.129
_cell.angle_alpha   90.00
_cell.angle_beta   102.74
_cell.angle_gamma   90.00
#
_symmetry.space_group_name_H-M   'P 1 21 1'
#
loop_
_entity.id
_entity.type
_entity.pdbx_description
1 polymer 'GMP REDUCTASE I'
2 non-polymer 'POTASSIUM ION'
3 non-polymer "GUANOSINE-5'-MONOPHOSPHATE"
4 water water
#
_entity_poly.entity_id   1
_entity_poly.type   'polypeptide(L)'
_entity_poly.pdbx_seq_one_letter_code
;MHHHHHHSSGVDLGTENLYFQSMPRIDADLKLDFKDVLLRPKRSSLKSRAEVDLERTFTFRNSKQTYSGIPIIVANMDTV
GTFEMAAVMSQHSMFTAIHKHYSLDDWKLFATNHPECLQNVAVSSGSGQNDLEKMTSILEAVPQVKFICLDVANGYSEHF
VEFVKLVRAKFPEHTIMAGNVVTGEMVEELILSGADIIKVGVGPGSVCTTRTKTGVGYPQLSAVIECADSAHGLKGHIIS
DGGCTCPGDVAKAFGAGADFVMLGGMFSGHTECAGEVIERNGRKLKLFYGMSSDTAMNKHAGGVAEYRASEGKTVEVPYK
GDVENTILDILGGLRSTCTYVGAAKLKELSRRATFIRVTQQHNTVFS
;
_entity_poly.pdbx_strand_id   A,B,C,D
#
loop_
_chem_comp.id
_chem_comp.type
_chem_comp.name
_chem_comp.formula
5GP non-polymer GUANOSINE-5'-MONOPHOSPHATE 'C10 H14 N5 O8 P'
K non-polymer 'POTASSIUM ION' 'K 1'
#
# COMPACT_ATOMS: atom_id res chain seq x y z
N PRO A 24 0.89 20.90 18.83
CA PRO A 24 1.14 19.90 17.79
C PRO A 24 -0.15 19.37 17.13
N ARG A 25 -0.67 20.14 16.16
CA ARG A 25 -1.91 19.84 15.46
C ARG A 25 -1.69 18.96 14.22
N ILE A 26 -2.65 18.08 13.97
CA ILE A 26 -2.73 17.30 12.74
C ILE A 26 -3.82 17.90 11.86
N ASP A 27 -3.45 18.25 10.62
CA ASP A 27 -4.40 18.75 9.63
C ASP A 27 -5.36 17.61 9.27
N ALA A 28 -6.65 17.89 9.43
CA ALA A 28 -7.71 16.92 9.14
C ALA A 28 -7.77 16.51 7.66
N ASP A 29 -7.60 17.50 6.79
CA ASP A 29 -7.54 17.30 5.35
C ASP A 29 -6.37 16.40 4.97
N LEU A 30 -6.68 15.31 4.28
CA LEU A 30 -5.67 14.45 3.67
C LEU A 30 -5.13 15.15 2.45
N LYS A 31 -3.81 15.18 2.30
CA LYS A 31 -3.17 15.81 1.18
C LYS A 31 -2.75 14.74 0.19
N LEU A 32 -3.16 14.93 -1.06
CA LEU A 32 -2.94 13.94 -2.13
C LEU A 32 -1.74 14.26 -3.02
N ASP A 33 -1.06 13.24 -3.52
CA ASP A 33 -0.09 13.40 -4.60
C ASP A 33 -0.69 12.91 -5.92
N PHE A 34 0.12 12.82 -6.96
CA PHE A 34 -0.39 12.53 -8.30
C PHE A 34 -0.95 11.14 -8.41
N LYS A 35 -0.35 10.20 -7.69
CA LYS A 35 -0.73 8.79 -7.73
C LYS A 35 -2.14 8.58 -7.17
N ASP A 36 -2.57 9.52 -6.35
CA ASP A 36 -3.83 9.39 -5.67
C ASP A 36 -5.02 9.77 -6.55
N VAL A 37 -4.76 10.41 -7.68
CA VAL A 37 -5.87 10.85 -8.54
C VAL A 37 -5.72 10.41 -9.98
N LEU A 38 -6.84 10.52 -10.69
CA LEU A 38 -6.87 10.47 -12.14
C LEU A 38 -7.73 11.61 -12.63
N LEU A 39 -7.44 12.06 -13.86
CA LEU A 39 -8.32 13.00 -14.55
C LEU A 39 -9.47 12.29 -15.26
N ARG A 40 -10.64 12.85 -15.11
CA ARG A 40 -11.84 12.33 -15.72
C ARG A 40 -11.92 12.79 -17.18
N PRO A 41 -12.25 11.87 -18.11
CA PRO A 41 -12.49 12.34 -19.47
C PRO A 41 -13.82 13.04 -19.54
N LYS A 42 -13.94 13.95 -20.49
CA LYS A 42 -15.16 14.74 -20.67
C LYS A 42 -15.52 14.91 -22.13
N ARG A 43 -16.79 15.18 -22.37
CA ARG A 43 -17.32 15.35 -23.74
C ARG A 43 -16.70 16.55 -24.42
N SER A 44 -16.29 16.38 -25.68
CA SER A 44 -15.77 17.50 -26.48
C SER A 44 -15.88 17.22 -27.97
N SER A 45 -15.42 18.17 -28.78
CA SER A 45 -15.43 18.05 -30.22
C SER A 45 -14.06 17.68 -30.77
N LEU A 46 -13.11 17.42 -29.89
CA LEU A 46 -11.72 17.19 -30.29
C LEU A 46 -11.52 15.69 -30.51
N LYS A 47 -11.24 15.31 -31.75
CA LYS A 47 -11.01 13.90 -32.07
C LYS A 47 -9.56 13.56 -31.75
N SER A 48 -8.65 14.30 -32.38
CA SER A 48 -7.23 13.96 -32.42
C SER A 48 -6.36 14.92 -31.59
N ARG A 49 -5.29 14.37 -31.03
CA ARG A 49 -4.40 15.13 -30.14
C ARG A 49 -3.57 16.18 -30.90
N ALA A 50 -3.38 16.00 -32.21
CA ALA A 50 -2.61 16.95 -32.99
C ALA A 50 -3.32 18.30 -33.06
N GLU A 51 -4.64 18.26 -32.94
CA GLU A 51 -5.44 19.49 -32.87
C GLU A 51 -5.08 20.42 -31.69
N VAL A 52 -4.50 19.87 -30.60
CA VAL A 52 -4.26 20.64 -29.37
C VAL A 52 -3.03 21.57 -29.43
N ASP A 53 -3.23 22.81 -29.01
CA ASP A 53 -2.16 23.82 -28.89
C ASP A 53 -1.61 23.88 -27.46
N LEU A 54 -0.36 23.46 -27.30
CA LEU A 54 0.30 23.41 -25.99
C LEU A 54 0.95 24.75 -25.58
N GLU A 55 1.23 25.60 -26.58
CA GLU A 55 1.75 26.93 -26.31
C GLU A 55 0.78 27.72 -25.45
N ARG A 56 1.38 28.45 -24.50
CA ARG A 56 0.68 29.31 -23.56
CA ARG A 56 0.67 29.31 -23.55
C ARG A 56 1.31 30.70 -23.56
N THR A 57 0.48 31.71 -23.43
CA THR A 57 0.92 33.08 -23.35
C THR A 57 0.68 33.59 -21.95
N PHE A 58 1.75 34.06 -21.31
CA PHE A 58 1.70 34.64 -19.98
C PHE A 58 2.17 36.08 -20.00
N THR A 59 1.46 36.94 -19.26
CA THR A 59 1.97 38.26 -18.94
C THR A 59 2.19 38.38 -17.44
N PHE A 60 3.46 38.49 -17.04
CA PHE A 60 3.79 38.41 -15.61
C PHE A 60 3.44 39.66 -14.77
N ARG A 61 3.16 39.43 -13.50
CA ARG A 61 2.55 40.45 -12.67
C ARG A 61 3.50 41.59 -12.33
N ASN A 62 4.74 41.24 -12.00
CA ASN A 62 5.68 42.22 -11.50
C ASN A 62 6.64 42.69 -12.58
N SER A 63 7.14 41.75 -13.40
CA SER A 63 8.06 42.07 -14.50
C SER A 63 7.31 42.77 -15.64
N LYS A 64 6.01 42.49 -15.72
CA LYS A 64 5.14 42.97 -16.79
C LYS A 64 5.57 42.45 -18.19
N GLN A 65 6.50 41.49 -18.23
CA GLN A 65 6.93 40.88 -19.48
C GLN A 65 5.86 39.91 -19.99
N THR A 66 5.94 39.55 -21.28
CA THR A 66 5.04 38.57 -21.87
C THR A 66 5.86 37.42 -22.37
N TYR A 67 5.41 36.21 -22.06
CA TYR A 67 6.08 34.98 -22.46
C TYR A 67 5.15 34.19 -23.38
N SER A 68 5.72 33.53 -24.38
CA SER A 68 4.97 32.53 -25.13
C SER A 68 5.82 31.27 -25.35
N GLY A 69 5.21 30.13 -25.05
CA GLY A 69 5.84 28.86 -25.31
C GLY A 69 5.10 27.73 -24.65
N ILE A 70 5.71 26.56 -24.76
CA ILE A 70 5.23 25.37 -24.07
C ILE A 70 5.80 25.41 -22.67
N PRO A 71 4.92 25.64 -21.67
CA PRO A 71 5.37 25.97 -20.33
C PRO A 71 5.85 24.75 -19.56
N ILE A 72 6.77 24.00 -20.16
CA ILE A 72 7.45 22.91 -19.47
C ILE A 72 8.89 23.33 -19.37
N ILE A 73 9.44 23.26 -18.16
CA ILE A 73 10.77 23.77 -17.84
C ILE A 73 11.73 22.62 -17.46
N VAL A 74 12.94 22.62 -17.99
CA VAL A 74 13.96 21.71 -17.49
C VAL A 74 14.51 22.34 -16.22
N ALA A 75 14.60 21.56 -15.14
CA ALA A 75 15.03 22.08 -13.83
C ALA A 75 16.47 22.48 -13.93
N ASN A 76 16.87 23.44 -13.11
CA ASN A 76 18.24 23.99 -13.15
C ASN A 76 19.23 23.14 -12.36
N MET A 77 19.26 21.86 -12.69
CA MET A 77 20.12 20.91 -12.06
C MET A 77 21.33 20.74 -12.93
N ASP A 78 22.38 20.18 -12.36
CA ASP A 78 23.70 20.11 -13.02
C ASP A 78 23.70 19.37 -14.34
N THR A 79 22.92 18.32 -14.39
CA THR A 79 22.98 17.40 -15.52
C THR A 79 21.94 17.72 -16.62
N VAL A 80 20.79 18.24 -16.18
CA VAL A 80 19.71 18.52 -17.13
C VAL A 80 19.63 19.97 -17.57
N GLY A 81 19.97 20.90 -16.68
CA GLY A 81 19.85 22.32 -16.99
C GLY A 81 21.09 22.82 -17.72
N THR A 82 21.34 22.23 -18.90
CA THR A 82 22.52 22.55 -19.67
C THR A 82 22.19 23.36 -20.90
N PHE A 83 23.24 23.91 -21.51
CA PHE A 83 23.09 24.65 -22.76
C PHE A 83 22.73 23.73 -23.92
N GLU A 84 23.26 22.51 -23.87
CA GLU A 84 22.99 21.53 -24.91
C GLU A 84 21.54 21.08 -24.83
N MET A 85 21.02 20.93 -23.61
CA MET A 85 19.61 20.64 -23.44
C MET A 85 18.75 21.78 -23.90
N ALA A 86 19.14 23.00 -23.57
CA ALA A 86 18.35 24.19 -23.96
C ALA A 86 18.19 24.31 -25.48
N ALA A 87 19.23 23.92 -26.21
CA ALA A 87 19.25 24.08 -27.65
C ALA A 87 18.23 23.15 -28.32
N VAL A 88 17.97 22.01 -27.68
CA VAL A 88 16.91 21.07 -28.07
C VAL A 88 15.54 21.56 -27.61
N MET A 89 15.46 21.96 -26.35
CA MET A 89 14.18 22.37 -25.75
C MET A 89 13.54 23.54 -26.50
N SER A 90 14.36 24.49 -26.88
CA SER A 90 13.96 25.68 -27.60
C SER A 90 13.31 25.36 -28.93
N GLN A 91 13.85 24.35 -29.63
CA GLN A 91 13.25 23.88 -30.87
C GLN A 91 11.77 23.52 -30.69
N HIS A 92 11.41 23.05 -29.49
CA HIS A 92 10.03 22.67 -29.19
C HIS A 92 9.30 23.76 -28.43
N SER A 93 9.83 24.97 -28.46
CA SER A 93 9.28 26.11 -27.71
C SER A 93 9.20 25.82 -26.22
N MET A 94 10.11 24.98 -25.73
CA MET A 94 10.17 24.62 -24.31
C MET A 94 11.32 25.34 -23.61
N PHE A 95 11.21 25.45 -22.28
CA PHE A 95 12.06 26.32 -21.49
C PHE A 95 13.11 25.54 -20.71
N THR A 96 14.28 26.13 -20.54
CA THR A 96 15.35 25.49 -19.78
C THR A 96 15.80 26.46 -18.71
N ALA A 97 15.76 26.03 -17.44
CA ALA A 97 16.41 26.78 -16.34
C ALA A 97 17.83 26.25 -16.27
N ILE A 98 18.78 27.14 -16.59
CA ILE A 98 20.18 26.78 -16.69
C ILE A 98 20.79 26.74 -15.30
N HIS A 99 21.53 25.70 -15.00
CA HIS A 99 22.11 25.59 -13.66
C HIS A 99 23.12 26.72 -13.44
N LYS A 100 23.29 27.08 -12.17
CA LYS A 100 24.04 28.29 -11.79
C LYS A 100 25.59 28.17 -11.80
N HIS A 101 26.13 27.08 -12.32
CA HIS A 101 27.60 26.81 -12.21
C HIS A 101 28.33 27.02 -13.51
N TYR A 102 27.60 27.46 -14.53
CA TYR A 102 28.17 27.90 -15.76
C TYR A 102 28.87 29.23 -15.57
N SER A 103 30.01 29.42 -16.20
CA SER A 103 30.74 30.67 -16.11
C SER A 103 30.13 31.74 -16.99
N LEU A 104 30.56 32.96 -16.75
CA LEU A 104 30.23 34.08 -17.62
C LEU A 104 30.61 33.80 -19.06
N ASP A 105 31.83 33.31 -19.26
CA ASP A 105 32.30 32.96 -20.61
C ASP A 105 31.44 31.90 -21.27
N ASP A 106 31.01 30.90 -20.50
CA ASP A 106 30.14 29.84 -20.99
C ASP A 106 28.85 30.45 -21.51
N TRP A 107 28.28 31.41 -20.78
CA TRP A 107 27.07 32.12 -21.24
C TRP A 107 27.31 32.95 -22.50
N LYS A 108 28.41 33.69 -22.49
CA LYS A 108 28.76 34.50 -23.66
C LYS A 108 28.84 33.61 -24.90
N LEU A 109 29.44 32.43 -24.77
CA LEU A 109 29.57 31.49 -25.90
C LEU A 109 28.22 30.97 -26.32
N PHE A 110 27.36 30.73 -25.36
CA PHE A 110 26.03 30.24 -25.66
C PHE A 110 25.18 31.29 -26.39
N ALA A 111 25.36 32.55 -25.99
CA ALA A 111 24.67 33.65 -26.62
C ALA A 111 25.16 33.85 -28.04
N THR A 112 26.47 33.71 -28.21
CA THR A 112 27.10 33.82 -29.53
C THR A 112 26.54 32.76 -30.47
N ASN A 113 26.50 31.53 -29.97
CA ASN A 113 26.19 30.38 -30.81
C ASN A 113 24.72 30.02 -30.90
N HIS A 114 23.94 30.33 -29.85
CA HIS A 114 22.53 29.96 -29.80
C HIS A 114 21.64 31.14 -29.38
N PRO A 115 21.73 32.26 -30.13
CA PRO A 115 20.89 33.45 -29.81
C PRO A 115 19.40 33.19 -29.84
N GLU A 116 18.97 32.27 -30.70
CA GLU A 116 17.56 31.85 -30.79
C GLU A 116 16.98 31.23 -29.51
N CYS A 117 17.85 30.73 -28.63
CA CYS A 117 17.43 30.10 -27.35
C CYS A 117 17.30 31.01 -26.14
N LEU A 118 17.88 32.21 -26.20
CA LEU A 118 18.04 33.05 -25.02
C LEU A 118 16.70 33.48 -24.42
N GLN A 119 15.66 33.53 -25.26
CA GLN A 119 14.33 33.85 -24.78
C GLN A 119 13.70 32.67 -24.03
N ASN A 120 14.28 31.48 -24.22
CA ASN A 120 13.79 30.22 -23.65
C ASN A 120 14.62 29.64 -22.51
N VAL A 121 15.50 30.46 -21.93
CA VAL A 121 16.34 30.07 -20.78
C VAL A 121 16.25 31.08 -19.62
N ALA A 122 16.58 30.58 -18.43
CA ALA A 122 16.67 31.40 -17.24
C ALA A 122 18.02 31.19 -16.63
N VAL A 123 18.58 32.26 -16.10
CA VAL A 123 19.84 32.20 -15.40
C VAL A 123 19.45 31.96 -13.95
N SER A 124 20.24 31.14 -13.27
CA SER A 124 19.93 30.69 -11.93
C SER A 124 20.90 31.27 -10.91
N SER A 125 20.40 31.52 -9.72
CA SER A 125 21.20 32.04 -8.63
C SER A 125 20.63 31.61 -7.25
N GLY A 126 21.55 31.32 -6.31
CA GLY A 126 21.20 31.26 -4.90
C GLY A 126 21.09 32.67 -4.31
N SER A 127 20.89 32.76 -3.00
CA SER A 127 20.72 34.06 -2.35
C SER A 127 22.01 34.61 -1.77
N GLY A 128 23.16 34.00 -2.10
CA GLY A 128 24.45 34.52 -1.69
C GLY A 128 24.93 35.70 -2.54
N GLN A 129 25.87 36.46 -1.98
CA GLN A 129 26.39 37.67 -2.62
C GLN A 129 27.13 37.34 -3.93
N ASN A 130 27.93 36.27 -3.92
CA ASN A 130 28.70 35.85 -5.10
C ASN A 130 27.80 35.43 -6.26
N ASP A 131 26.72 34.71 -5.94
CA ASP A 131 25.76 34.26 -6.92
C ASP A 131 25.09 35.46 -7.57
N LEU A 132 24.71 36.43 -6.74
CA LEU A 132 24.02 37.61 -7.24
C LEU A 132 24.92 38.38 -8.20
N GLU A 133 26.18 38.55 -7.81
CA GLU A 133 27.16 39.25 -8.65
C GLU A 133 27.44 38.51 -9.95
N LYS A 134 27.56 37.19 -9.92
CA LYS A 134 27.80 36.43 -11.16
C LYS A 134 26.60 36.53 -12.08
N MET A 135 25.41 36.40 -11.51
CA MET A 135 24.19 36.49 -12.29
C MET A 135 24.03 37.88 -12.94
N THR A 136 24.30 38.89 -12.13
CA THR A 136 24.32 40.27 -12.58
C THR A 136 25.25 40.46 -13.77
N SER A 137 26.44 39.89 -13.70
CA SER A 137 27.39 39.98 -14.81
C SER A 137 26.86 39.30 -16.09
N ILE A 138 26.23 38.14 -15.92
CA ILE A 138 25.66 37.36 -17.03
C ILE A 138 24.53 38.13 -17.70
N LEU A 139 23.64 38.71 -16.89
CA LEU A 139 22.49 39.47 -17.39
C LEU A 139 22.88 40.73 -18.12
N GLU A 140 23.89 41.41 -17.58
CA GLU A 140 24.45 42.60 -18.24
C GLU A 140 25.12 42.24 -19.55
N ALA A 141 25.86 41.12 -19.56
CA ALA A 141 26.55 40.67 -20.77
C ALA A 141 25.59 40.06 -21.79
N VAL A 142 24.48 39.49 -21.31
CA VAL A 142 23.51 38.83 -22.18
C VAL A 142 22.11 39.42 -21.93
N PRO A 143 21.87 40.62 -22.48
CA PRO A 143 20.58 41.29 -22.29
C PRO A 143 19.34 40.53 -22.79
N GLN A 144 19.57 39.51 -23.63
CA GLN A 144 18.48 38.72 -24.21
C GLN A 144 17.90 37.70 -23.22
N VAL A 145 18.64 37.42 -22.14
CA VAL A 145 18.16 36.56 -21.06
C VAL A 145 17.27 37.40 -20.15
N LYS A 146 15.97 37.07 -20.10
CA LYS A 146 14.98 37.88 -19.40
C LYS A 146 14.25 37.14 -18.28
N PHE A 147 14.81 36.00 -17.88
CA PHE A 147 14.25 35.20 -16.76
C PHE A 147 15.34 34.91 -15.75
N ILE A 148 15.00 35.11 -14.49
CA ILE A 148 15.89 34.81 -13.37
C ILE A 148 15.27 33.70 -12.54
N CYS A 149 16.09 32.73 -12.16
CA CYS A 149 15.65 31.63 -11.26
C CYS A 149 16.35 31.71 -9.89
N LEU A 150 15.59 32.00 -8.85
CA LEU A 150 16.11 32.10 -7.48
C LEU A 150 15.71 30.94 -6.60
N ASP A 151 16.70 30.36 -5.91
CA ASP A 151 16.49 29.12 -5.16
C ASP A 151 17.22 29.15 -3.83
N VAL A 152 16.46 28.87 -2.76
CA VAL A 152 17.00 28.82 -1.42
C VAL A 152 16.63 27.53 -0.74
N ALA A 153 17.28 27.24 0.39
CA ALA A 153 16.95 26.06 1.19
C ALA A 153 15.63 26.29 1.85
N ASN A 154 15.44 27.50 2.36
CA ASN A 154 14.19 27.89 3.05
C ASN A 154 13.47 29.04 2.38
N GLY A 155 12.56 28.70 1.46
CA GLY A 155 11.73 29.66 0.71
C GLY A 155 10.69 30.39 1.56
N TYR A 156 10.57 29.97 2.82
CA TYR A 156 9.72 30.60 3.80
C TYR A 156 10.45 31.64 4.64
N SER A 157 11.71 31.92 4.34
CA SER A 157 12.54 32.79 5.15
C SER A 157 12.30 34.24 4.82
N GLU A 158 12.39 35.10 5.83
CA GLU A 158 12.27 36.56 5.62
C GLU A 158 13.49 37.09 4.88
N HIS A 159 14.58 36.35 4.98
CA HIS A 159 15.78 36.71 4.26
CA HIS A 159 15.80 36.65 4.24
C HIS A 159 15.58 36.45 2.76
N PHE A 160 14.72 35.50 2.39
CA PHE A 160 14.46 35.23 0.98
C PHE A 160 13.48 36.23 0.42
N VAL A 161 12.51 36.62 1.23
CA VAL A 161 11.59 37.67 0.88
C VAL A 161 12.36 38.92 0.46
N GLU A 162 13.39 39.26 1.26
CA GLU A 162 14.19 40.44 1.08
C GLU A 162 15.09 40.34 -0.12
N PHE A 163 15.58 39.15 -0.36
CA PHE A 163 16.46 38.90 -1.50
C PHE A 163 15.67 39.07 -2.82
N VAL A 164 14.44 38.57 -2.81
CA VAL A 164 13.52 38.75 -3.93
C VAL A 164 13.28 40.24 -4.16
N LYS A 165 12.99 41.01 -3.11
CA LYS A 165 12.78 42.47 -3.24
C LYS A 165 13.97 43.19 -3.88
N LEU A 166 15.17 42.74 -3.52
CA LEU A 166 16.41 43.30 -4.03
C LEU A 166 16.63 42.92 -5.52
N VAL A 167 16.34 41.68 -5.88
CA VAL A 167 16.50 41.25 -7.27
C VAL A 167 15.50 41.98 -8.14
N ARG A 168 14.27 42.10 -7.65
CA ARG A 168 13.24 42.86 -8.32
C ARG A 168 13.72 44.26 -8.62
N ALA A 169 14.23 44.93 -7.58
CA ALA A 169 14.70 46.31 -7.71
C ALA A 169 15.91 46.42 -8.66
N LYS A 170 16.83 45.46 -8.56
CA LYS A 170 18.00 45.42 -9.44
C LYS A 170 17.63 45.15 -10.91
N PHE A 171 16.62 44.33 -11.13
CA PHE A 171 16.21 43.92 -12.49
C PHE A 171 14.69 44.07 -12.65
N PRO A 172 14.18 45.30 -12.74
CA PRO A 172 12.73 45.55 -12.77
C PRO A 172 11.95 44.97 -13.98
N GLU A 173 12.66 44.60 -15.04
CA GLU A 173 12.02 44.14 -16.28
C GLU A 173 12.28 42.68 -16.52
N HIS A 174 13.07 42.05 -15.65
CA HIS A 174 13.30 40.62 -15.72
C HIS A 174 12.17 39.87 -15.00
N THR A 175 11.86 38.69 -15.54
CA THR A 175 10.86 37.80 -14.95
C THR A 175 11.52 36.94 -13.86
N ILE A 176 10.95 36.98 -12.66
CA ILE A 176 11.57 36.27 -11.53
C ILE A 176 10.82 35.01 -11.11
N MET A 177 11.53 33.89 -11.25
CA MET A 177 11.20 32.58 -10.68
C MET A 177 11.82 32.53 -9.29
N ALA A 178 11.03 32.15 -8.27
CA ALA A 178 11.52 32.07 -6.91
C ALA A 178 10.91 30.86 -6.19
N GLY A 179 11.75 30.08 -5.52
CA GLY A 179 11.22 28.99 -4.71
C GLY A 179 12.17 28.45 -3.69
N ASN A 180 11.80 27.37 -3.01
CA ASN A 180 10.54 26.66 -3.27
C ASN A 180 9.63 26.73 -2.10
N VAL A 181 8.31 26.76 -2.36
CA VAL A 181 7.31 26.71 -1.28
C VAL A 181 6.27 25.63 -1.59
N VAL A 182 5.33 25.43 -0.65
CA VAL A 182 4.23 24.47 -0.83
C VAL A 182 2.90 24.97 -0.37
N THR A 183 2.86 26.22 0.13
CA THR A 183 1.69 26.78 0.78
C THR A 183 1.39 28.23 0.27
N GLY A 184 0.12 28.55 0.15
CA GLY A 184 -0.27 29.75 -0.55
C GLY A 184 0.02 31.08 0.13
N GLU A 185 0.20 31.08 1.44
CA GLU A 185 0.52 32.32 2.16
C GLU A 185 1.94 32.76 1.74
N MET A 186 2.82 31.80 1.50
CA MET A 186 4.18 32.12 1.03
C MET A 186 4.21 32.47 -0.45
N VAL A 187 3.28 31.90 -1.20
CA VAL A 187 3.09 32.29 -2.56
C VAL A 187 2.79 33.76 -2.62
N GLU A 188 1.74 34.17 -1.90
CA GLU A 188 1.30 35.59 -1.85
C GLU A 188 2.43 36.51 -1.45
N GLU A 189 3.21 36.11 -0.43
CA GLU A 189 4.23 36.96 0.10
C GLU A 189 5.30 37.19 -0.91
N LEU A 190 5.71 36.10 -1.54
CA LEU A 190 6.78 36.15 -2.52
C LEU A 190 6.34 36.90 -3.77
N ILE A 191 5.08 36.77 -4.16
CA ILE A 191 4.63 37.51 -5.34
C ILE A 191 4.58 38.99 -4.99
N LEU A 192 4.00 39.32 -3.84
CA LEU A 192 3.89 40.72 -3.40
C LEU A 192 5.27 41.32 -3.22
N SER A 193 6.26 40.47 -2.90
CA SER A 193 7.63 40.94 -2.73
C SER A 193 8.41 41.12 -4.04
N GLY A 194 7.86 40.65 -5.16
CA GLY A 194 8.40 40.92 -6.52
C GLY A 194 8.65 39.68 -7.44
N ALA A 195 8.45 38.46 -6.94
CA ALA A 195 8.61 37.28 -7.77
C ALA A 195 7.40 37.20 -8.69
N ASP A 196 7.63 36.78 -9.92
CA ASP A 196 6.54 36.65 -10.90
C ASP A 196 5.95 35.22 -10.85
N ILE A 197 6.85 34.25 -10.73
CA ILE A 197 6.51 32.87 -10.76
C ILE A 197 7.14 32.18 -9.56
N ILE A 198 6.32 31.42 -8.86
CA ILE A 198 6.70 30.78 -7.63
C ILE A 198 6.88 29.32 -7.89
N LYS A 199 8.04 28.80 -7.52
CA LYS A 199 8.31 27.38 -7.71
C LYS A 199 7.75 26.60 -6.53
N VAL A 200 6.85 25.67 -6.85
CA VAL A 200 6.12 24.94 -5.83
C VAL A 200 6.56 23.48 -5.83
N GLY A 201 6.99 23.05 -4.66
CA GLY A 201 7.28 21.63 -4.40
C GLY A 201 8.38 21.52 -3.39
N VAL A 202 8.13 20.80 -2.30
CA VAL A 202 9.13 20.48 -1.26
C VAL A 202 8.88 19.03 -0.80
N GLY A 203 9.79 18.12 -1.15
CA GLY A 203 9.61 16.70 -0.84
C GLY A 203 9.58 15.74 -2.04
N PRO A 204 8.57 15.88 -2.94
CA PRO A 204 8.36 14.99 -4.10
C PRO A 204 9.51 14.83 -5.11
N GLY A 205 10.45 15.77 -5.19
CA GLY A 205 11.53 15.67 -6.20
C GLY A 205 12.27 14.34 -6.24
N SER A 206 12.57 13.81 -7.41
CA SER A 206 13.19 12.48 -7.51
C SER A 206 14.39 12.27 -6.58
N VAL A 207 15.30 13.26 -6.53
CA VAL A 207 16.49 13.18 -5.66
C VAL A 207 16.43 14.12 -4.43
N CYS A 208 15.30 14.79 -4.22
CA CYS A 208 15.04 15.47 -2.98
C CYS A 208 14.96 14.45 -1.82
N THR A 209 15.43 14.85 -0.63
CA THR A 209 15.39 13.98 0.54
C THR A 209 14.89 14.70 1.79
N THR A 210 14.08 15.73 1.63
CA THR A 210 13.60 16.50 2.79
C THR A 210 12.83 15.60 3.74
N ARG A 211 12.01 14.73 3.21
CA ARG A 211 11.05 13.94 4.03
C ARG A 211 11.83 13.01 4.95
N THR A 212 12.84 12.40 4.38
CA THR A 212 13.71 11.48 5.04
C THR A 212 14.71 12.15 6.01
N LYS A 213 15.15 13.36 5.65
CA LYS A 213 16.18 14.05 6.43
C LYS A 213 15.61 15.04 7.42
N THR A 214 14.43 15.59 7.13
CA THR A 214 13.81 16.65 7.91
C THR A 214 12.37 16.39 8.31
N GLY A 215 11.69 15.47 7.61
CA GLY A 215 10.28 15.17 7.87
C GLY A 215 9.36 16.30 7.41
N VAL A 216 9.92 17.27 6.71
CA VAL A 216 9.16 18.42 6.21
C VAL A 216 8.92 18.15 4.73
N GLY A 217 7.77 18.54 4.26
CA GLY A 217 7.40 18.31 2.89
C GLY A 217 5.91 18.50 2.66
N TYR A 218 5.47 18.24 1.44
CA TYR A 218 4.05 18.36 1.10
C TYR A 218 3.79 17.58 -0.17
N PRO A 219 2.67 16.84 -0.22
CA PRO A 219 2.25 16.21 -1.47
C PRO A 219 2.16 17.18 -2.64
N GLN A 220 2.64 16.77 -3.81
CA GLN A 220 2.79 17.71 -4.93
C GLN A 220 1.49 18.15 -5.54
N LEU A 221 0.50 17.26 -5.65
CA LEU A 221 -0.80 17.67 -6.19
C LEU A 221 -1.47 18.72 -5.27
N SER A 222 -1.55 18.43 -3.98
CA SER A 222 -2.18 19.33 -3.04
C SER A 222 -1.42 20.65 -2.95
N ALA A 223 -0.12 20.58 -3.15
CA ALA A 223 0.72 21.76 -3.20
C ALA A 223 0.27 22.67 -4.32
N VAL A 224 0.28 22.13 -5.51
CA VAL A 224 -0.08 22.84 -6.71
C VAL A 224 -1.51 23.40 -6.62
N ILE A 225 -2.44 22.60 -6.13
CA ILE A 225 -3.85 23.03 -6.03
C ILE A 225 -3.99 24.30 -5.21
N GLU A 226 -3.35 24.28 -4.05
CA GLU A 226 -3.46 25.34 -3.06
C GLU A 226 -2.73 26.59 -3.49
N CYS A 227 -1.51 26.37 -3.95
CA CYS A 227 -0.58 27.42 -4.35
C CYS A 227 -0.93 28.06 -5.68
N ALA A 228 -1.52 27.30 -6.59
CA ALA A 228 -2.01 27.88 -7.85
C ALA A 228 -3.16 28.88 -7.60
N ASP A 229 -4.14 28.49 -6.79
CA ASP A 229 -5.21 29.39 -6.40
C ASP A 229 -4.65 30.70 -5.88
N SER A 230 -3.68 30.58 -4.99
CA SER A 230 -3.12 31.70 -4.27
C SER A 230 -2.40 32.65 -5.21
N ALA A 231 -1.62 32.07 -6.11
CA ALA A 231 -0.88 32.83 -7.11
C ALA A 231 -1.80 33.55 -8.10
N HIS A 232 -2.82 32.84 -8.58
CA HIS A 232 -3.73 33.40 -9.58
C HIS A 232 -4.67 34.45 -9.06
N GLY A 233 -4.98 34.39 -7.77
CA GLY A 233 -5.72 35.45 -7.11
C GLY A 233 -4.99 36.79 -7.21
N LEU A 234 -3.68 36.73 -7.34
CA LEU A 234 -2.87 37.93 -7.48
C LEU A 234 -2.49 38.24 -8.92
N LYS A 235 -3.02 37.46 -9.84
CA LYS A 235 -2.61 37.48 -11.23
C LYS A 235 -1.14 37.07 -11.39
N GLY A 236 -0.67 36.27 -10.45
CA GLY A 236 0.67 35.68 -10.50
C GLY A 236 0.68 34.29 -11.12
N HIS A 237 1.82 33.60 -11.03
CA HIS A 237 2.00 32.29 -11.68
C HIS A 237 2.86 31.31 -10.87
N ILE A 238 2.67 30.02 -11.12
CA ILE A 238 3.50 29.05 -10.44
C ILE A 238 4.09 28.02 -11.36
N ILE A 239 5.19 27.45 -10.90
CA ILE A 239 5.78 26.26 -11.47
C ILE A 239 5.54 25.12 -10.48
N SER A 240 4.97 24.02 -10.96
CA SER A 240 5.06 22.75 -10.26
C SER A 240 6.50 22.17 -10.41
N ASP A 241 7.26 22.26 -9.31
CA ASP A 241 8.64 21.85 -9.31
C ASP A 241 8.86 20.51 -8.63
N GLY A 242 9.08 19.49 -9.46
CA GLY A 242 9.38 18.16 -8.99
C GLY A 242 8.15 17.25 -8.76
N GLY A 243 8.44 15.95 -8.73
CA GLY A 243 7.45 14.91 -8.44
C GLY A 243 6.93 14.15 -9.65
N CYS A 244 6.98 14.73 -10.85
CA CYS A 244 6.46 14.06 -12.05
C CYS A 244 7.42 12.96 -12.48
N THR A 245 6.86 11.75 -12.56
CA THR A 245 7.61 10.55 -12.94
C THR A 245 7.15 10.07 -14.31
N CYS A 246 6.12 10.72 -14.85
CA CYS A 246 5.62 10.36 -16.15
C CYS A 246 4.76 11.48 -16.70
N PRO A 247 4.48 11.43 -18.01
CA PRO A 247 3.68 12.45 -18.64
C PRO A 247 2.31 12.67 -18.05
N GLY A 248 1.73 11.63 -17.46
CA GLY A 248 0.45 11.73 -16.78
C GLY A 248 0.51 12.73 -15.63
N ASP A 249 1.56 12.62 -14.82
CA ASP A 249 1.80 13.53 -13.70
C ASP A 249 1.94 14.95 -14.19
N VAL A 250 2.66 15.11 -15.30
CA VAL A 250 2.79 16.44 -15.91
C VAL A 250 1.43 16.99 -16.23
N ALA A 251 0.56 16.13 -16.75
CA ALA A 251 -0.79 16.53 -17.13
C ALA A 251 -1.60 16.91 -15.91
N LYS A 252 -1.41 16.13 -14.85
CA LYS A 252 -2.07 16.32 -13.57
C LYS A 252 -1.66 17.64 -12.92
N ALA A 253 -0.35 17.90 -12.96
CA ALA A 253 0.17 19.21 -12.50
C ALA A 253 -0.59 20.38 -13.16
N PHE A 254 -0.60 20.36 -14.50
CA PHE A 254 -1.30 21.38 -15.25
C PHE A 254 -2.81 21.44 -14.92
N GLY A 255 -3.42 20.26 -14.75
CA GLY A 255 -4.84 20.14 -14.39
C GLY A 255 -5.15 20.76 -13.06
N ALA A 256 -4.22 20.68 -12.14
CA ALA A 256 -4.32 21.21 -10.80
C ALA A 256 -4.11 22.72 -10.69
N GLY A 257 -3.59 23.34 -11.76
CA GLY A 257 -3.48 24.81 -11.83
C GLY A 257 -2.09 25.34 -12.14
N ALA A 258 -1.11 24.45 -12.24
CA ALA A 258 0.26 24.82 -12.52
C ALA A 258 0.34 25.58 -13.82
N ASP A 259 1.00 26.72 -13.79
CA ASP A 259 1.19 27.51 -14.99
C ASP A 259 2.32 26.91 -15.82
N PHE A 260 3.41 26.52 -15.15
CA PHE A 260 4.53 25.76 -15.77
C PHE A 260 4.74 24.50 -14.96
N VAL A 261 5.46 23.57 -15.54
CA VAL A 261 5.85 22.35 -14.85
C VAL A 261 7.33 22.17 -15.08
N MET A 262 8.06 22.05 -13.97
CA MET A 262 9.50 21.86 -14.00
C MET A 262 9.90 20.41 -13.74
N LEU A 263 10.79 19.91 -14.58
CA LEU A 263 11.17 18.49 -14.57
C LEU A 263 12.69 18.27 -14.59
N GLY A 264 13.17 17.42 -13.71
CA GLY A 264 14.58 17.05 -13.63
C GLY A 264 14.78 15.60 -13.93
N GLY A 265 14.16 14.72 -13.12
CA GLY A 265 14.34 13.27 -13.27
C GLY A 265 13.88 12.74 -14.62
N MET A 266 12.76 13.26 -15.11
CA MET A 266 12.26 12.88 -16.43
C MET A 266 13.18 13.28 -17.60
N PHE A 267 13.99 14.33 -17.41
CA PHE A 267 14.99 14.71 -18.43
C PHE A 267 16.35 14.11 -18.16
N SER A 268 16.56 13.60 -16.95
CA SER A 268 17.80 12.90 -16.61
C SER A 268 18.05 11.69 -17.52
N GLY A 269 19.31 11.36 -17.77
CA GLY A 269 19.66 10.11 -18.43
C GLY A 269 19.79 10.14 -19.96
N HIS A 270 19.60 11.30 -20.57
CA HIS A 270 19.68 11.40 -22.02
C HIS A 270 21.08 11.78 -22.46
N THR A 271 21.29 11.71 -23.77
CA THR A 271 22.52 12.07 -24.47
C THR A 271 22.90 13.54 -24.34
N GLU A 272 21.91 14.39 -24.22
CA GLU A 272 22.09 15.83 -24.11
C GLU A 272 22.54 16.24 -22.71
N CYS A 273 22.37 15.30 -21.78
CA CYS A 273 22.62 15.54 -20.36
C CYS A 273 24.12 15.56 -20.12
N ALA A 274 24.53 16.43 -19.19
CA ALA A 274 25.91 16.52 -18.79
C ALA A 274 26.30 15.14 -18.23
N GLY A 275 27.50 14.70 -18.57
CA GLY A 275 28.04 13.45 -18.04
C GLY A 275 28.20 12.43 -19.12
N GLU A 276 29.13 11.50 -18.90
CA GLU A 276 29.39 10.39 -19.81
C GLU A 276 28.58 9.16 -19.39
N VAL A 277 28.40 8.23 -20.32
CA VAL A 277 27.66 7.02 -20.05
C VAL A 277 28.49 6.07 -19.17
N ILE A 278 27.83 5.50 -18.18
CA ILE A 278 28.42 4.55 -17.24
C ILE A 278 28.09 3.10 -17.67
N GLU A 279 28.98 2.15 -17.42
CA GLU A 279 28.73 0.80 -17.91
C GLU A 279 29.02 -0.30 -16.89
N ARG A 280 27.96 -0.67 -16.16
CA ARG A 280 28.01 -1.70 -15.13
C ARG A 280 26.97 -2.83 -15.36
N ASN A 281 27.45 -4.05 -15.48
CA ASN A 281 26.59 -5.24 -15.52
C ASN A 281 25.60 -5.26 -16.67
N GLY A 282 26.08 -4.94 -17.89
CA GLY A 282 25.26 -5.02 -19.11
C GLY A 282 24.14 -3.99 -19.10
N ARG A 283 24.50 -2.78 -18.69
CA ARG A 283 23.58 -1.70 -18.34
C ARG A 283 24.25 -0.37 -18.64
N LYS A 284 23.66 0.46 -19.51
CA LYS A 284 24.15 1.82 -19.76
C LYS A 284 23.43 2.79 -18.79
N LEU A 285 24.21 3.63 -18.11
CA LEU A 285 23.64 4.61 -17.17
C LEU A 285 24.36 5.95 -17.20
N LYS A 286 23.62 6.96 -16.72
CA LYS A 286 24.13 8.30 -16.56
C LYS A 286 23.91 8.69 -15.10
N LEU A 287 24.83 9.46 -14.54
CA LEU A 287 24.71 9.91 -13.15
C LEU A 287 23.81 11.13 -13.03
N PHE A 288 22.93 11.12 -12.04
CA PHE A 288 21.99 12.22 -11.81
C PHE A 288 22.02 12.54 -10.33
N TYR A 289 22.29 13.80 -10.00
CA TYR A 289 22.47 14.18 -8.60
C TYR A 289 21.80 15.48 -8.17
N GLY A 290 21.45 15.51 -6.89
CA GLY A 290 20.82 16.68 -6.26
C GLY A 290 21.67 17.93 -6.37
N MET A 291 20.97 19.06 -6.47
CA MET A 291 21.60 20.37 -6.53
C MET A 291 22.41 20.66 -5.26
N SER A 292 21.98 20.13 -4.12
CA SER A 292 22.69 20.27 -2.85
C SER A 292 23.23 18.92 -2.38
N SER A 293 23.44 18.00 -3.32
CA SER A 293 23.96 16.67 -3.01
C SER A 293 25.41 16.76 -2.57
N ASP A 294 25.91 15.68 -2.00
CA ASP A 294 27.38 15.52 -1.75
C ASP A 294 28.20 15.64 -3.03
N THR A 295 27.68 15.07 -4.13
CA THR A 295 28.28 15.13 -5.45
C THR A 295 28.45 16.58 -5.92
N ALA A 296 27.39 17.35 -5.77
CA ALA A 296 27.45 18.75 -6.13
C ALA A 296 28.42 19.50 -5.21
N MET A 297 28.36 19.20 -3.92
CA MET A 297 29.25 19.85 -2.94
C MET A 297 30.71 19.63 -3.30
N ASN A 298 31.07 18.40 -3.68
CA ASN A 298 32.45 18.10 -4.08
C ASN A 298 32.84 18.72 -5.41
N LYS A 299 31.90 18.73 -6.33
CA LYS A 299 32.12 19.28 -7.68
C LYS A 299 32.20 20.83 -7.67
N HIS A 300 31.42 21.46 -6.78
CA HIS A 300 31.37 22.92 -6.68
C HIS A 300 31.68 23.40 -5.25
N GLY A 303 29.57 25.94 -2.83
CA GLY A 303 28.48 26.93 -2.85
C GLY A 303 27.10 26.37 -3.23
N VAL A 304 26.74 25.25 -2.60
CA VAL A 304 25.43 24.63 -2.78
C VAL A 304 24.82 24.19 -1.48
N ALA A 305 25.48 24.55 -0.38
CA ALA A 305 25.20 24.02 0.94
C ALA A 305 23.71 24.09 1.28
N GLU A 306 23.14 25.28 1.23
CA GLU A 306 21.74 25.44 1.53
C GLU A 306 21.04 26.12 0.33
N TYR A 307 21.34 25.59 -0.85
CA TYR A 307 20.73 26.05 -2.10
C TYR A 307 19.30 25.48 -2.16
N ARG A 308 19.15 24.22 -1.78
CA ARG A 308 17.87 23.53 -1.76
C ARG A 308 17.61 23.03 -0.35
N ALA A 309 16.37 22.66 -0.09
CA ALA A 309 15.93 22.30 1.26
C ALA A 309 16.59 21.06 1.88
N SER A 310 17.11 20.18 1.05
CA SER A 310 17.71 18.94 1.52
C SER A 310 18.97 18.68 0.71
N GLU A 311 19.90 17.93 1.31
CA GLU A 311 21.08 17.45 0.61
C GLU A 311 20.55 16.29 -0.21
N GLY A 312 20.60 16.43 -1.52
CA GLY A 312 19.89 15.54 -2.40
C GLY A 312 20.63 14.26 -2.69
N LYS A 313 19.92 13.32 -3.27
CA LYS A 313 20.45 12.01 -3.63
C LYS A 313 21.44 12.12 -4.81
N THR A 314 22.29 11.13 -4.94
CA THR A 314 23.02 10.88 -6.19
C THR A 314 22.56 9.51 -6.69
N VAL A 315 21.98 9.47 -7.90
CA VAL A 315 21.51 8.21 -8.48
C VAL A 315 22.16 7.91 -9.84
N GLU A 316 22.23 6.64 -10.18
CA GLU A 316 22.50 6.22 -11.56
C GLU A 316 21.13 5.97 -12.22
N VAL A 317 20.85 6.70 -13.29
CA VAL A 317 19.61 6.52 -14.01
C VAL A 317 19.94 5.79 -15.34
N PRO A 318 19.06 4.84 -15.74
CA PRO A 318 19.14 4.21 -17.05
C PRO A 318 19.31 5.19 -18.21
N TYR A 319 20.26 4.89 -19.10
CA TYR A 319 20.52 5.69 -20.28
C TYR A 319 19.30 5.66 -21.18
N LYS A 320 18.68 6.80 -21.41
CA LYS A 320 17.43 6.87 -22.18
C LYS A 320 17.64 7.15 -23.67
N GLY A 321 18.84 7.58 -24.06
CA GLY A 321 19.10 7.95 -25.45
C GLY A 321 18.84 9.42 -25.65
N ASP A 322 18.49 9.80 -26.89
CA ASP A 322 18.27 11.21 -27.22
C ASP A 322 16.97 11.74 -26.58
N VAL A 323 17.01 12.98 -26.10
CA VAL A 323 15.88 13.53 -25.36
C VAL A 323 14.69 13.84 -26.26
N GLU A 324 14.95 13.99 -27.55
CA GLU A 324 13.90 14.23 -28.53
C GLU A 324 12.71 13.34 -28.23
N ASN A 325 13.01 12.04 -28.17
CA ASN A 325 11.99 11.02 -27.99
C ASN A 325 11.18 11.22 -26.73
N THR A 326 11.86 11.54 -25.61
CA THR A 326 11.16 11.84 -24.34
C THR A 326 10.25 13.07 -24.44
N ILE A 327 10.75 14.14 -25.05
CA ILE A 327 9.98 15.33 -25.29
C ILE A 327 8.69 14.98 -26.02
N LEU A 328 8.83 14.23 -27.10
CA LEU A 328 7.67 13.87 -27.92
C LEU A 328 6.64 13.06 -27.14
N ASP A 329 7.13 12.20 -26.24
CA ASP A 329 6.24 11.42 -25.37
C ASP A 329 5.50 12.33 -24.40
N ILE A 330 6.21 13.31 -23.85
CA ILE A 330 5.61 14.24 -22.86
C ILE A 330 4.53 15.11 -23.49
N LEU A 331 4.90 15.78 -24.57
CA LEU A 331 4.00 16.64 -25.34
C LEU A 331 2.85 15.83 -25.93
N GLY A 332 3.15 14.69 -26.52
CA GLY A 332 2.08 13.86 -27.05
C GLY A 332 1.05 13.44 -26.02
N GLY A 333 1.52 13.00 -24.86
CA GLY A 333 0.65 12.58 -23.79
C GLY A 333 -0.17 13.72 -23.17
N LEU A 334 0.36 14.92 -23.22
CA LEU A 334 -0.34 16.10 -22.68
C LEU A 334 -1.37 16.62 -23.72
N ARG A 335 -1.11 16.37 -24.99
CA ARG A 335 -2.08 16.66 -26.03
C ARG A 335 -3.25 15.71 -25.92
N SER A 336 -2.94 14.44 -25.69
CA SER A 336 -3.96 13.42 -25.48
C SER A 336 -4.81 13.77 -24.29
N THR A 337 -4.19 14.08 -23.14
CA THR A 337 -4.93 14.51 -21.95
C THR A 337 -5.94 15.61 -22.27
N CYS A 338 -5.45 16.63 -22.97
CA CYS A 338 -6.24 17.80 -23.34
C CYS A 338 -7.39 17.43 -24.23
N THR A 339 -7.11 16.56 -25.21
CA THR A 339 -8.18 15.99 -26.03
C THR A 339 -9.26 15.33 -25.18
N TYR A 340 -8.84 14.46 -24.25
CA TYR A 340 -9.75 13.61 -23.50
C TYR A 340 -10.58 14.37 -22.49
N VAL A 341 -10.11 15.54 -22.05
CA VAL A 341 -10.88 16.40 -21.11
C VAL A 341 -11.59 17.52 -21.83
N GLY A 342 -11.33 17.66 -23.13
CA GLY A 342 -11.98 18.67 -23.96
C GLY A 342 -11.29 20.02 -24.01
N ALA A 343 -9.96 20.02 -23.84
CA ALA A 343 -9.20 21.28 -23.84
C ALA A 343 -8.41 21.42 -25.16
N ALA A 344 -8.82 22.38 -26.00
CA ALA A 344 -8.16 22.57 -27.30
C ALA A 344 -6.85 23.33 -27.16
N LYS A 345 -6.70 23.97 -26.00
CA LYS A 345 -5.52 24.73 -25.61
C LYS A 345 -5.11 24.29 -24.21
N LEU A 346 -3.81 24.15 -23.98
CA LEU A 346 -3.28 23.87 -22.61
C LEU A 346 -3.81 24.83 -21.54
N LYS A 347 -4.11 26.04 -21.97
CA LYS A 347 -4.79 27.04 -21.16
C LYS A 347 -6.09 26.49 -20.52
N GLU A 348 -6.86 25.73 -21.29
CA GLU A 348 -8.17 25.24 -20.87
C GLU A 348 -8.09 24.03 -19.93
N LEU A 349 -6.92 23.45 -19.75
CA LEU A 349 -6.81 22.18 -19.04
C LEU A 349 -7.37 22.25 -17.62
N SER A 350 -6.88 23.19 -16.83
CA SER A 350 -7.25 23.32 -15.43
C SER A 350 -8.72 23.61 -15.26
N ARG A 351 -9.25 24.45 -16.14
CA ARG A 351 -10.68 24.76 -16.20
C ARG A 351 -11.49 23.47 -16.43
N ARG A 352 -10.95 22.54 -17.23
CA ARG A 352 -11.64 21.30 -17.62
C ARG A 352 -11.15 20.04 -16.89
N ALA A 353 -10.20 20.24 -15.97
CA ALA A 353 -9.73 19.18 -15.11
C ALA A 353 -10.69 18.95 -13.95
N THR A 354 -11.26 17.73 -13.91
CA THR A 354 -11.93 17.20 -12.73
C THR A 354 -11.17 15.93 -12.35
N PHE A 355 -10.71 15.88 -11.09
CA PHE A 355 -9.97 14.71 -10.58
C PHE A 355 -10.92 13.76 -9.87
N ILE A 356 -10.58 12.47 -9.95
CA ILE A 356 -11.21 11.47 -9.12
C ILE A 356 -10.15 10.86 -8.21
N ARG A 357 -10.54 10.54 -6.98
CA ARG A 357 -9.67 9.91 -6.01
C ARG A 357 -9.66 8.44 -6.34
N VAL A 358 -8.49 7.83 -6.42
CA VAL A 358 -8.39 6.38 -6.68
C VAL A 358 -7.54 5.70 -5.61
N THR A 359 -7.45 4.37 -5.70
CA THR A 359 -6.70 3.52 -4.77
C THR A 359 -5.39 2.99 -5.34
N GLN A 360 -5.27 2.79 -6.66
CA GLN A 360 -3.97 2.33 -7.27
C GLN A 360 -3.91 2.35 -8.81
N PRO B 24 -10.07 23.42 -10.82
CA PRO B 24 -9.53 22.08 -10.59
C PRO B 24 -10.10 21.40 -9.35
N ARG B 25 -11.26 20.74 -9.52
CA ARG B 25 -11.98 20.08 -8.43
C ARG B 25 -11.56 18.61 -8.26
N ILE B 26 -11.52 18.17 -6.99
CA ILE B 26 -11.31 16.77 -6.65
C ILE B 26 -12.65 16.17 -6.25
N ASP B 27 -13.01 15.07 -6.90
CA ASP B 27 -14.23 14.29 -6.61
C ASP B 27 -14.06 13.65 -5.23
N ALA B 28 -14.98 13.99 -4.31
CA ALA B 28 -14.97 13.54 -2.90
C ALA B 28 -15.13 12.01 -2.77
N ASP B 29 -15.99 11.45 -3.62
CA ASP B 29 -16.18 10.00 -3.76
C ASP B 29 -14.89 9.31 -4.23
N LEU B 30 -14.39 8.37 -3.42
CA LEU B 30 -13.30 7.49 -3.81
C LEU B 30 -13.84 6.48 -4.81
N LYS B 31 -13.13 6.27 -5.90
CA LYS B 31 -13.56 5.33 -6.92
C LYS B 31 -12.76 4.05 -6.77
N LEU B 32 -13.47 2.94 -6.75
CA LEU B 32 -12.89 1.64 -6.45
C LEU B 32 -12.62 0.82 -7.70
N ASP B 33 -11.59 -0.03 -7.64
CA ASP B 33 -11.40 -1.08 -8.64
C ASP B 33 -11.75 -2.45 -8.05
N PHE B 34 -11.45 -3.51 -8.78
CA PHE B 34 -11.92 -4.83 -8.39
C PHE B 34 -11.23 -5.33 -7.14
N LYS B 35 -9.98 -4.93 -6.97
CA LYS B 35 -9.15 -5.38 -5.86
C LYS B 35 -9.62 -4.82 -4.56
N ASP B 36 -10.38 -3.73 -4.66
CA ASP B 36 -10.87 -3.01 -3.48
C ASP B 36 -12.10 -3.63 -2.87
N VAL B 37 -12.74 -4.57 -3.56
CA VAL B 37 -13.97 -5.18 -3.06
C VAL B 37 -13.96 -6.68 -3.12
N LEU B 38 -14.88 -7.28 -2.37
CA LEU B 38 -15.24 -8.70 -2.49
C LEU B 38 -16.75 -8.79 -2.58
N LEU B 39 -17.23 -9.87 -3.20
CA LEU B 39 -18.64 -10.23 -3.17
C LEU B 39 -18.96 -11.04 -1.92
N ARG B 40 -20.04 -10.66 -1.27
CA ARG B 40 -20.53 -11.31 -0.07
C ARG B 40 -21.33 -12.56 -0.48
N PRO B 41 -21.09 -13.68 0.20
CA PRO B 41 -21.91 -14.85 -0.05
C PRO B 41 -23.28 -14.68 0.59
N LYS B 42 -24.30 -15.31 0.00
CA LYS B 42 -25.64 -15.19 0.50
C LYS B 42 -26.36 -16.56 0.49
N ARG B 43 -27.41 -16.64 1.32
CA ARG B 43 -28.21 -17.85 1.44
C ARG B 43 -28.93 -18.18 0.14
N SER B 44 -28.92 -19.45 -0.22
CA SER B 44 -29.62 -19.92 -1.41
C SER B 44 -29.92 -21.39 -1.30
N SER B 45 -30.61 -21.92 -2.33
CA SER B 45 -30.87 -23.34 -2.39
C SER B 45 -29.95 -24.03 -3.43
N LEU B 46 -28.94 -23.31 -3.88
CA LEU B 46 -27.98 -23.83 -4.88
C LEU B 46 -26.81 -24.54 -4.20
N LYS B 47 -26.72 -25.85 -4.39
CA LYS B 47 -25.61 -26.58 -3.82
C LYS B 47 -24.39 -26.44 -4.72
N SER B 48 -24.55 -26.88 -5.97
CA SER B 48 -23.44 -27.09 -6.89
C SER B 48 -23.44 -26.08 -8.04
N ARG B 49 -22.22 -25.79 -8.53
CA ARG B 49 -21.97 -24.79 -9.56
C ARG B 49 -22.48 -25.23 -10.92
N ALA B 50 -22.56 -26.53 -11.15
CA ALA B 50 -23.06 -27.04 -12.43
C ALA B 50 -24.52 -26.66 -12.68
N GLU B 51 -25.28 -26.50 -11.60
CA GLU B 51 -26.67 -26.02 -11.66
C GLU B 51 -26.82 -24.64 -12.36
N VAL B 52 -25.75 -23.84 -12.37
CA VAL B 52 -25.83 -22.45 -12.83
C VAL B 52 -25.80 -22.26 -14.36
N ASP B 53 -26.76 -21.50 -14.87
CA ASP B 53 -26.88 -21.15 -16.28
C ASP B 53 -26.19 -19.82 -16.56
N LEU B 54 -25.11 -19.85 -17.34
CA LEU B 54 -24.35 -18.64 -17.67
C LEU B 54 -24.87 -17.93 -18.92
N GLU B 55 -25.60 -18.65 -19.76
CA GLU B 55 -26.30 -18.07 -20.90
C GLU B 55 -27.20 -16.87 -20.49
N ARG B 56 -27.13 -15.81 -21.28
CA ARG B 56 -27.94 -14.60 -21.15
CA ARG B 56 -27.97 -14.63 -21.13
C ARG B 56 -28.63 -14.33 -22.47
N THR B 57 -29.85 -13.79 -22.41
CA THR B 57 -30.57 -13.40 -23.60
C THR B 57 -30.82 -11.91 -23.54
N PHE B 58 -30.29 -11.20 -24.53
CA PHE B 58 -30.41 -9.74 -24.62
C PHE B 58 -31.18 -9.33 -25.88
N THR B 59 -32.08 -8.37 -25.72
CA THR B 59 -32.71 -7.70 -26.85
C THR B 59 -32.23 -6.26 -26.89
N PHE B 60 -31.45 -5.92 -27.91
CA PHE B 60 -30.80 -4.61 -27.98
C PHE B 60 -31.75 -3.45 -28.34
N ARG B 61 -31.39 -2.27 -27.84
CA ARG B 61 -32.29 -1.12 -27.84
C ARG B 61 -32.51 -0.53 -29.22
N ASN B 62 -31.42 -0.38 -29.96
CA ASN B 62 -31.43 0.35 -31.21
C ASN B 62 -31.50 -0.60 -32.40
N SER B 63 -30.71 -1.68 -32.37
CA SER B 63 -30.71 -2.68 -33.45
C SER B 63 -31.99 -3.52 -33.40
N LYS B 64 -32.57 -3.64 -32.20
CA LYS B 64 -33.74 -4.47 -31.96
C LYS B 64 -33.48 -5.95 -32.15
N GLN B 65 -32.21 -6.35 -32.27
CA GLN B 65 -31.82 -7.75 -32.43
C GLN B 65 -31.87 -8.44 -31.07
N THR B 66 -31.87 -9.77 -31.08
CA THR B 66 -31.77 -10.53 -29.86
C THR B 66 -30.46 -11.34 -29.92
N TYR B 67 -29.79 -11.43 -28.77
CA TYR B 67 -28.56 -12.21 -28.60
C TYR B 67 -28.82 -13.26 -27.54
N SER B 68 -28.27 -14.46 -27.72
CA SER B 68 -28.19 -15.45 -26.65
C SER B 68 -26.80 -16.09 -26.60
N GLY B 69 -26.22 -16.11 -25.41
CA GLY B 69 -24.93 -16.77 -25.23
C GLY B 69 -24.36 -16.43 -23.87
N ILE B 70 -23.15 -16.92 -23.63
CA ILE B 70 -22.39 -16.56 -22.46
C ILE B 70 -21.69 -15.25 -22.83
N PRO B 71 -22.09 -14.15 -22.17
CA PRO B 71 -21.72 -12.79 -22.54
C PRO B 71 -20.31 -12.39 -22.12
N ILE B 72 -19.36 -13.23 -22.46
CA ILE B 72 -17.97 -12.96 -22.24
C ILE B 72 -17.36 -12.85 -23.62
N ILE B 73 -16.65 -11.75 -23.86
CA ILE B 73 -16.16 -11.39 -25.20
C ILE B 73 -14.64 -11.38 -25.23
N VAL B 74 -14.04 -12.00 -26.23
CA VAL B 74 -12.60 -11.82 -26.42
C VAL B 74 -12.41 -10.44 -27.05
N ALA B 75 -11.52 -9.63 -26.50
CA ALA B 75 -11.28 -8.28 -27.02
C ALA B 75 -10.70 -8.34 -28.45
N ASN B 76 -11.02 -7.30 -29.22
CA ASN B 76 -10.59 -7.13 -30.60
C ASN B 76 -9.16 -6.72 -30.74
N MET B 77 -8.26 -7.42 -30.05
CA MET B 77 -6.85 -7.21 -30.15
C MET B 77 -6.22 -8.20 -31.17
N ASP B 78 -5.02 -7.87 -31.64
CA ASP B 78 -4.36 -8.61 -32.72
C ASP B 78 -4.11 -10.07 -32.42
N THR B 79 -3.77 -10.35 -31.17
CA THR B 79 -3.33 -11.69 -30.80
C THR B 79 -4.49 -12.57 -30.30
N VAL B 80 -5.49 -11.95 -29.68
CA VAL B 80 -6.57 -12.70 -29.05
C VAL B 80 -7.87 -12.69 -29.87
N GLY B 81 -8.13 -11.61 -30.62
CA GLY B 81 -9.37 -11.51 -31.37
C GLY B 81 -9.25 -12.13 -32.73
N THR B 82 -8.92 -13.41 -32.78
CA THR B 82 -8.60 -14.12 -34.02
C THR B 82 -9.71 -15.11 -34.37
N PHE B 83 -9.71 -15.59 -35.62
CA PHE B 83 -10.70 -16.58 -36.04
C PHE B 83 -10.51 -17.92 -35.32
N GLU B 84 -9.26 -18.27 -35.05
CA GLU B 84 -8.96 -19.55 -34.40
C GLU B 84 -9.50 -19.53 -32.98
N MET B 85 -9.36 -18.37 -32.33
CA MET B 85 -9.91 -18.18 -31.02
C MET B 85 -11.43 -18.24 -31.04
N ALA B 86 -12.04 -17.59 -32.04
CA ALA B 86 -13.51 -17.56 -32.17
C ALA B 86 -14.12 -18.95 -32.34
N ALA B 87 -13.40 -19.83 -33.03
CA ALA B 87 -13.88 -21.16 -33.29
C ALA B 87 -13.99 -21.98 -32.02
N VAL B 88 -13.10 -21.72 -31.06
CA VAL B 88 -13.18 -22.33 -29.73
C VAL B 88 -14.22 -21.63 -28.85
N MET B 89 -14.23 -20.31 -28.87
CA MET B 89 -15.14 -19.56 -28.02
C MET B 89 -16.59 -19.86 -28.34
N SER B 90 -16.89 -20.03 -29.62
CA SER B 90 -18.23 -20.32 -30.11
C SER B 90 -18.78 -21.67 -29.61
N GLN B 91 -17.88 -22.66 -29.51
CA GLN B 91 -18.22 -23.93 -28.91
C GLN B 91 -18.77 -23.81 -27.48
N HIS B 92 -18.29 -22.79 -26.76
CA HIS B 92 -18.74 -22.52 -25.39
C HIS B 92 -19.81 -21.44 -25.32
N SER B 93 -20.40 -21.14 -26.47
CA SER B 93 -21.42 -20.09 -26.61
C SER B 93 -20.89 -18.74 -26.21
N MET B 94 -19.59 -18.53 -26.38
CA MET B 94 -18.94 -17.26 -26.04
C MET B 94 -18.64 -16.46 -27.29
N PHE B 95 -18.35 -15.17 -27.07
CA PHE B 95 -18.26 -14.17 -28.12
C PHE B 95 -16.80 -13.81 -28.43
N THR B 96 -16.55 -13.44 -29.68
CA THR B 96 -15.25 -12.98 -30.09
C THR B 96 -15.39 -11.69 -30.90
N ALA B 97 -14.74 -10.63 -30.46
CA ALA B 97 -14.62 -9.40 -31.25
C ALA B 97 -13.35 -9.53 -32.04
N ILE B 98 -13.52 -9.68 -33.36
CA ILE B 98 -12.42 -9.96 -34.28
C ILE B 98 -11.64 -8.69 -34.60
N HIS B 99 -10.32 -8.76 -34.52
CA HIS B 99 -9.49 -7.57 -34.77
C HIS B 99 -9.69 -7.04 -36.19
N LYS B 100 -9.46 -5.74 -36.38
CA LYS B 100 -9.87 -5.10 -37.65
C LYS B 100 -8.89 -5.26 -38.81
N HIS B 101 -7.87 -6.10 -38.64
CA HIS B 101 -6.79 -6.21 -39.63
C HIS B 101 -6.86 -7.43 -40.49
N TYR B 102 -7.91 -8.22 -40.31
CA TYR B 102 -8.21 -9.30 -41.23
C TYR B 102 -8.73 -8.73 -42.54
N SER B 103 -8.34 -9.36 -43.64
CA SER B 103 -8.81 -8.97 -44.97
C SER B 103 -10.21 -9.48 -45.22
N LEU B 104 -10.86 -8.88 -46.21
CA LEU B 104 -12.17 -9.34 -46.69
C LEU B 104 -12.12 -10.83 -47.07
N ASP B 105 -11.06 -11.24 -47.75
CA ASP B 105 -10.86 -12.64 -48.09
C ASP B 105 -10.76 -13.54 -46.86
N ASP B 106 -10.09 -13.08 -45.82
CA ASP B 106 -9.94 -13.84 -44.58
C ASP B 106 -11.29 -14.10 -43.96
N TRP B 107 -12.16 -13.09 -44.00
CA TRP B 107 -13.54 -13.23 -43.48
C TRP B 107 -14.36 -14.18 -44.35
N LYS B 108 -14.26 -14.02 -45.65
CA LYS B 108 -14.96 -14.92 -46.57
C LYS B 108 -14.61 -16.37 -46.24
N LEU B 109 -13.31 -16.63 -46.05
CA LEU B 109 -12.84 -17.98 -45.76
C LEU B 109 -13.35 -18.47 -44.41
N PHE B 110 -13.40 -17.57 -43.43
CA PHE B 110 -13.91 -17.94 -42.13
C PHE B 110 -15.43 -18.22 -42.15
N ALA B 111 -16.17 -17.47 -42.95
CA ALA B 111 -17.59 -17.75 -43.16
C ALA B 111 -17.79 -19.08 -43.87
N THR B 112 -16.93 -19.36 -44.85
CA THR B 112 -16.98 -20.64 -45.59
C THR B 112 -16.76 -21.82 -44.64
N ASN B 113 -15.74 -21.69 -43.80
CA ASN B 113 -15.28 -22.81 -43.00
C ASN B 113 -15.90 -22.90 -41.60
N HIS B 114 -16.35 -21.77 -41.05
CA HIS B 114 -16.90 -21.73 -39.70
C HIS B 114 -18.23 -20.93 -39.62
N PRO B 115 -19.25 -21.35 -40.39
CA PRO B 115 -20.52 -20.63 -40.43
C PRO B 115 -21.23 -20.64 -39.08
N GLU B 116 -21.03 -21.70 -38.31
CA GLU B 116 -21.61 -21.81 -36.97
C GLU B 116 -21.11 -20.74 -35.96
N CYS B 117 -19.98 -20.09 -36.27
CA CYS B 117 -19.41 -19.02 -35.43
C CYS B 117 -19.90 -17.62 -35.69
N LEU B 118 -20.46 -17.39 -36.86
CA LEU B 118 -20.69 -16.04 -37.35
C LEU B 118 -21.64 -15.25 -36.45
N GLN B 119 -22.50 -15.97 -35.74
CA GLN B 119 -23.44 -15.38 -34.76
C GLN B 119 -22.72 -14.94 -33.48
N ASN B 120 -21.50 -15.46 -33.26
CA ASN B 120 -20.72 -15.17 -32.06
C ASN B 120 -19.45 -14.30 -32.28
N VAL B 121 -19.42 -13.57 -33.39
CA VAL B 121 -18.32 -12.69 -33.71
C VAL B 121 -18.81 -11.32 -34.07
N ALA B 122 -17.95 -10.34 -33.84
CA ALA B 122 -18.21 -8.97 -34.27
C ALA B 122 -17.06 -8.55 -35.13
N VAL B 123 -17.41 -7.78 -36.15
CA VAL B 123 -16.43 -7.14 -37.02
C VAL B 123 -16.07 -5.80 -36.39
N SER B 124 -14.78 -5.46 -36.49
CA SER B 124 -14.25 -4.30 -35.80
C SER B 124 -13.81 -3.22 -36.78
N SER B 125 -14.05 -1.96 -36.39
CA SER B 125 -13.69 -0.79 -37.19
C SER B 125 -13.32 0.39 -36.29
N GLY B 126 -12.31 1.15 -36.74
CA GLY B 126 -12.08 2.52 -36.28
C GLY B 126 -13.04 3.51 -36.92
N SER B 127 -12.86 4.80 -36.62
CA SER B 127 -13.79 5.81 -37.15
C SER B 127 -13.27 6.42 -38.46
N GLY B 128 -12.21 5.83 -39.01
CA GLY B 128 -11.70 6.23 -40.32
C GLY B 128 -12.54 5.78 -41.51
N GLN B 129 -12.41 6.50 -42.62
CA GLN B 129 -13.17 6.24 -43.83
C GLN B 129 -12.86 4.87 -44.37
N ASN B 130 -11.58 4.51 -44.39
CA ASN B 130 -11.12 3.21 -44.93
C ASN B 130 -11.58 2.03 -44.11
N ASP B 131 -11.58 2.21 -42.78
CA ASP B 131 -12.11 1.21 -41.85
C ASP B 131 -13.58 0.97 -42.11
N LEU B 132 -14.33 2.05 -42.32
CA LEU B 132 -15.78 1.96 -42.54
C LEU B 132 -16.10 1.22 -43.82
N GLU B 133 -15.35 1.53 -44.88
CA GLU B 133 -15.48 0.86 -46.18
C GLU B 133 -15.18 -0.62 -46.07
N LYS B 134 -14.07 -0.95 -45.40
CA LYS B 134 -13.65 -2.35 -45.27
C LYS B 134 -14.66 -3.18 -44.50
N MET B 135 -15.15 -2.61 -43.41
CA MET B 135 -16.18 -3.24 -42.61
C MET B 135 -17.46 -3.45 -43.41
N THR B 136 -17.88 -2.40 -44.11
CA THR B 136 -19.03 -2.44 -45.01
C THR B 136 -18.92 -3.60 -45.96
N SER B 137 -17.76 -3.76 -46.58
CA SER B 137 -17.54 -4.85 -47.56
C SER B 137 -17.61 -6.24 -46.92
N ILE B 138 -17.09 -6.35 -45.71
CA ILE B 138 -17.19 -7.58 -44.93
C ILE B 138 -18.65 -7.94 -44.56
N LEU B 139 -19.40 -6.96 -44.06
CA LEU B 139 -20.77 -7.18 -43.65
C LEU B 139 -21.70 -7.49 -44.82
N GLU B 140 -21.48 -6.86 -45.96
CA GLU B 140 -22.24 -7.16 -47.16
C GLU B 140 -21.88 -8.54 -47.69
N ALA B 141 -20.61 -8.92 -47.58
CA ALA B 141 -20.15 -10.25 -48.03
C ALA B 141 -20.51 -11.37 -47.07
N VAL B 142 -20.70 -11.03 -45.80
CA VAL B 142 -20.99 -12.01 -44.73
C VAL B 142 -22.19 -11.51 -43.91
N PRO B 143 -23.41 -11.69 -44.47
CA PRO B 143 -24.63 -11.16 -43.84
C PRO B 143 -24.95 -11.80 -42.50
N GLN B 144 -24.27 -12.90 -42.18
CA GLN B 144 -24.46 -13.62 -40.93
C GLN B 144 -23.81 -12.93 -39.74
N VAL B 145 -22.85 -12.04 -40.00
CA VAL B 145 -22.24 -11.24 -38.92
C VAL B 145 -23.14 -10.06 -38.61
N LYS B 146 -23.67 -10.06 -37.39
CA LYS B 146 -24.71 -9.12 -36.97
C LYS B 146 -24.27 -8.17 -35.84
N PHE B 147 -22.97 -8.12 -35.58
CA PHE B 147 -22.41 -7.27 -34.55
C PHE B 147 -21.25 -6.47 -35.11
N ILE B 148 -21.27 -5.18 -34.79
CA ILE B 148 -20.19 -4.28 -35.18
C ILE B 148 -19.52 -3.75 -33.92
N CYS B 149 -18.19 -3.71 -33.94
CA CYS B 149 -17.43 -3.13 -32.84
C CYS B 149 -16.66 -1.85 -33.24
N LEU B 150 -17.05 -0.73 -32.64
CA LEU B 150 -16.46 0.58 -32.96
C LEU B 150 -15.58 1.05 -31.84
N ASP B 151 -14.39 1.54 -32.19
CA ASP B 151 -13.44 1.98 -31.19
C ASP B 151 -12.66 3.18 -31.68
N VAL B 152 -12.50 4.14 -30.78
CA VAL B 152 -11.76 5.34 -31.03
C VAL B 152 -10.85 5.65 -29.86
N ALA B 153 -9.93 6.57 -30.08
CA ALA B 153 -9.06 7.06 -29.00
C ALA B 153 -9.90 7.83 -27.99
N ASN B 154 -10.79 8.70 -28.50
CA ASN B 154 -11.65 9.55 -27.67
C ASN B 154 -13.17 9.30 -27.82
N GLY B 155 -13.68 8.33 -27.05
CA GLY B 155 -15.07 7.97 -27.07
C GLY B 155 -15.98 9.07 -26.55
N TYR B 156 -15.42 10.14 -25.99
CA TYR B 156 -16.20 11.35 -25.54
C TYR B 156 -16.33 12.44 -26.62
N SER B 157 -15.83 12.14 -27.83
CA SER B 157 -15.79 13.11 -28.93
CA SER B 157 -15.80 13.14 -28.92
C SER B 157 -17.14 13.23 -29.65
N GLU B 158 -17.49 14.45 -30.08
CA GLU B 158 -18.71 14.63 -30.90
C GLU B 158 -18.51 13.93 -32.24
N HIS B 159 -17.25 13.83 -32.66
CA HIS B 159 -16.93 13.13 -33.89
C HIS B 159 -17.31 11.66 -33.79
N PHE B 160 -17.21 11.09 -32.59
CA PHE B 160 -17.52 9.67 -32.41
C PHE B 160 -19.01 9.48 -32.35
N VAL B 161 -19.68 10.40 -31.63
CA VAL B 161 -21.14 10.46 -31.61
C VAL B 161 -21.74 10.40 -33.03
N GLU B 162 -21.21 11.24 -33.92
CA GLU B 162 -21.68 11.32 -35.30
C GLU B 162 -21.28 10.10 -36.14
N PHE B 163 -20.17 9.46 -35.80
CA PHE B 163 -19.78 8.26 -36.50
C PHE B 163 -20.74 7.12 -36.13
N VAL B 164 -21.09 7.05 -34.86
CA VAL B 164 -22.10 6.11 -34.40
C VAL B 164 -23.43 6.32 -35.15
N LYS B 165 -23.90 7.55 -35.20
CA LYS B 165 -25.12 7.88 -35.95
C LYS B 165 -25.09 7.36 -37.39
N LEU B 166 -23.92 7.49 -38.01
CA LEU B 166 -23.71 7.08 -39.39
C LEU B 166 -23.75 5.56 -39.58
N VAL B 167 -23.05 4.86 -38.70
CA VAL B 167 -23.02 3.41 -38.72
C VAL B 167 -24.42 2.84 -38.44
N ARG B 168 -25.11 3.42 -37.46
CA ARG B 168 -26.49 3.06 -37.17
C ARG B 168 -27.36 3.18 -38.44
N ALA B 169 -27.25 4.30 -39.13
CA ALA B 169 -28.06 4.58 -40.29
C ALA B 169 -27.68 3.64 -41.44
N LYS B 170 -26.39 3.38 -41.62
CA LYS B 170 -25.90 2.46 -42.64
C LYS B 170 -26.31 1.02 -42.38
N PHE B 171 -26.32 0.63 -41.11
CA PHE B 171 -26.61 -0.75 -40.70
C PHE B 171 -27.68 -0.79 -39.60
N PRO B 172 -28.95 -0.54 -39.96
CA PRO B 172 -30.03 -0.40 -38.97
C PRO B 172 -30.33 -1.63 -38.12
N GLU B 173 -29.96 -2.81 -38.62
CA GLU B 173 -30.29 -4.10 -38.00
C GLU B 173 -29.07 -4.79 -37.42
N HIS B 174 -27.91 -4.16 -37.55
CA HIS B 174 -26.72 -4.67 -36.89
C HIS B 174 -26.63 -4.12 -35.47
N THR B 175 -26.16 -4.96 -34.54
CA THR B 175 -25.96 -4.55 -33.15
C THR B 175 -24.60 -3.88 -33.02
N ILE B 176 -24.60 -2.69 -32.41
CA ILE B 176 -23.38 -1.85 -32.37
C ILE B 176 -22.80 -1.70 -30.98
N MET B 177 -21.57 -2.22 -30.84
CA MET B 177 -20.70 -1.97 -29.70
C MET B 177 -19.86 -0.74 -30.01
N ALA B 178 -19.74 0.15 -29.03
CA ALA B 178 -19.02 1.40 -29.23
C ALA B 178 -18.24 1.76 -27.97
N GLY B 179 -16.99 2.13 -28.11
CA GLY B 179 -16.26 2.59 -26.94
C GLY B 179 -15.02 3.38 -27.23
N ASN B 180 -14.27 3.76 -26.19
CA ASN B 180 -14.62 3.44 -24.79
C ASN B 180 -15.00 4.65 -23.96
N VAL B 181 -15.83 4.45 -22.95
CA VAL B 181 -16.11 5.52 -21.96
C VAL B 181 -15.99 4.96 -20.55
N VAL B 182 -16.19 5.82 -19.57
CA VAL B 182 -16.13 5.42 -18.17
C VAL B 182 -17.19 6.17 -17.33
N THR B 183 -18.04 6.97 -17.99
CA THR B 183 -19.02 7.78 -17.28
C THR B 183 -20.42 7.77 -17.97
N GLY B 184 -21.45 7.87 -17.15
CA GLY B 184 -22.83 7.62 -17.58
C GLY B 184 -23.46 8.63 -18.54
N GLU B 185 -23.00 9.87 -18.51
CA GLU B 185 -23.51 10.87 -19.44
C GLU B 185 -23.09 10.57 -20.87
N MET B 186 -21.89 10.01 -21.07
CA MET B 186 -21.45 9.58 -22.40
C MET B 186 -22.07 8.26 -22.82
N VAL B 187 -22.36 7.39 -21.85
CA VAL B 187 -23.09 6.16 -22.10
C VAL B 187 -24.42 6.50 -22.71
N GLU B 188 -25.17 7.39 -22.05
CA GLU B 188 -26.46 7.83 -22.55
C GLU B 188 -26.37 8.44 -23.94
N GLU B 189 -25.40 9.31 -24.15
CA GLU B 189 -25.29 10.00 -25.42
C GLU B 189 -25.00 9.02 -26.55
N LEU B 190 -24.13 8.05 -26.29
CA LEU B 190 -23.78 7.07 -27.29
C LEU B 190 -24.90 6.10 -27.59
N ILE B 191 -25.71 5.78 -26.59
CA ILE B 191 -26.87 4.93 -26.80
C ILE B 191 -27.94 5.68 -27.58
N LEU B 192 -28.24 6.91 -27.17
CA LEU B 192 -29.19 7.75 -27.86
C LEU B 192 -28.75 8.03 -29.29
N SER B 193 -27.44 7.99 -29.53
CA SER B 193 -26.88 8.19 -30.87
C SER B 193 -26.94 6.94 -31.76
N GLY B 194 -27.25 5.77 -31.19
CA GLY B 194 -27.45 4.53 -31.94
C GLY B 194 -26.60 3.31 -31.57
N ALA B 195 -25.70 3.45 -30.59
CA ALA B 195 -24.96 2.30 -30.12
C ALA B 195 -25.86 1.49 -29.22
N ASP B 196 -25.74 0.17 -29.29
CA ASP B 196 -26.57 -0.74 -28.47
C ASP B 196 -25.86 -1.12 -27.18
N ILE B 197 -24.55 -1.29 -27.30
CA ILE B 197 -23.71 -1.77 -26.23
C ILE B 197 -22.49 -0.86 -26.15
N ILE B 198 -22.25 -0.32 -24.97
CA ILE B 198 -21.18 0.62 -24.73
C ILE B 198 -20.02 -0.07 -24.05
N LYS B 199 -18.84 0.07 -24.64
CA LYS B 199 -17.64 -0.51 -24.05
C LYS B 199 -17.15 0.46 -22.98
N VAL B 200 -17.06 -0.04 -21.75
CA VAL B 200 -16.67 0.74 -20.59
C VAL B 200 -15.30 0.31 -20.05
N GLY B 201 -14.39 1.28 -20.02
CA GLY B 201 -13.11 1.13 -19.39
C GLY B 201 -12.07 1.99 -20.08
N VAL B 202 -11.40 2.82 -19.29
CA VAL B 202 -10.27 3.62 -19.75
C VAL B 202 -9.19 3.65 -18.65
N GLY B 203 -8.08 2.94 -18.87
CA GLY B 203 -6.99 2.85 -17.89
C GLY B 203 -6.61 1.43 -17.43
N PRO B 204 -7.58 0.71 -16.83
CA PRO B 204 -7.34 -0.63 -16.28
C PRO B 204 -6.78 -1.72 -17.22
N GLY B 205 -6.95 -1.58 -18.52
CA GLY B 205 -6.47 -2.62 -19.47
C GLY B 205 -5.03 -3.10 -19.25
N SER B 206 -4.80 -4.40 -19.31
CA SER B 206 -3.47 -4.94 -19.02
C SER B 206 -2.30 -4.22 -19.77
N VAL B 207 -2.51 -3.91 -21.05
CA VAL B 207 -1.52 -3.16 -21.83
C VAL B 207 -1.94 -1.71 -22.22
N CYS B 208 -3.06 -1.24 -21.69
CA CYS B 208 -3.40 0.16 -21.73
C CYS B 208 -2.40 0.96 -20.90
N THR B 209 -2.07 2.18 -21.34
CA THR B 209 -1.14 3.08 -20.64
C THR B 209 -1.66 4.53 -20.47
N THR B 210 -2.98 4.74 -20.46
CA THR B 210 -3.53 6.11 -20.43
C THR B 210 -3.12 6.83 -19.14
N ARG B 211 -3.08 6.08 -18.05
CA ARG B 211 -2.79 6.65 -16.74
C ARG B 211 -1.37 7.21 -16.68
N THR B 212 -0.46 6.43 -17.22
CA THR B 212 0.94 6.76 -17.25
C THR B 212 1.25 7.86 -18.28
N LYS B 213 0.54 7.82 -19.41
CA LYS B 213 0.85 8.69 -20.53
C LYS B 213 -0.01 9.95 -20.60
N THR B 214 -1.19 9.89 -20.00
CA THR B 214 -2.14 11.02 -20.04
C THR B 214 -2.70 11.38 -18.67
N GLY B 215 -2.59 10.48 -17.70
CA GLY B 215 -3.19 10.70 -16.37
C GLY B 215 -4.69 10.71 -16.36
N VAL B 216 -5.29 10.27 -17.46
CA VAL B 216 -6.74 10.16 -17.60
C VAL B 216 -7.07 8.70 -17.45
N GLY B 217 -8.15 8.42 -16.77
CA GLY B 217 -8.57 7.06 -16.54
C GLY B 217 -9.69 6.98 -15.54
N TYR B 218 -10.13 5.77 -15.19
CA TYR B 218 -11.18 5.54 -14.22
C TYR B 218 -11.08 4.13 -13.72
N PRO B 219 -11.13 3.91 -12.40
CA PRO B 219 -11.20 2.56 -11.83
C PRO B 219 -12.31 1.71 -12.45
N GLN B 220 -12.03 0.46 -12.74
CA GLN B 220 -12.97 -0.35 -13.54
C GLN B 220 -14.28 -0.69 -12.85
N LEU B 221 -14.24 -1.00 -11.56
CA LEU B 221 -15.49 -1.32 -10.86
C LEU B 221 -16.44 -0.10 -10.82
N SER B 222 -15.91 1.05 -10.47
CA SER B 222 -16.74 2.24 -10.34
C SER B 222 -17.24 2.68 -11.71
N ALA B 223 -16.43 2.41 -12.73
CA ALA B 223 -16.85 2.71 -14.10
C ALA B 223 -18.13 1.91 -14.36
N VAL B 224 -17.98 0.59 -14.23
CA VAL B 224 -19.08 -0.35 -14.51
C VAL B 224 -20.34 -0.06 -13.67
N ILE B 225 -20.17 0.27 -12.40
CA ILE B 225 -21.31 0.58 -11.55
C ILE B 225 -22.15 1.75 -12.11
N GLU B 226 -21.46 2.85 -12.41
CA GLU B 226 -22.12 4.11 -12.78
C GLU B 226 -22.65 4.03 -14.22
N CYS B 227 -21.87 3.41 -15.08
CA CYS B 227 -22.23 3.24 -16.48
C CYS B 227 -23.33 2.26 -16.70
N ALA B 228 -23.33 1.16 -15.95
CA ALA B 228 -24.39 0.14 -16.03
C ALA B 228 -25.71 0.75 -15.74
N ASP B 229 -25.82 1.47 -14.63
CA ASP B 229 -27.08 2.16 -14.28
C ASP B 229 -27.59 3.00 -15.43
N SER B 230 -26.68 3.77 -16.01
CA SER B 230 -27.01 4.75 -17.02
C SER B 230 -27.51 4.09 -18.30
N ALA B 231 -26.82 3.02 -18.71
CA ALA B 231 -27.21 2.21 -19.86
C ALA B 231 -28.60 1.57 -19.66
N HIS B 232 -28.77 0.93 -18.52
CA HIS B 232 -29.99 0.17 -18.25
C HIS B 232 -31.20 1.05 -18.10
N GLY B 233 -30.99 2.28 -17.66
CA GLY B 233 -32.06 3.25 -17.59
C GLY B 233 -32.66 3.53 -18.96
N LEU B 234 -31.88 3.30 -19.99
CA LEU B 234 -32.35 3.49 -21.35
C LEU B 234 -32.74 2.18 -22.00
N LYS B 235 -32.74 1.09 -21.24
CA LYS B 235 -32.84 -0.26 -21.79
C LYS B 235 -31.66 -0.63 -22.76
N GLY B 236 -30.52 0.04 -22.55
CA GLY B 236 -29.27 -0.30 -23.25
C GLY B 236 -28.38 -1.31 -22.49
N HIS B 237 -27.16 -1.50 -22.99
CA HIS B 237 -26.27 -2.52 -22.46
C HIS B 237 -24.82 -2.03 -22.43
N ILE B 238 -24.01 -2.62 -21.54
CA ILE B 238 -22.59 -2.30 -21.48
C ILE B 238 -21.66 -3.52 -21.47
N ILE B 239 -20.45 -3.32 -21.98
CA ILE B 239 -19.38 -4.27 -21.83
C ILE B 239 -18.41 -3.64 -20.84
N SER B 240 -18.04 -4.38 -19.81
CA SER B 240 -16.87 -4.05 -19.01
C SER B 240 -15.58 -4.48 -19.79
N ASP B 241 -14.92 -3.47 -20.36
CA ASP B 241 -13.76 -3.65 -21.25
C ASP B 241 -12.43 -3.40 -20.57
N GLY B 242 -11.79 -4.46 -20.13
CA GLY B 242 -10.46 -4.39 -19.54
C GLY B 242 -10.41 -4.38 -18.04
N GLY B 243 -9.27 -4.75 -17.49
CA GLY B 243 -9.04 -4.73 -16.07
C GLY B 243 -9.11 -6.08 -15.34
N CYS B 244 -9.82 -7.06 -15.91
CA CYS B 244 -9.94 -8.36 -15.28
C CYS B 244 -8.63 -9.13 -15.41
N THR B 245 -8.10 -9.56 -14.27
CA THR B 245 -6.85 -10.30 -14.19
C THR B 245 -7.11 -11.73 -13.79
N CYS B 246 -8.34 -12.02 -13.40
CA CYS B 246 -8.71 -13.32 -12.92
C CYS B 246 -10.23 -13.48 -12.97
N PRO B 247 -10.70 -14.74 -12.86
CA PRO B 247 -12.13 -14.95 -13.02
C PRO B 247 -12.97 -14.26 -11.93
N GLY B 248 -12.38 -13.98 -10.78
CA GLY B 248 -13.04 -13.23 -9.72
C GLY B 248 -13.42 -11.84 -10.19
N ASP B 249 -12.48 -11.18 -10.87
CA ASP B 249 -12.73 -9.85 -11.43
C ASP B 249 -13.88 -9.91 -12.42
N VAL B 250 -13.88 -10.96 -13.26
CA VAL B 250 -14.96 -11.17 -14.23
C VAL B 250 -16.30 -11.24 -13.50
N ALA B 251 -16.31 -11.96 -12.37
CA ALA B 251 -17.50 -12.08 -11.55
C ALA B 251 -17.95 -10.75 -10.97
N LYS B 252 -16.98 -9.97 -10.50
CA LYS B 252 -17.25 -8.64 -9.94
C LYS B 252 -17.76 -7.72 -11.02
N ALA B 253 -17.20 -7.79 -12.21
CA ALA B 253 -17.72 -6.98 -13.32
C ALA B 253 -19.21 -7.22 -13.51
N PHE B 254 -19.58 -8.48 -13.66
CA PHE B 254 -20.98 -8.87 -13.79
C PHE B 254 -21.84 -8.46 -12.58
N GLY B 255 -21.26 -8.58 -11.38
CA GLY B 255 -21.94 -8.19 -10.15
C GLY B 255 -22.26 -6.71 -10.08
N ALA B 256 -21.37 -5.91 -10.64
CA ALA B 256 -21.51 -4.46 -10.70
C ALA B 256 -22.51 -3.99 -11.77
N GLY B 257 -22.92 -4.89 -12.67
CA GLY B 257 -23.96 -4.60 -13.65
C GLY B 257 -23.61 -4.81 -15.10
N ALA B 258 -22.34 -5.14 -15.37
CA ALA B 258 -21.86 -5.42 -16.74
C ALA B 258 -22.69 -6.48 -17.42
N ASP B 259 -23.17 -6.13 -18.62
CA ASP B 259 -24.01 -7.04 -19.38
C ASP B 259 -23.13 -8.05 -20.03
N PHE B 260 -22.01 -7.59 -20.58
CA PHE B 260 -20.91 -8.46 -21.07
C PHE B 260 -19.63 -8.06 -20.38
N VAL B 261 -18.63 -8.92 -20.50
CA VAL B 261 -17.32 -8.65 -19.98
C VAL B 261 -16.34 -9.00 -21.09
N MET B 262 -15.49 -8.02 -21.46
CA MET B 262 -14.51 -8.20 -22.53
C MET B 262 -13.06 -8.35 -22.00
N LEU B 263 -12.40 -9.39 -22.46
CA LEU B 263 -11.11 -9.84 -21.92
C LEU B 263 -10.05 -9.94 -23.00
N GLY B 264 -8.88 -9.35 -22.77
CA GLY B 264 -7.73 -9.51 -23.63
C GLY B 264 -6.59 -10.26 -22.95
N GLY B 265 -6.10 -9.69 -21.86
CA GLY B 265 -4.94 -10.24 -21.15
C GLY B 265 -5.14 -11.68 -20.71
N MET B 266 -6.33 -11.95 -20.17
CA MET B 266 -6.70 -13.31 -19.71
C MET B 266 -6.73 -14.33 -20.82
N PHE B 267 -6.98 -13.88 -22.06
CA PHE B 267 -7.00 -14.77 -23.21
C PHE B 267 -5.65 -14.81 -23.93
N SER B 268 -4.80 -13.84 -23.64
CA SER B 268 -3.44 -13.81 -24.20
C SER B 268 -2.66 -15.08 -23.84
N GLY B 269 -1.69 -15.44 -24.68
CA GLY B 269 -0.73 -16.47 -24.31
C GLY B 269 -1.08 -17.90 -24.67
N HIS B 270 -2.24 -18.08 -25.29
CA HIS B 270 -2.73 -19.42 -25.65
C HIS B 270 -2.30 -19.87 -27.03
N THR B 271 -2.40 -21.17 -27.25
CA THR B 271 -2.08 -21.80 -28.57
C THR B 271 -2.92 -21.25 -29.71
N GLU B 272 -4.14 -20.82 -29.38
CA GLU B 272 -5.08 -20.26 -30.36
C GLU B 272 -4.73 -18.82 -30.71
N CYS B 273 -3.90 -18.19 -29.88
CA CYS B 273 -3.53 -16.80 -30.09
C CYS B 273 -2.58 -16.64 -31.25
N ALA B 274 -2.73 -15.54 -31.97
CA ALA B 274 -1.84 -15.19 -33.05
C ALA B 274 -0.42 -15.06 -32.52
N GLY B 275 0.54 -15.60 -33.27
CA GLY B 275 1.96 -15.55 -32.92
C GLY B 275 2.51 -16.93 -32.63
N GLU B 276 3.83 -17.06 -32.71
CA GLU B 276 4.51 -18.30 -32.34
C GLU B 276 5.04 -18.19 -30.91
N VAL B 277 5.47 -19.33 -30.37
CA VAL B 277 6.04 -19.38 -29.02
C VAL B 277 7.50 -18.88 -29.02
N ILE B 278 7.85 -18.09 -28.00
CA ILE B 278 9.20 -17.53 -27.86
C ILE B 278 9.99 -18.31 -26.80
N ARG B 283 11.87 -20.71 -20.49
CA ARG B 283 10.55 -20.07 -20.42
C ARG B 283 9.89 -20.00 -21.79
N LYS B 284 8.68 -20.52 -21.90
CA LYS B 284 7.90 -20.41 -23.15
C LYS B 284 6.93 -19.22 -23.04
N LEU B 285 6.96 -18.34 -24.04
CA LEU B 285 6.17 -17.12 -24.03
C LEU B 285 5.50 -16.82 -25.38
N LYS B 286 4.46 -15.99 -25.32
CA LYS B 286 3.81 -15.44 -26.49
C LYS B 286 3.77 -13.91 -26.34
N LEU B 287 3.92 -13.21 -27.46
CA LEU B 287 3.88 -11.76 -27.47
C LEU B 287 2.45 -11.29 -27.41
N PHE B 288 2.18 -10.27 -26.60
CA PHE B 288 0.84 -9.70 -26.49
C PHE B 288 1.03 -8.17 -26.49
N TYR B 289 0.37 -7.49 -27.43
CA TYR B 289 0.62 -6.06 -27.62
C TYR B 289 -0.65 -5.22 -27.81
N GLY B 290 -0.60 -3.98 -27.32
CA GLY B 290 -1.72 -3.05 -27.41
C GLY B 290 -2.16 -2.81 -28.85
N MET B 291 -3.45 -2.52 -28.99
CA MET B 291 -4.07 -2.22 -30.30
C MET B 291 -3.43 -0.97 -30.96
N SER B 292 -3.03 -0.01 -30.14
CA SER B 292 -2.37 1.20 -30.64
C SER B 292 -0.90 1.23 -30.20
N SER B 293 -0.31 0.04 -30.00
CA SER B 293 1.07 -0.07 -29.54
C SER B 293 2.00 0.25 -30.69
N ASP B 294 3.27 0.48 -30.37
CA ASP B 294 4.35 0.60 -31.37
C ASP B 294 4.43 -0.63 -32.30
N THR B 295 4.24 -1.80 -31.70
CA THR B 295 4.23 -3.07 -32.40
C THR B 295 3.13 -3.11 -33.44
N ALA B 296 1.93 -2.70 -33.04
CA ALA B 296 0.79 -2.65 -33.96
C ALA B 296 0.96 -1.58 -35.05
N MET B 297 1.51 -0.43 -34.66
CA MET B 297 1.83 0.65 -35.60
C MET B 297 2.83 0.19 -36.69
N ASN B 298 3.88 -0.55 -36.30
CA ASN B 298 4.85 -1.07 -37.26
C ASN B 298 4.28 -2.23 -38.09
N LYS B 299 3.44 -3.05 -37.47
CA LYS B 299 2.79 -4.19 -38.13
C LYS B 299 1.72 -3.76 -39.12
N HIS B 300 0.99 -2.68 -38.80
CA HIS B 300 -0.09 -2.17 -39.64
C HIS B 300 0.13 -0.69 -39.95
N VAL B 304 -4.10 2.43 -36.60
CA VAL B 304 -3.91 2.23 -35.16
C VAL B 304 -3.70 3.54 -34.36
N ALA B 305 -3.27 4.61 -35.04
CA ALA B 305 -2.71 5.78 -34.36
C ALA B 305 -3.55 6.21 -33.17
N GLU B 306 -4.81 6.54 -33.43
CA GLU B 306 -5.74 6.93 -32.37
C GLU B 306 -6.95 6.01 -32.37
N TYR B 307 -6.67 4.71 -32.44
CA TYR B 307 -7.70 3.67 -32.35
C TYR B 307 -8.14 3.56 -30.90
N ARG B 308 -7.16 3.57 -30.01
CA ARG B 308 -7.36 3.48 -28.58
C ARG B 308 -6.77 4.71 -27.90
N ALA B 309 -7.21 4.94 -26.67
CA ALA B 309 -6.87 6.17 -25.89
C ALA B 309 -5.38 6.37 -25.58
N SER B 310 -4.58 5.31 -25.69
CA SER B 310 -3.15 5.35 -25.38
C SER B 310 -2.42 4.42 -26.29
N GLU B 311 -1.14 4.71 -26.51
CA GLU B 311 -0.31 3.80 -27.27
C GLU B 311 0.13 2.69 -26.30
N GLY B 312 -0.39 1.49 -26.55
CA GLY B 312 -0.39 0.43 -25.54
C GLY B 312 0.95 -0.25 -25.40
N LYS B 313 1.08 -1.04 -24.34
CA LYS B 313 2.30 -1.80 -24.07
C LYS B 313 2.46 -2.97 -25.04
N THR B 314 3.69 -3.43 -25.21
CA THR B 314 3.97 -4.75 -25.78
C THR B 314 4.58 -5.55 -24.63
N VAL B 315 3.99 -6.70 -24.32
CA VAL B 315 4.51 -7.60 -23.30
C VAL B 315 4.73 -9.04 -23.80
N GLU B 316 5.68 -9.74 -23.17
CA GLU B 316 5.82 -11.19 -23.35
C GLU B 316 5.05 -11.84 -22.22
N VAL B 317 4.03 -12.63 -22.56
CA VAL B 317 3.20 -13.30 -21.55
C VAL B 317 3.62 -14.78 -21.52
N PRO B 318 3.55 -15.42 -20.33
CA PRO B 318 3.86 -16.85 -20.23
C PRO B 318 2.88 -17.66 -21.08
N TYR B 319 3.42 -18.65 -21.80
CA TYR B 319 2.63 -19.53 -22.63
C TYR B 319 1.68 -20.39 -21.77
N LYS B 320 0.37 -20.18 -21.93
CA LYS B 320 -0.62 -20.83 -21.07
C LYS B 320 -1.09 -22.18 -21.61
N GLY B 321 -0.81 -22.47 -22.88
CA GLY B 321 -1.29 -23.70 -23.54
C GLY B 321 -2.58 -23.48 -24.31
N ASP B 322 -3.44 -24.50 -24.35
CA ASP B 322 -4.73 -24.40 -25.04
C ASP B 322 -5.77 -23.62 -24.22
N VAL B 323 -6.53 -22.77 -24.90
CA VAL B 323 -7.45 -21.81 -24.26
C VAL B 323 -8.65 -22.48 -23.62
N GLU B 324 -8.94 -23.72 -24.05
CA GLU B 324 -10.04 -24.49 -23.47
C GLU B 324 -9.97 -24.45 -21.95
N ASN B 325 -8.79 -24.77 -21.42
CA ASN B 325 -8.55 -24.85 -19.99
C ASN B 325 -8.87 -23.54 -19.31
N THR B 326 -8.41 -22.45 -19.89
CA THR B 326 -8.68 -21.10 -19.37
C THR B 326 -10.17 -20.77 -19.36
N ILE B 327 -10.86 -21.05 -20.46
CA ILE B 327 -12.30 -20.89 -20.55
C ILE B 327 -13.01 -21.62 -19.42
N LEU B 328 -12.61 -22.87 -19.20
CA LEU B 328 -13.23 -23.71 -18.17
C LEU B 328 -13.03 -23.13 -16.77
N ASP B 329 -11.86 -22.54 -16.54
CA ASP B 329 -11.56 -21.89 -15.26
C ASP B 329 -12.42 -20.63 -15.08
N ILE B 330 -12.60 -19.87 -16.16
CA ILE B 330 -13.39 -18.64 -16.10
C ILE B 330 -14.86 -18.93 -15.82
N LEU B 331 -15.44 -19.79 -16.65
CA LEU B 331 -16.83 -20.23 -16.53
C LEU B 331 -17.08 -20.94 -15.20
N GLY B 332 -16.18 -21.84 -14.86
CA GLY B 332 -16.27 -22.55 -13.59
C GLY B 332 -16.31 -21.65 -12.37
N GLY B 333 -15.41 -20.66 -12.35
CA GLY B 333 -15.35 -19.69 -11.26
C GLY B 333 -16.56 -18.78 -11.17
N LEU B 334 -17.16 -18.50 -12.32
CA LEU B 334 -18.29 -17.61 -12.40
C LEU B 334 -19.56 -18.37 -12.00
N ARG B 335 -19.59 -19.66 -12.28
CA ARG B 335 -20.67 -20.52 -11.81
C ARG B 335 -20.62 -20.58 -10.29
N SER B 336 -19.42 -20.74 -9.76
CA SER B 336 -19.20 -20.81 -8.31
C SER B 336 -19.64 -19.51 -7.61
N THR B 337 -19.22 -18.37 -8.15
CA THR B 337 -19.70 -17.08 -7.67
C THR B 337 -21.22 -17.01 -7.61
N CYS B 338 -21.88 -17.40 -8.69
CA CYS B 338 -23.34 -17.33 -8.76
C CYS B 338 -23.96 -18.24 -7.71
N THR B 339 -23.41 -19.44 -7.56
CA THR B 339 -23.82 -20.35 -6.49
C THR B 339 -23.76 -19.66 -5.13
N TYR B 340 -22.63 -18.99 -4.88
CA TYR B 340 -22.32 -18.49 -3.55
C TYR B 340 -23.13 -17.25 -3.17
N VAL B 341 -23.63 -16.53 -4.16
CA VAL B 341 -24.51 -15.37 -3.94
C VAL B 341 -25.99 -15.70 -4.12
N GLY B 342 -26.27 -16.90 -4.63
CA GLY B 342 -27.63 -17.42 -4.78
C GLY B 342 -28.25 -17.16 -6.13
N ALA B 343 -27.41 -17.01 -7.15
CA ALA B 343 -27.86 -16.70 -8.50
C ALA B 343 -27.84 -17.99 -9.32
N ALA B 344 -29.02 -18.46 -9.73
CA ALA B 344 -29.13 -19.68 -10.52
C ALA B 344 -28.82 -19.39 -11.99
N LYS B 345 -28.93 -18.11 -12.36
CA LYS B 345 -28.65 -17.64 -13.71
C LYS B 345 -27.72 -16.47 -13.57
N LEU B 346 -26.81 -16.30 -14.53
CA LEU B 346 -25.96 -15.11 -14.60
C LEU B 346 -26.75 -13.80 -14.57
N LYS B 347 -27.92 -13.82 -15.18
CA LYS B 347 -28.89 -12.73 -15.12
C LYS B 347 -29.06 -12.21 -13.69
N GLU B 348 -29.15 -13.13 -12.73
CA GLU B 348 -29.45 -12.80 -11.32
C GLU B 348 -28.27 -12.26 -10.51
N LEU B 349 -27.07 -12.29 -11.07
CA LEU B 349 -25.86 -11.96 -10.33
C LEU B 349 -25.89 -10.53 -9.77
N SER B 350 -26.09 -9.54 -10.63
CA SER B 350 -26.03 -8.14 -10.20
C SER B 350 -27.08 -7.87 -9.16
N ARG B 351 -28.26 -8.42 -9.38
CA ARG B 351 -29.40 -8.35 -8.46
C ARG B 351 -29.03 -8.89 -7.07
N ARG B 352 -28.17 -9.92 -7.04
CA ARG B 352 -27.74 -10.56 -5.80
C ARG B 352 -26.32 -10.21 -5.35
N ALA B 353 -25.66 -9.34 -6.12
CA ALA B 353 -24.31 -8.86 -5.78
C ALA B 353 -24.38 -7.80 -4.70
N THR B 354 -23.77 -8.09 -3.55
CA THR B 354 -23.45 -7.09 -2.55
C THR B 354 -21.94 -7.10 -2.39
N PHE B 355 -21.31 -5.94 -2.55
CA PHE B 355 -19.87 -5.82 -2.37
C PHE B 355 -19.55 -5.34 -0.97
N ILE B 356 -18.42 -5.83 -0.47
CA ILE B 356 -17.84 -5.27 0.74
C ILE B 356 -16.48 -4.65 0.36
N ARG B 357 -16.14 -3.54 1.01
CA ARG B 357 -14.88 -2.86 0.79
C ARG B 357 -13.86 -3.59 1.63
N VAL B 358 -12.70 -3.85 1.05
CA VAL B 358 -11.64 -4.54 1.74
C VAL B 358 -10.35 -3.73 1.69
N THR B 359 -9.34 -4.22 2.40
CA THR B 359 -8.03 -3.63 2.46
C THR B 359 -7.01 -4.53 1.74
N PRO C 24 -15.30 -6.84 22.18
CA PRO C 24 -14.30 -6.68 21.12
C PRO C 24 -14.54 -5.44 20.21
N ARG C 25 -14.20 -4.27 20.73
CA ARG C 25 -14.43 -2.98 20.05
C ARG C 25 -13.23 -2.58 19.15
N ILE C 26 -13.55 -1.97 18.00
CA ILE C 26 -12.56 -1.34 17.14
C ILE C 26 -12.62 0.15 17.39
N ASP C 27 -11.45 0.74 17.67
CA ASP C 27 -11.34 2.18 17.81
C ASP C 27 -11.52 2.83 16.42
N ALA C 28 -12.47 3.76 16.36
CA ALA C 28 -12.84 4.46 15.12
C ALA C 28 -11.69 5.34 14.57
N ASP C 29 -10.98 5.98 15.49
CA ASP C 29 -9.78 6.78 15.21
C ASP C 29 -8.67 5.91 14.58
N LEU C 30 -8.24 6.29 13.37
CA LEU C 30 -7.06 5.71 12.76
C LEU C 30 -5.82 6.23 13.48
N LYS C 31 -4.92 5.33 13.80
CA LYS C 31 -3.69 5.71 14.45
C LYS C 31 -2.55 5.73 13.41
N LEU C 32 -1.83 6.85 13.40
CA LEU C 32 -0.80 7.11 12.39
C LEU C 32 0.61 6.87 12.91
N ASP C 33 1.49 6.41 12.04
CA ASP C 33 2.92 6.37 12.35
C ASP C 33 3.63 7.53 11.60
N PHE C 34 4.95 7.51 11.58
CA PHE C 34 5.70 8.63 11.05
C PHE C 34 5.54 8.77 9.56
N LYS C 35 5.41 7.63 8.88
CA LYS C 35 5.38 7.59 7.41
C LYS C 35 4.06 8.15 6.88
N ASP C 36 3.08 8.22 7.76
CA ASP C 36 1.76 8.72 7.43
C ASP C 36 1.67 10.23 7.41
N VAL C 37 2.68 10.91 7.93
CA VAL C 37 2.64 12.36 8.04
C VAL C 37 3.90 13.06 7.52
N LEU C 38 3.74 14.37 7.32
CA LEU C 38 4.85 15.25 7.09
C LEU C 38 4.65 16.50 7.90
N LEU C 39 5.74 17.19 8.20
CA LEU C 39 5.65 18.50 8.81
C LEU C 39 5.54 19.59 7.74
N ARG C 40 4.61 20.52 7.99
CA ARG C 40 4.38 21.66 7.13
C ARG C 40 5.43 22.74 7.44
N PRO C 41 6.02 23.32 6.38
CA PRO C 41 6.92 24.43 6.57
C PRO C 41 6.14 25.71 6.85
N LYS C 42 6.70 26.61 7.65
CA LYS C 42 6.02 27.83 8.05
C LYS C 42 6.94 29.05 8.00
N ARG C 43 6.32 30.22 7.86
CA ARG C 43 7.06 31.49 7.75
C ARG C 43 7.84 31.77 9.04
N SER C 44 9.10 32.19 8.86
CA SER C 44 9.97 32.56 9.98
C SER C 44 11.06 33.53 9.52
N SER C 45 11.89 33.95 10.47
CA SER C 45 13.01 34.82 10.20
C SER C 45 14.32 34.04 10.23
N LEU C 46 14.24 32.71 10.29
CA LEU C 46 15.42 31.86 10.36
C LEU C 46 15.88 31.48 8.97
N LYS C 47 17.07 31.92 8.58
CA LYS C 47 17.59 31.57 7.26
C LYS C 47 18.23 30.19 7.32
N SER C 48 19.26 30.08 8.17
CA SER C 48 20.15 28.92 8.18
C SER C 48 19.98 28.04 9.41
N ARG C 49 20.26 26.76 9.21
CA ARG C 49 20.09 25.73 10.22
C ARG C 49 21.08 25.89 11.39
N ALA C 50 22.25 26.49 11.15
CA ALA C 50 23.26 26.66 12.21
C ALA C 50 22.75 27.57 13.34
N GLU C 51 21.85 28.48 12.99
CA GLU C 51 21.17 29.34 13.95
C GLU C 51 20.40 28.58 15.03
N VAL C 52 20.00 27.34 14.74
CA VAL C 52 19.13 26.55 15.63
C VAL C 52 19.84 25.90 16.84
N ASP C 53 19.28 26.17 18.02
CA ASP C 53 19.76 25.60 19.29
C ASP C 53 18.98 24.31 19.59
N LEU C 54 19.67 23.18 19.60
CA LEU C 54 19.03 21.89 19.88
C LEU C 54 19.02 21.52 21.34
N GLU C 55 19.89 22.15 22.13
CA GLU C 55 19.90 22.02 23.58
C GLU C 55 18.55 22.33 24.18
N ARG C 56 18.18 21.50 25.15
CA ARG C 56 16.96 21.59 25.91
C ARG C 56 17.26 21.59 27.41
N THR C 57 16.48 22.34 28.19
CA THR C 57 16.54 22.31 29.63
C THR C 57 15.24 21.78 30.23
N PHE C 58 15.35 20.69 30.98
CA PHE C 58 14.20 20.12 31.65
C PHE C 58 14.42 20.11 33.15
N THR C 59 13.37 20.42 33.89
CA THR C 59 13.32 20.18 35.32
C THR C 59 12.28 19.10 35.58
N PHE C 60 12.74 17.95 36.05
CA PHE C 60 11.88 16.78 36.21
C PHE C 60 10.95 16.87 37.41
N ARG C 61 9.80 16.22 37.30
CA ARG C 61 8.66 16.40 38.21
C ARG C 61 8.88 15.82 39.58
N ASN C 62 9.40 14.60 39.59
CA ASN C 62 9.50 13.81 40.81
C ASN C 62 10.91 13.89 41.42
N SER C 63 11.94 13.80 40.57
CA SER C 63 13.34 13.88 41.02
C SER C 63 13.70 15.31 41.39
N LYS C 64 13.01 16.25 40.75
CA LYS C 64 13.26 17.70 40.88
C LYS C 64 14.62 18.15 40.31
N GLN C 65 15.30 17.25 39.61
CA GLN C 65 16.60 17.56 39.02
C GLN C 65 16.42 18.37 37.76
N THR C 66 17.50 19.01 37.32
CA THR C 66 17.53 19.77 36.09
C THR C 66 18.49 19.12 35.14
N TYR C 67 18.06 18.98 33.88
CA TYR C 67 18.86 18.40 32.82
C TYR C 67 19.07 19.48 31.78
N SER C 68 20.26 19.51 31.18
CA SER C 68 20.42 20.25 29.94
C SER C 68 21.27 19.50 28.90
N GLY C 69 20.77 19.46 27.67
CA GLY C 69 21.49 18.81 26.60
C GLY C 69 20.61 18.69 25.39
N ILE C 70 21.13 17.99 24.39
CA ILE C 70 20.37 17.63 23.23
C ILE C 70 19.65 16.32 23.58
N PRO C 71 18.32 16.37 23.74
CA PRO C 71 17.52 15.25 24.23
C PRO C 71 17.35 14.09 23.23
N ILE C 72 18.46 13.61 22.71
CA ILE C 72 18.45 12.42 21.90
C ILE C 72 19.24 11.38 22.69
N ILE C 73 18.63 10.20 22.86
CA ILE C 73 19.14 9.16 23.73
C ILE C 73 19.48 7.92 22.91
N VAL C 74 20.66 7.34 23.14
CA VAL C 74 20.99 6.06 22.57
C VAL C 74 20.29 5.01 23.42
N ALA C 75 19.56 4.09 22.79
CA ALA C 75 18.79 3.09 23.56
C ALA C 75 19.73 2.16 24.32
N ASN C 76 19.25 1.65 25.44
CA ASN C 76 20.06 0.76 26.31
C ASN C 76 20.10 -0.67 25.81
N MET C 77 20.44 -0.81 24.54
CA MET C 77 20.57 -2.11 23.92
C MET C 77 22.05 -2.49 23.96
N ASP C 78 22.33 -3.78 23.79
CA ASP C 78 23.67 -4.35 24.02
C ASP C 78 24.75 -3.75 23.14
N THR C 79 24.38 -3.42 21.91
CA THR C 79 25.37 -3.02 20.90
C THR C 79 25.59 -1.52 20.86
N VAL C 80 24.52 -0.77 21.13
CA VAL C 80 24.55 0.68 21.00
C VAL C 80 24.68 1.42 22.35
N GLY C 81 24.10 0.85 23.42
CA GLY C 81 24.16 1.46 24.74
C GLY C 81 25.48 1.18 25.45
N THR C 82 26.59 1.55 24.82
CA THR C 82 27.93 1.22 25.31
C THR C 82 28.64 2.46 25.84
N PHE C 83 29.69 2.25 26.65
CA PHE C 83 30.53 3.35 27.14
C PHE C 83 31.29 4.04 26.03
N GLU C 84 31.70 3.29 25.02
CA GLU C 84 32.43 3.92 23.92
C GLU C 84 31.45 4.84 23.16
N MET C 85 30.23 4.40 22.97
CA MET C 85 29.23 5.25 22.33
C MET C 85 28.97 6.49 23.18
N ALA C 86 28.86 6.32 24.49
CA ALA C 86 28.58 7.44 25.41
C ALA C 86 29.62 8.54 25.34
N ALA C 87 30.86 8.13 25.14
CA ALA C 87 31.98 9.05 25.14
C ALA C 87 31.88 10.01 23.97
N VAL C 88 31.36 9.50 22.86
CA VAL C 88 31.14 10.30 21.64
C VAL C 88 29.86 11.13 21.76
N MET C 89 28.81 10.52 22.27
CA MET C 89 27.54 11.19 22.42
C MET C 89 27.63 12.40 23.34
N SER C 90 28.34 12.22 24.43
CA SER C 90 28.50 13.25 25.44
C SER C 90 29.21 14.48 24.85
N GLN C 91 30.15 14.27 23.93
CA GLN C 91 30.81 15.37 23.21
C GLN C 91 29.80 16.27 22.46
N HIS C 92 28.69 15.67 22.01
CA HIS C 92 27.64 16.41 21.32
C HIS C 92 26.49 16.80 22.24
N SER C 93 26.73 16.76 23.55
CA SER C 93 25.70 17.01 24.56
C SER C 93 24.53 16.02 24.46
N MET C 94 24.77 14.84 23.87
CA MET C 94 23.70 13.83 23.75
C MET C 94 23.83 12.74 24.81
N PHE C 95 22.72 12.02 24.99
CA PHE C 95 22.49 11.14 26.12
C PHE C 95 22.60 9.67 25.75
N THR C 96 23.12 8.86 26.66
CA THR C 96 23.26 7.43 26.40
C THR C 96 22.64 6.70 27.57
N ALA C 97 21.72 5.81 27.25
CA ALA C 97 21.20 4.84 28.21
C ALA C 97 22.09 3.59 28.05
N ILE C 98 22.82 3.29 29.12
CA ILE C 98 23.81 2.24 29.12
C ILE C 98 23.12 0.91 29.41
N HIS C 99 23.45 -0.10 28.62
CA HIS C 99 22.82 -1.39 28.76
C HIS C 99 23.12 -1.97 30.14
N LYS C 100 22.23 -2.83 30.63
CA LYS C 100 22.29 -3.30 32.01
C LYS C 100 23.31 -4.41 32.31
N HIS C 101 24.12 -4.79 31.34
CA HIS C 101 24.99 -5.96 31.45
C HIS C 101 26.44 -5.63 31.70
N TYR C 102 26.75 -4.35 31.82
CA TYR C 102 28.07 -3.95 32.29
C TYR C 102 28.18 -4.23 33.79
N SER C 103 29.35 -4.68 34.20
CA SER C 103 29.66 -4.95 35.60
C SER C 103 29.88 -3.67 36.37
N LEU C 104 29.81 -3.80 37.69
CA LEU C 104 30.16 -2.71 38.59
C LEU C 104 31.58 -2.20 38.31
N ASP C 105 32.53 -3.12 38.09
CA ASP C 105 33.89 -2.72 37.73
C ASP C 105 33.97 -1.93 36.43
N ASP C 106 33.18 -2.33 35.45
CA ASP C 106 33.14 -1.63 34.16
C ASP C 106 32.68 -0.20 34.37
N TRP C 107 31.66 -0.01 35.20
CA TRP C 107 31.18 1.34 35.52
C TRP C 107 32.21 2.17 36.30
N LYS C 108 32.84 1.54 37.29
CA LYS C 108 33.92 2.19 38.04
C LYS C 108 35.01 2.69 37.11
N LEU C 109 35.39 1.86 36.13
CA LEU C 109 36.44 2.22 35.16
C LEU C 109 36.00 3.37 34.31
N PHE C 110 34.74 3.33 33.88
CA PHE C 110 34.18 4.39 33.06
C PHE C 110 34.16 5.73 33.81
N ALA C 111 33.76 5.67 35.07
CA ALA C 111 33.75 6.86 35.89
C ALA C 111 35.16 7.41 36.08
N THR C 112 36.13 6.51 36.26
CA THR C 112 37.52 6.91 36.47
C THR C 112 38.05 7.58 35.21
N ASN C 113 37.76 7.00 34.05
CA ASN C 113 38.29 7.47 32.78
C ASN C 113 37.45 8.52 32.06
N HIS C 114 36.12 8.52 32.24
CA HIS C 114 35.24 9.45 31.49
C HIS C 114 34.25 10.17 32.38
N PRO C 115 34.77 10.88 33.40
CA PRO C 115 33.92 11.60 34.37
C PRO C 115 32.99 12.59 33.68
N GLU C 116 33.49 13.25 32.63
CA GLU C 116 32.70 14.22 31.85
C GLU C 116 31.40 13.67 31.24
N CYS C 117 31.33 12.36 31.04
CA CYS C 117 30.14 11.70 30.49
C CYS C 117 29.04 11.33 31.49
N LEU C 118 29.36 11.28 32.78
CA LEU C 118 28.48 10.65 33.76
C LEU C 118 27.16 11.39 33.89
N GLN C 119 27.17 12.68 33.56
CA GLN C 119 25.98 13.54 33.53
CA GLN C 119 25.95 13.48 33.59
C GLN C 119 25.04 13.17 32.38
N ASN C 120 25.59 12.51 31.37
CA ASN C 120 24.89 12.18 30.14
C ASN C 120 24.62 10.70 29.93
N VAL C 121 24.66 9.92 31.01
CA VAL C 121 24.32 8.50 30.96
C VAL C 121 23.24 8.16 31.97
N ALA C 122 22.58 7.05 31.69
CA ALA C 122 21.65 6.43 32.62
C ALA C 122 22.05 4.99 32.82
N VAL C 123 21.90 4.55 34.06
CA VAL C 123 22.10 3.13 34.41
C VAL C 123 20.76 2.42 34.24
N SER C 124 20.83 1.23 33.62
CA SER C 124 19.62 0.48 33.25
C SER C 124 19.39 -0.77 34.12
N SER C 125 18.12 -1.00 34.41
CA SER C 125 17.69 -2.10 35.26
C SER C 125 16.34 -2.64 34.81
N GLY C 126 16.22 -3.97 34.84
CA GLY C 126 14.93 -4.64 34.84
C GLY C 126 14.27 -4.52 36.22
N SER C 127 13.11 -5.15 36.38
CA SER C 127 12.35 -5.11 37.64
C SER C 127 12.69 -6.25 38.60
N GLY C 128 13.71 -7.04 38.25
CA GLY C 128 14.16 -8.12 39.12
C GLY C 128 14.99 -7.67 40.31
N GLN C 129 15.04 -8.52 41.33
CA GLN C 129 15.76 -8.23 42.58
C GLN C 129 17.26 -8.01 42.31
N ASN C 130 17.84 -8.88 41.48
CA ASN C 130 19.28 -8.82 41.16
C ASN C 130 19.68 -7.57 40.40
N ASP C 131 18.85 -7.18 39.42
CA ASP C 131 19.08 -5.96 38.68
C ASP C 131 19.06 -4.78 39.64
N LEU C 132 18.09 -4.76 40.55
CA LEU C 132 17.94 -3.64 41.42
C LEU C 132 19.20 -3.55 42.28
N GLU C 133 19.65 -4.69 42.79
CA GLU C 133 20.87 -4.75 43.62
C GLU C 133 22.09 -4.24 42.88
N LYS C 134 22.28 -4.72 41.66
CA LYS C 134 23.42 -4.34 40.85
C LYS C 134 23.41 -2.84 40.55
N MET C 135 22.23 -2.32 40.22
CA MET C 135 22.08 -0.93 39.91
C MET C 135 22.38 -0.06 41.11
N THR C 136 21.79 -0.46 42.24
CA THR C 136 22.03 0.16 43.55
C THR C 136 23.53 0.30 43.82
N SER C 137 24.28 -0.78 43.56
CA SER C 137 25.74 -0.79 43.81
C SER C 137 26.50 0.17 42.90
N ILE C 138 26.08 0.24 41.64
CA ILE C 138 26.65 1.15 40.67
C ILE C 138 26.40 2.58 41.08
N LEU C 139 25.14 2.90 41.43
CA LEU C 139 24.73 4.24 41.81
C LEU C 139 25.45 4.72 43.09
N GLU C 140 25.60 3.84 44.05
CA GLU C 140 26.33 4.18 45.27
C GLU C 140 27.80 4.39 44.98
N ALA C 141 28.35 3.58 44.08
CA ALA C 141 29.76 3.68 43.69
C ALA C 141 30.04 4.87 42.78
N VAL C 142 29.03 5.26 41.99
CA VAL C 142 29.15 6.34 41.03
C VAL C 142 28.05 7.38 41.26
N PRO C 143 28.18 8.19 42.32
CA PRO C 143 27.14 9.19 42.64
C PRO C 143 26.88 10.25 41.54
N GLN C 144 27.76 10.33 40.54
CA GLN C 144 27.64 11.29 39.44
C GLN C 144 26.57 10.84 38.42
N VAL C 145 26.21 9.56 38.43
CA VAL C 145 25.14 9.05 37.57
C VAL C 145 23.82 9.36 38.24
N LYS C 146 23.02 10.22 37.63
CA LYS C 146 21.77 10.72 38.24
C LYS C 146 20.53 10.34 37.44
N PHE C 147 20.67 9.39 36.52
CA PHE C 147 19.55 8.92 35.70
C PHE C 147 19.44 7.44 35.79
N ILE C 148 18.22 6.96 36.04
CA ILE C 148 17.95 5.52 36.08
C ILE C 148 16.95 5.16 34.97
N CYS C 149 17.24 4.08 34.24
CA CYS C 149 16.32 3.60 33.19
C CYS C 149 15.72 2.22 33.49
N LEU C 150 14.42 2.22 33.71
CA LEU C 150 13.69 1.02 34.11
C LEU C 150 12.86 0.47 32.94
N ASP C 151 12.96 -0.84 32.73
CA ASP C 151 12.33 -1.49 31.59
C ASP C 151 11.72 -2.81 32.00
N VAL C 152 10.48 -3.03 31.56
CA VAL C 152 9.80 -4.29 31.74
C VAL C 152 9.17 -4.78 30.44
N ALA C 153 8.71 -6.04 30.47
CA ALA C 153 7.92 -6.58 29.37
C ALA C 153 6.60 -5.88 29.33
N ASN C 154 5.98 -5.74 30.50
CA ASN C 154 4.63 -5.19 30.61
C ASN C 154 4.60 -3.94 31.48
N GLY C 155 4.79 -2.79 30.83
CA GLY C 155 4.75 -1.49 31.51
C GLY C 155 3.37 -1.06 32.01
N TYR C 156 2.36 -1.83 31.65
CA TYR C 156 1.02 -1.65 32.16
C TYR C 156 0.71 -2.46 33.42
N SER C 157 1.70 -3.17 33.96
CA SER C 157 1.49 -4.02 35.13
CA SER C 157 1.49 -4.02 35.13
C SER C 157 1.46 -3.21 36.43
N GLU C 158 0.68 -3.68 37.39
CA GLU C 158 0.65 -3.08 38.71
C GLU C 158 1.96 -3.36 39.42
N HIS C 159 2.62 -4.44 39.00
CA HIS C 159 3.90 -4.80 39.58
CA HIS C 159 3.94 -4.84 39.51
C HIS C 159 4.99 -3.82 39.15
N PHE C 160 4.84 -3.24 37.95
CA PHE C 160 5.79 -2.23 37.50
C PHE C 160 5.54 -0.89 38.20
N VAL C 161 4.27 -0.53 38.38
CA VAL C 161 3.91 0.65 39.14
C VAL C 161 4.57 0.64 40.52
N GLU C 162 4.51 -0.52 41.19
CA GLU C 162 5.06 -0.66 42.56
C GLU C 162 6.57 -0.71 42.56
N PHE C 163 7.16 -1.21 41.47
CA PHE C 163 8.63 -1.20 41.33
C PHE C 163 9.15 0.23 41.17
N VAL C 164 8.46 1.03 40.39
CA VAL C 164 8.75 2.46 40.27
C VAL C 164 8.66 3.19 41.62
N LYS C 165 7.58 2.94 42.36
CA LYS C 165 7.41 3.51 43.69
C LYS C 165 8.61 3.21 44.60
N LEU C 166 9.13 1.98 44.46
CA LEU C 166 10.26 1.50 45.26
C LEU C 166 11.58 2.17 44.88
N VAL C 167 11.82 2.26 43.59
CA VAL C 167 13.03 2.91 43.07
C VAL C 167 13.02 4.39 43.41
N ARG C 168 11.86 5.04 43.27
CA ARG C 168 11.69 6.42 43.66
C ARG C 168 12.07 6.62 45.11
N ALA C 169 11.54 5.75 45.97
CA ALA C 169 11.77 5.84 47.41
C ALA C 169 13.24 5.55 47.77
N LYS C 170 13.86 4.59 47.06
CA LYS C 170 15.28 4.26 47.23
C LYS C 170 16.23 5.35 46.70
N PHE C 171 15.84 6.03 45.63
CA PHE C 171 16.66 7.04 45.01
C PHE C 171 15.81 8.30 44.74
N PRO C 172 15.47 9.06 45.82
CA PRO C 172 14.56 10.21 45.66
C PRO C 172 15.06 11.37 44.79
N GLU C 173 16.36 11.42 44.52
CA GLU C 173 17.00 12.53 43.82
C GLU C 173 17.49 12.12 42.44
N HIS C 174 17.31 10.84 42.12
CA HIS C 174 17.62 10.35 40.77
C HIS C 174 16.47 10.55 39.84
N THR C 175 16.78 10.81 38.58
CA THR C 175 15.76 10.98 37.57
C THR C 175 15.43 9.62 36.98
N ILE C 176 14.15 9.30 36.92
CA ILE C 176 13.72 7.95 36.54
C ILE C 176 12.99 7.89 35.21
N MET C 177 13.64 7.19 34.27
CA MET C 177 13.04 6.77 33.02
C MET C 177 12.41 5.42 33.23
N ALA C 178 11.18 5.24 32.75
CA ALA C 178 10.40 4.01 32.98
C ALA C 178 9.56 3.69 31.77
N GLY C 179 9.67 2.47 31.27
CA GLY C 179 8.80 2.06 30.16
C GLY C 179 8.62 0.57 29.95
N ASN C 180 7.90 0.19 28.90
CA ASN C 180 7.34 1.15 27.89
C ASN C 180 5.83 1.09 27.87
N VAL C 181 5.22 2.22 27.52
CA VAL C 181 3.76 2.30 27.33
C VAL C 181 3.48 2.96 26.00
N VAL C 182 2.19 3.08 25.69
CA VAL C 182 1.74 3.76 24.46
C VAL C 182 0.48 4.58 24.65
N THR C 183 -0.02 4.63 25.89
CA THR C 183 -1.28 5.31 26.20
C THR C 183 -1.21 6.17 27.46
N GLY C 184 -1.94 7.27 27.43
CA GLY C 184 -1.80 8.32 28.43
C GLY C 184 -2.22 7.99 29.85
N GLU C 185 -3.14 7.04 30.04
CA GLU C 185 -3.55 6.66 31.39
C GLU C 185 -2.40 6.03 32.16
N MET C 186 -1.60 5.22 31.45
CA MET C 186 -0.45 4.59 32.03
C MET C 186 0.74 5.55 32.19
N VAL C 187 0.79 6.56 31.31
CA VAL C 187 1.76 7.62 31.51
C VAL C 187 1.48 8.31 32.84
N GLU C 188 0.25 8.75 33.02
CA GLU C 188 -0.13 9.43 34.25
C GLU C 188 0.16 8.55 35.49
N GLU C 189 -0.20 7.26 35.40
CA GLU C 189 -0.07 6.39 36.56
C GLU C 189 1.38 6.25 36.93
N LEU C 190 2.23 6.05 35.93
CA LEU C 190 3.67 5.87 36.16
C LEU C 190 4.35 7.16 36.68
N ILE C 191 3.87 8.31 36.22
CA ILE C 191 4.43 9.57 36.68
C ILE C 191 4.01 9.83 38.11
N LEU C 192 2.72 9.62 38.38
CA LEU C 192 2.19 9.74 39.74
C LEU C 192 2.89 8.77 40.68
N SER C 193 3.30 7.61 40.15
CA SER C 193 4.00 6.60 40.94
C SER C 193 5.50 6.86 41.16
N GLY C 194 6.06 7.87 40.49
CA GLY C 194 7.43 8.31 40.76
C GLY C 194 8.35 8.44 39.57
N ALA C 195 7.96 7.97 38.39
CA ALA C 195 8.82 8.09 37.22
C ALA C 195 8.76 9.52 36.73
N ASP C 196 9.91 10.02 36.27
CA ASP C 196 10.03 11.38 35.76
C ASP C 196 9.74 11.42 34.27
N ILE C 197 10.26 10.41 33.56
CA ILE C 197 10.23 10.35 32.12
C ILE C 197 9.72 8.98 31.73
N ILE C 198 8.68 8.96 30.90
CA ILE C 198 8.04 7.71 30.47
C ILE C 198 8.47 7.36 29.06
N LYS C 199 9.01 6.15 28.90
CA LYS C 199 9.44 5.67 27.58
C LYS C 199 8.24 5.14 26.80
N VAL C 200 8.00 5.75 25.64
CA VAL C 200 6.79 5.53 24.88
C VAL C 200 7.11 4.83 23.57
N GLY C 201 6.53 3.65 23.43
CA GLY C 201 6.62 2.89 22.18
C GLY C 201 6.53 1.38 22.41
N VAL C 202 5.57 0.76 21.74
CA VAL C 202 5.43 -0.71 21.78
C VAL C 202 5.05 -1.19 20.38
N GLY C 203 5.99 -1.84 19.69
CA GLY C 203 5.77 -2.33 18.32
C GLY C 203 6.75 -1.80 17.27
N PRO C 204 6.81 -0.46 17.12
CA PRO C 204 7.66 0.22 16.11
C PRO C 204 9.17 -0.08 16.07
N GLY C 205 9.76 -0.46 17.20
CA GLY C 205 11.20 -0.68 17.31
C GLY C 205 11.74 -1.56 16.20
N SER C 206 12.87 -1.17 15.63
CA SER C 206 13.48 -1.89 14.50
C SER C 206 13.55 -3.42 14.70
N VAL C 207 13.97 -3.88 15.89
CA VAL C 207 14.02 -5.32 16.19
C VAL C 207 12.93 -5.85 17.14
N CYS C 208 12.04 -4.97 17.56
CA CYS C 208 10.85 -5.34 18.30
C CYS C 208 9.96 -6.17 17.42
N THR C 209 9.30 -7.18 18.00
CA THR C 209 8.41 -8.12 17.28
C THR C 209 7.04 -8.31 17.97
N THR C 210 6.58 -7.35 18.77
CA THR C 210 5.32 -7.54 19.50
C THR C 210 4.17 -7.79 18.56
N ARG C 211 4.16 -7.06 17.46
CA ARG C 211 3.04 -7.08 16.54
C ARG C 211 2.89 -8.44 15.92
N THR C 212 4.02 -9.02 15.52
CA THR C 212 4.06 -10.35 14.89
C THR C 212 3.84 -11.49 15.88
N LYS C 213 4.32 -11.32 17.11
CA LYS C 213 4.30 -12.39 18.09
C LYS C 213 3.13 -12.27 19.10
N THR C 214 2.58 -11.07 19.27
CA THR C 214 1.46 -10.85 20.20
C THR C 214 0.28 -10.07 19.62
N GLY C 215 0.50 -9.37 18.50
CA GLY C 215 -0.53 -8.53 17.90
C GLY C 215 -0.87 -7.31 18.71
N VAL C 216 -0.04 -7.03 19.71
CA VAL C 216 -0.19 -5.88 20.59
C VAL C 216 0.84 -4.85 20.13
N GLY C 217 0.43 -3.58 20.18
CA GLY C 217 1.30 -2.50 19.77
C GLY C 217 0.50 -1.25 19.49
N TYR C 218 1.19 -0.22 19.01
CA TYR C 218 0.58 1.09 18.74
C TYR C 218 1.49 1.87 17.78
N PRO C 219 0.91 2.56 16.79
CA PRO C 219 1.69 3.45 15.93
C PRO C 219 2.47 4.47 16.74
N GLN C 220 3.72 4.72 16.34
CA GLN C 220 4.61 5.56 17.14
C GLN C 220 4.20 7.03 17.23
N LEU C 221 3.76 7.61 16.12
CA LEU C 221 3.32 9.00 16.16
C LEU C 221 2.13 9.18 17.10
N SER C 222 1.10 8.37 16.92
CA SER C 222 -0.10 8.56 17.72
C SER C 222 0.21 8.27 19.18
N ALA C 223 1.14 7.36 19.41
CA ALA C 223 1.57 7.04 20.77
C ALA C 223 2.13 8.31 21.42
N VAL C 224 3.14 8.88 20.76
CA VAL C 224 3.79 10.11 21.22
C VAL C 224 2.78 11.27 21.37
N ILE C 225 1.90 11.47 20.40
CA ILE C 225 0.92 12.54 20.45
C ILE C 225 0.09 12.49 21.74
N GLU C 226 -0.47 11.31 22.02
CA GLU C 226 -1.40 11.13 23.14
C GLU C 226 -0.67 11.12 24.47
N CYS C 227 0.45 10.41 24.51
CA CYS C 227 1.21 10.29 25.74
C CYS C 227 1.89 11.58 26.14
N ALA C 228 2.36 12.36 25.17
CA ALA C 228 2.99 13.66 25.44
C ALA C 228 2.02 14.60 26.14
N ASP C 229 0.80 14.70 25.60
CA ASP C 229 -0.26 15.49 26.25
C ASP C 229 -0.42 15.10 27.70
N SER C 230 -0.50 13.79 27.92
CA SER C 230 -0.79 13.23 29.25
C SER C 230 0.36 13.49 30.24
N ALA C 231 1.58 13.29 29.77
CA ALA C 231 2.77 13.59 30.56
C ALA C 231 2.84 15.05 30.92
N HIS C 232 2.70 15.93 29.94
CA HIS C 232 2.92 17.35 30.18
C HIS C 232 1.83 17.99 31.03
N GLY C 233 0.64 17.42 31.02
CA GLY C 233 -0.43 17.85 31.91
C GLY C 233 -0.02 17.69 33.37
N LEU C 234 0.91 16.79 33.62
CA LEU C 234 1.43 16.57 34.97
C LEU C 234 2.75 17.27 35.19
N LYS C 235 3.19 18.07 34.22
CA LYS C 235 4.55 18.62 34.23
C LYS C 235 5.63 17.49 34.18
N GLY C 236 5.25 16.35 33.61
CA GLY C 236 6.15 15.23 33.36
C GLY C 236 6.72 15.25 31.96
N HIS C 237 7.46 14.19 31.62
CA HIS C 237 8.21 14.13 30.34
C HIS C 237 8.16 12.76 29.69
N ILE C 238 8.30 12.71 28.36
CA ILE C 238 8.35 11.41 27.68
C ILE C 238 9.55 11.26 26.75
N ILE C 239 9.95 10.00 26.57
CA ILE C 239 10.89 9.57 25.51
C ILE C 239 10.10 8.83 24.46
N SER C 240 10.19 9.27 23.19
CA SER C 240 9.75 8.46 22.05
C SER C 240 10.77 7.37 21.84
N ASP C 241 10.37 6.16 22.18
CA ASP C 241 11.27 5.03 22.19
C ASP C 241 11.03 4.07 21.04
N GLY C 242 11.86 4.20 20.01
CA GLY C 242 11.82 3.34 18.84
C GLY C 242 10.96 3.83 17.68
N GLY C 243 11.19 3.25 16.53
CA GLY C 243 10.42 3.58 15.34
C GLY C 243 11.06 4.54 14.35
N CYS C 244 11.98 5.37 14.81
CA CYS C 244 12.68 6.29 13.92
C CYS C 244 13.67 5.53 13.05
N THR C 245 13.50 5.69 11.73
CA THR C 245 14.37 5.06 10.74
C THR C 245 15.22 6.10 10.02
N CYS C 246 14.99 7.38 10.37
CA CYS C 246 15.68 8.46 9.72
C CYS C 246 15.54 9.70 10.55
N PRO C 247 16.39 10.72 10.27
CA PRO C 247 16.30 11.96 11.00
C PRO C 247 14.95 12.67 10.93
N GLY C 248 14.23 12.52 9.84
CA GLY C 248 12.92 13.11 9.71
C GLY C 248 11.98 12.56 10.73
N ASP C 249 12.01 11.26 10.98
CA ASP C 249 11.17 10.64 12.02
C ASP C 249 11.57 11.20 13.36
N VAL C 250 12.85 11.40 13.55
CA VAL C 250 13.31 12.00 14.83
C VAL C 250 12.68 13.36 15.00
N ALA C 251 12.61 14.12 13.92
CA ALA C 251 12.01 15.45 13.89
C ALA C 251 10.49 15.40 14.14
N LYS C 252 9.82 14.42 13.54
CA LYS C 252 8.41 14.21 13.75
C LYS C 252 8.08 13.83 15.18
N ALA C 253 8.89 12.95 15.77
CA ALA C 253 8.73 12.57 17.17
C ALA C 253 8.72 13.82 18.03
N PHE C 254 9.72 14.66 17.86
CA PHE C 254 9.80 15.92 18.55
C PHE C 254 8.60 16.89 18.31
N GLY C 255 8.16 16.93 17.05
CA GLY C 255 7.03 17.76 16.65
C GLY C 255 5.76 17.28 17.32
N ALA C 256 5.65 15.97 17.54
CA ALA C 256 4.48 15.39 18.18
C ALA C 256 4.43 15.61 19.68
N GLY C 257 5.56 16.01 20.27
CA GLY C 257 5.59 16.38 21.68
C GLY C 257 6.64 15.67 22.51
N ALA C 258 7.35 14.72 21.92
CA ALA C 258 8.41 14.00 22.63
C ALA C 258 9.42 14.96 23.24
N ASP C 259 9.70 14.76 24.51
CA ASP C 259 10.69 15.57 25.19
C ASP C 259 12.07 15.05 24.81
N PHE C 260 12.21 13.73 24.78
CA PHE C 260 13.42 13.10 24.23
C PHE C 260 13.05 12.12 23.12
N VAL C 261 14.06 11.67 22.40
CA VAL C 261 13.88 10.62 21.36
C VAL C 261 14.96 9.58 21.57
N MET C 262 14.54 8.33 21.71
CA MET C 262 15.46 7.27 21.94
C MET C 262 15.63 6.42 20.67
N LEU C 263 16.89 6.15 20.34
CA LEU C 263 17.23 5.50 19.10
C LEU C 263 18.19 4.32 19.31
N GLY C 264 17.89 3.20 18.65
CA GLY C 264 18.74 2.03 18.65
C GLY C 264 19.20 1.66 17.27
N GLY C 265 18.25 1.39 16.37
CA GLY C 265 18.58 1.00 14.99
C GLY C 265 19.44 2.01 14.27
N MET C 266 19.08 3.28 14.41
CA MET C 266 19.85 4.36 13.76
C MET C 266 21.28 4.50 14.27
N PHE C 267 21.54 4.03 15.47
CA PHE C 267 22.91 4.05 16.01
C PHE C 267 23.63 2.75 15.83
N SER C 268 22.88 1.70 15.50
CA SER C 268 23.46 0.39 15.17
C SER C 268 24.43 0.48 14.02
N GLY C 269 25.42 -0.40 14.01
CA GLY C 269 26.30 -0.59 12.84
C GLY C 269 27.57 0.24 12.79
N HIS C 270 27.80 1.04 13.83
CA HIS C 270 28.95 1.94 13.86
C HIS C 270 30.13 1.35 14.59
N THR C 271 31.29 1.97 14.38
CA THR C 271 32.56 1.54 14.97
C THR C 271 32.53 1.47 16.48
N GLU C 272 31.75 2.40 17.05
CA GLU C 272 31.67 2.53 18.51
C GLU C 272 30.73 1.48 19.11
N CYS C 273 29.99 0.80 18.24
CA CYS C 273 29.07 -0.24 18.68
C CYS C 273 29.84 -1.48 19.12
N ALA C 274 29.29 -2.16 20.11
CA ALA C 274 29.85 -3.42 20.55
C ALA C 274 29.75 -4.43 19.42
N GLY C 275 30.80 -5.21 19.26
CA GLY C 275 30.86 -6.24 18.23
C GLY C 275 31.95 -5.93 17.24
N GLU C 276 32.39 -6.98 16.53
CA GLU C 276 33.36 -6.84 15.42
C GLU C 276 32.64 -6.85 14.07
N VAL C 277 33.34 -6.41 13.03
CA VAL C 277 32.77 -6.38 11.69
C VAL C 277 32.69 -7.79 11.09
N ILE C 278 31.57 -8.10 10.41
CA ILE C 278 31.37 -9.41 9.77
C ILE C 278 31.57 -9.30 8.26
N ARG C 283 30.66 -7.26 1.59
CA ARG C 283 29.69 -6.59 2.43
C ARG C 283 30.19 -6.58 3.88
N LYS C 284 30.40 -5.39 4.45
CA LYS C 284 30.79 -5.24 5.87
C LYS C 284 29.56 -5.03 6.74
N LEU C 285 29.44 -5.82 7.80
CA LEU C 285 28.26 -5.80 8.68
C LEU C 285 28.57 -5.81 10.18
N LYS C 286 27.64 -5.29 10.97
CA LYS C 286 27.66 -5.47 12.41
C LYS C 286 26.36 -6.12 12.86
N LEU C 287 26.44 -6.96 13.88
CA LEU C 287 25.27 -7.65 14.43
C LEU C 287 24.50 -6.70 15.36
N PHE C 288 23.18 -6.67 15.21
CA PHE C 288 22.33 -5.81 16.06
C PHE C 288 21.15 -6.68 16.51
N TYR C 289 20.97 -6.79 17.82
CA TYR C 289 19.99 -7.73 18.37
C TYR C 289 19.13 -7.14 19.52
N GLY C 290 17.87 -7.59 19.57
CA GLY C 290 16.93 -7.16 20.57
C GLY C 290 17.41 -7.45 21.99
N MET C 291 16.94 -6.61 22.91
CA MET C 291 17.29 -6.71 24.32
C MET C 291 16.77 -8.00 24.96
N SER C 292 15.66 -8.53 24.44
CA SER C 292 15.11 -9.82 24.86
C SER C 292 15.18 -10.85 23.72
N SER C 293 16.14 -10.66 22.82
CA SER C 293 16.37 -11.60 21.71
C SER C 293 16.93 -12.94 22.19
N ASP C 294 16.86 -13.94 21.32
CA ASP C 294 17.51 -15.22 21.59
C ASP C 294 19.03 -15.08 21.75
N THR C 295 19.62 -14.17 20.98
CA THR C 295 21.03 -13.83 21.09
C THR C 295 21.36 -13.28 22.48
N ALA C 296 20.54 -12.34 22.95
CA ALA C 296 20.71 -11.76 24.28
C ALA C 296 20.53 -12.85 25.36
N MET C 297 19.49 -13.66 25.18
CA MET C 297 19.21 -14.78 26.08
CA MET C 297 19.21 -14.81 26.07
C MET C 297 20.42 -15.71 26.24
N ASN C 298 21.04 -16.08 25.12
CA ASN C 298 22.24 -16.93 25.13
C ASN C 298 23.46 -16.22 25.72
N LYS C 299 23.62 -14.94 25.37
CA LYS C 299 24.75 -14.14 25.82
C LYS C 299 24.69 -13.81 27.33
N HIS C 300 23.48 -13.63 27.86
CA HIS C 300 23.26 -13.30 29.28
C HIS C 300 22.26 -14.28 29.89
N VAL C 304 16.93 -11.38 30.86
CA VAL C 304 16.45 -10.78 29.61
C VAL C 304 15.14 -11.39 29.11
N ALA C 305 14.58 -12.31 29.89
CA ALA C 305 13.39 -13.06 29.51
C ALA C 305 12.19 -12.13 29.21
N GLU C 306 11.76 -11.37 30.22
CA GLU C 306 10.66 -10.42 30.00
C GLU C 306 11.13 -9.01 30.37
N TYR C 307 12.29 -8.67 29.83
CA TYR C 307 12.87 -7.33 29.95
C TYR C 307 12.09 -6.39 29.03
N ARG C 308 11.82 -6.85 27.81
CA ARG C 308 11.01 -6.11 26.82
C ARG C 308 9.76 -6.91 26.44
N ALA C 309 8.82 -6.24 25.78
CA ALA C 309 7.50 -6.83 25.50
C ALA C 309 7.51 -8.02 24.55
N SER C 310 8.57 -8.15 23.76
CA SER C 310 8.70 -9.24 22.79
C SER C 310 10.13 -9.72 22.77
N GLU C 311 10.32 -10.95 22.32
CA GLU C 311 11.64 -11.50 22.09
C GLU C 311 12.08 -10.94 20.74
N GLY C 312 13.07 -10.05 20.79
CA GLY C 312 13.39 -9.21 19.67
C GLY C 312 14.16 -9.95 18.59
N LYS C 313 14.27 -9.30 17.43
CA LYS C 313 15.02 -9.83 16.27
C LYS C 313 16.53 -9.74 16.48
N THR C 314 17.26 -10.60 15.78
CA THR C 314 18.69 -10.45 15.60
C THR C 314 18.90 -10.15 14.12
N VAL C 315 19.52 -9.01 13.80
CA VAL C 315 19.80 -8.64 12.40
C VAL C 315 21.27 -8.30 12.17
N GLU C 316 21.70 -8.48 10.94
CA GLU C 316 22.99 -7.97 10.49
C GLU C 316 22.72 -6.62 9.82
N VAL C 317 23.33 -5.57 10.35
CA VAL C 317 23.14 -4.24 9.77
C VAL C 317 24.40 -3.86 9.02
N PRO C 318 24.24 -3.06 7.94
CA PRO C 318 25.39 -2.60 7.16
C PRO C 318 26.33 -1.75 8.02
N TYR C 319 27.63 -2.02 7.91
CA TYR C 319 28.64 -1.25 8.65
C TYR C 319 28.64 0.22 8.21
N LYS C 320 28.24 1.11 9.12
CA LYS C 320 28.06 2.54 8.82
C LYS C 320 29.35 3.35 9.01
N GLY C 321 30.34 2.79 9.70
CA GLY C 321 31.58 3.49 10.02
C GLY C 321 31.51 4.22 11.36
N ASP C 322 32.21 5.34 11.49
CA ASP C 322 32.20 6.11 12.76
C ASP C 322 30.86 6.85 12.98
N VAL C 323 30.39 6.84 14.23
CA VAL C 323 29.05 7.38 14.58
C VAL C 323 28.96 8.89 14.52
N GLU C 324 30.12 9.54 14.56
CA GLU C 324 30.23 10.99 14.38
C GLU C 324 29.32 11.45 13.23
N ASN C 325 29.56 10.87 12.06
CA ASN C 325 28.89 11.27 10.84
C ASN C 325 27.40 11.08 10.91
N THR C 326 26.94 10.00 11.53
CA THR C 326 25.50 9.76 11.79
C THR C 326 24.87 10.81 12.71
N ILE C 327 25.56 11.11 13.81
CA ILE C 327 25.15 12.19 14.71
C ILE C 327 24.95 13.49 13.97
N LEU C 328 25.91 13.85 13.13
CA LEU C 328 25.90 15.14 12.43
C LEU C 328 24.73 15.20 11.47
N ASP C 329 24.39 14.06 10.89
CA ASP C 329 23.26 13.97 9.97
C ASP C 329 21.94 14.11 10.72
N ILE C 330 21.85 13.54 11.91
CA ILE C 330 20.61 13.61 12.72
C ILE C 330 20.39 15.04 13.25
N LEU C 331 21.44 15.59 13.88
CA LEU C 331 21.41 16.96 14.38
C LEU C 331 21.20 17.96 13.25
N GLY C 332 21.93 17.81 12.18
CA GLY C 332 21.75 18.71 11.05
C GLY C 332 20.34 18.73 10.45
N GLY C 333 19.76 17.55 10.29
CA GLY C 333 18.43 17.41 9.76
C GLY C 333 17.37 17.98 10.66
N LEU C 334 17.63 17.90 11.96
CA LEU C 334 16.71 18.41 13.00
C LEU C 334 16.82 19.94 13.12
N ARG C 335 18.04 20.47 12.86
CA ARG C 335 18.22 21.91 12.76
C ARG C 335 17.49 22.46 11.53
N SER C 336 17.54 21.71 10.43
CA SER C 336 16.85 22.10 9.21
C SER C 336 15.32 22.09 9.39
N THR C 337 14.78 21.04 10.02
CA THR C 337 13.36 20.96 10.35
C THR C 337 12.95 22.20 11.15
N CYS C 338 13.69 22.50 12.21
CA CYS C 338 13.37 23.63 13.04
C CYS C 338 13.38 24.90 12.25
N THR C 339 14.40 25.08 11.44
CA THR C 339 14.44 26.25 10.57
C THR C 339 13.16 26.36 9.73
N TYR C 340 12.75 25.24 9.14
CA TYR C 340 11.69 25.22 8.14
C TYR C 340 10.31 25.42 8.72
N VAL C 341 10.15 25.12 10.00
CA VAL C 341 8.89 25.35 10.73
C VAL C 341 8.90 26.63 11.58
N GLY C 342 10.06 27.27 11.67
CA GLY C 342 10.22 28.53 12.35
C GLY C 342 10.63 28.39 13.80
N ALA C 343 11.31 27.30 14.15
CA ALA C 343 11.70 27.02 15.53
C ALA C 343 13.17 27.36 15.73
N ALA C 344 13.46 28.40 16.51
CA ALA C 344 14.85 28.80 16.74
C ALA C 344 15.52 27.89 17.76
N LYS C 345 14.68 27.20 18.54
CA LYS C 345 15.11 26.29 19.59
C LYS C 345 14.28 25.06 19.42
N LEU C 346 14.86 23.87 19.66
CA LEU C 346 14.12 22.61 19.68
C LEU C 346 12.88 22.61 20.57
N LYS C 347 12.96 23.40 21.64
CA LYS C 347 11.83 23.72 22.51
C LYS C 347 10.60 24.06 21.69
N GLU C 348 10.77 24.92 20.71
CA GLU C 348 9.63 25.49 19.97
C GLU C 348 9.05 24.57 18.89
N LEU C 349 9.66 23.42 18.66
CA LEU C 349 9.29 22.58 17.53
C LEU C 349 7.82 22.17 17.65
N SER C 350 7.43 21.56 18.76
CA SER C 350 6.07 21.01 18.92
C SER C 350 5.07 22.12 18.78
N ARG C 351 5.36 23.25 19.41
CA ARG C 351 4.53 24.44 19.33
C ARG C 351 4.32 24.84 17.88
N ARG C 352 5.33 24.64 17.02
CA ARG C 352 5.25 25.03 15.61
C ARG C 352 5.08 23.86 14.64
N ALA C 353 4.98 22.64 15.18
CA ALA C 353 4.72 21.46 14.38
C ALA C 353 3.25 21.41 14.00
N THR C 354 2.99 21.43 12.70
CA THR C 354 1.70 21.09 12.12
C THR C 354 1.96 19.96 11.15
N PHE C 355 1.24 18.85 11.33
CA PHE C 355 1.40 17.70 10.44
C PHE C 355 0.30 17.71 9.38
N ILE C 356 0.67 17.19 8.22
CA ILE C 356 -0.28 16.89 7.16
C ILE C 356 -0.30 15.40 6.98
N ARG C 357 -1.47 14.86 6.66
CA ARG C 357 -1.60 13.43 6.40
C ARG C 357 -1.26 13.27 4.95
N VAL C 358 -0.44 12.26 4.65
CA VAL C 358 -0.04 11.96 3.27
C VAL C 358 -0.39 10.51 2.93
N THR C 359 -0.15 10.15 1.67
CA THR C 359 -0.34 8.78 1.19
C THR C 359 1.02 8.15 0.86
N PRO D 24 -26.94 -3.98 -7.43
CA PRO D 24 -25.52 -4.09 -7.13
C PRO D 24 -25.02 -3.05 -6.10
N ARG D 25 -25.26 -3.34 -4.82
CA ARG D 25 -24.93 -2.43 -3.71
C ARG D 25 -23.50 -2.63 -3.19
N ILE D 26 -22.86 -1.53 -2.79
CA ILE D 26 -21.59 -1.60 -2.08
C ILE D 26 -21.87 -1.31 -0.61
N ASP D 27 -21.39 -2.21 0.25
CA ASP D 27 -21.47 -2.03 1.69
C ASP D 27 -20.57 -0.85 2.10
N ALA D 28 -21.18 0.15 2.75
CA ALA D 28 -20.47 1.37 3.18
C ALA D 28 -19.38 1.11 4.22
N ASP D 29 -19.66 0.17 5.14
CA ASP D 29 -18.70 -0.26 6.14
C ASP D 29 -17.49 -0.94 5.47
N LEU D 30 -16.29 -0.43 5.78
CA LEU D 30 -15.04 -1.08 5.40
C LEU D 30 -14.82 -2.28 6.31
N LYS D 31 -14.45 -3.40 5.71
CA LYS D 31 -14.23 -4.60 6.45
C LYS D 31 -12.73 -4.82 6.58
N LEU D 32 -12.29 -5.04 7.83
CA LEU D 32 -10.86 -5.12 8.15
C LEU D 32 -10.39 -6.55 8.27
N ASP D 33 -9.12 -6.79 7.95
CA ASP D 33 -8.44 -8.04 8.31
C ASP D 33 -7.43 -7.79 9.45
N PHE D 34 -6.63 -8.79 9.79
CA PHE D 34 -5.80 -8.72 11.00
C PHE D 34 -4.73 -7.65 10.89
N LYS D 35 -4.22 -7.45 9.67
CA LYS D 35 -3.11 -6.52 9.42
C LYS D 35 -3.56 -5.07 9.56
N ASP D 36 -4.88 -4.84 9.51
CA ASP D 36 -5.42 -3.48 9.63
C ASP D 36 -5.51 -3.02 11.07
N VAL D 37 -5.36 -3.92 12.03
CA VAL D 37 -5.53 -3.58 13.44
C VAL D 37 -4.38 -4.01 14.33
N LEU D 38 -4.36 -3.42 15.53
CA LEU D 38 -3.53 -3.90 16.64
C LEU D 38 -4.41 -3.93 17.86
N LEU D 39 -4.01 -4.76 18.83
CA LEU D 39 -4.59 -4.76 20.15
C LEU D 39 -3.88 -3.74 21.05
N ARG D 40 -4.69 -2.96 21.76
CA ARG D 40 -4.22 -1.98 22.72
C ARG D 40 -3.81 -2.67 24.04
N PRO D 41 -2.65 -2.29 24.60
CA PRO D 41 -2.35 -2.84 25.93
C PRO D 41 -3.18 -2.10 27.00
N LYS D 42 -3.44 -2.78 28.10
CA LYS D 42 -4.25 -2.23 29.19
C LYS D 42 -3.66 -2.55 30.54
N ARG D 43 -4.02 -1.72 31.52
CA ARG D 43 -3.55 -1.86 32.89
C ARG D 43 -4.03 -3.16 33.48
N SER D 44 -3.16 -3.85 34.19
CA SER D 44 -3.54 -5.07 34.91
C SER D 44 -2.52 -5.38 36.01
N SER D 45 -2.74 -6.47 36.72
CA SER D 45 -1.83 -6.91 37.78
C SER D 45 -0.99 -8.09 37.34
N LEU D 46 -0.99 -8.37 36.04
CA LEU D 46 -0.29 -9.52 35.50
C LEU D 46 1.12 -9.11 35.02
N LYS D 47 2.16 -9.60 35.70
CA LYS D 47 3.53 -9.26 35.33
C LYS D 47 3.98 -10.15 34.18
N SER D 48 3.93 -11.46 34.42
CA SER D 48 4.52 -12.46 33.52
C SER D 48 3.50 -13.26 32.76
N ARG D 49 3.90 -13.69 31.56
CA ARG D 49 3.05 -14.45 30.66
C ARG D 49 2.76 -15.89 31.15
N ALA D 50 3.64 -16.43 32.00
CA ALA D 50 3.48 -17.78 32.55
C ALA D 50 2.26 -17.86 33.49
N GLU D 51 1.90 -16.72 34.09
CA GLU D 51 0.67 -16.59 34.87
C GLU D 51 -0.60 -17.00 34.10
N VAL D 52 -0.60 -16.81 32.77
CA VAL D 52 -1.82 -16.90 31.97
C VAL D 52 -2.29 -18.32 31.66
N ASP D 53 -3.56 -18.59 31.91
CA ASP D 53 -4.18 -19.88 31.62
C ASP D 53 -4.86 -19.83 30.26
N LEU D 54 -4.35 -20.62 29.32
CA LEU D 54 -4.89 -20.67 27.97
C LEU D 54 -6.03 -21.68 27.80
N GLU D 55 -6.11 -22.64 28.71
CA GLU D 55 -7.21 -23.59 28.71
C GLU D 55 -8.55 -22.87 28.81
N ARG D 56 -9.51 -23.40 28.07
CA ARG D 56 -10.86 -22.90 28.03
C ARG D 56 -11.83 -24.06 28.19
N THR D 57 -12.95 -23.82 28.89
CA THR D 57 -13.99 -24.82 29.09
C THR D 57 -15.27 -24.38 28.38
N PHE D 58 -15.72 -25.19 27.43
CA PHE D 58 -16.94 -24.89 26.66
C PHE D 58 -17.98 -25.97 26.91
N THR D 59 -19.23 -25.54 27.05
CA THR D 59 -20.38 -26.44 27.01
C THR D 59 -21.17 -26.10 25.75
N PHE D 60 -21.21 -27.05 24.81
CA PHE D 60 -21.79 -26.82 23.50
C PHE D 60 -23.33 -26.86 23.50
N ARG D 61 -23.93 -26.11 22.59
CA ARG D 61 -25.35 -25.77 22.67
C ARG D 61 -26.22 -26.95 22.32
N ASN D 62 -25.86 -27.65 21.24
CA ASN D 62 -26.72 -28.70 20.70
C ASN D 62 -26.29 -30.08 21.19
N SER D 63 -24.99 -30.35 21.19
CA SER D 63 -24.49 -31.64 21.66
C SER D 63 -24.62 -31.75 23.19
N LYS D 64 -24.62 -30.60 23.84
CA LYS D 64 -24.62 -30.49 25.32
C LYS D 64 -23.34 -31.05 25.96
N GLN D 65 -22.32 -31.34 25.16
CA GLN D 65 -21.05 -31.86 25.66
C GLN D 65 -20.24 -30.73 26.26
N THR D 66 -19.23 -31.09 27.04
CA THR D 66 -18.30 -30.12 27.59
C THR D 66 -16.90 -30.47 27.09
N TYR D 67 -16.16 -29.42 26.72
CA TYR D 67 -14.78 -29.53 26.25
C TYR D 67 -13.90 -28.71 27.17
N SER D 68 -12.70 -29.21 27.41
CA SER D 68 -11.66 -28.41 28.04
C SER D 68 -10.32 -28.57 27.32
N GLY D 69 -9.69 -27.45 27.01
CA GLY D 69 -8.39 -27.48 26.38
C GLY D 69 -7.98 -26.12 25.89
N ILE D 70 -6.83 -26.06 25.24
CA ILE D 70 -6.40 -24.84 24.57
C ILE D 70 -7.07 -24.85 23.19
N PRO D 71 -8.01 -23.92 22.99
CA PRO D 71 -8.86 -23.92 21.82
C PRO D 71 -8.19 -23.50 20.50
N ILE D 72 -7.06 -24.13 20.19
CA ILE D 72 -6.39 -23.91 18.91
C ILE D 72 -6.44 -25.24 18.21
N ILE D 73 -6.89 -25.21 16.95
CA ILE D 73 -7.17 -26.42 16.17
C ILE D 73 -6.30 -26.50 14.92
N VAL D 74 -5.70 -27.66 14.71
CA VAL D 74 -4.97 -27.92 13.46
C VAL D 74 -6.02 -28.21 12.40
N ALA D 75 -5.93 -27.52 11.26
CA ALA D 75 -6.93 -27.63 10.23
C ALA D 75 -6.92 -29.03 9.67
N ASN D 76 -8.08 -29.49 9.21
CA ASN D 76 -8.23 -30.83 8.65
C ASN D 76 -7.75 -30.94 7.22
N MET D 77 -6.51 -30.51 7.00
CA MET D 77 -5.86 -30.57 5.70
C MET D 77 -4.93 -31.77 5.65
N ASP D 78 -4.60 -32.21 4.44
CA ASP D 78 -3.90 -33.49 4.24
C ASP D 78 -2.58 -33.58 4.97
N THR D 79 -1.85 -32.48 5.02
CA THR D 79 -0.47 -32.49 5.51
C THR D 79 -0.38 -32.19 7.00
N VAL D 80 -1.30 -31.35 7.50
CA VAL D 80 -1.25 -30.92 8.90
C VAL D 80 -2.24 -31.65 9.81
N GLY D 81 -3.38 -32.09 9.28
CA GLY D 81 -4.39 -32.76 10.10
C GLY D 81 -4.13 -34.23 10.20
N THR D 82 -2.95 -34.59 10.71
CA THR D 82 -2.47 -35.98 10.75
C THR D 82 -2.48 -36.51 12.18
N PHE D 83 -2.40 -37.84 12.29
CA PHE D 83 -2.34 -38.50 13.59
C PHE D 83 -1.04 -38.17 14.33
N GLU D 84 0.04 -38.02 13.58
CA GLU D 84 1.34 -37.70 14.17
C GLU D 84 1.30 -36.29 14.76
N MET D 85 0.64 -35.38 14.05
CA MET D 85 0.45 -34.02 14.53
C MET D 85 -0.41 -34.02 15.78
N ALA D 86 -1.49 -34.82 15.77
CA ALA D 86 -2.43 -34.88 16.89
C ALA D 86 -1.79 -35.38 18.19
N ALA D 87 -0.83 -36.30 18.05
CA ALA D 87 -0.14 -36.86 19.19
C ALA D 87 0.65 -35.79 19.93
N VAL D 88 1.21 -34.85 19.19
CA VAL D 88 1.96 -33.73 19.76
C VAL D 88 1.01 -32.66 20.28
N MET D 89 -0.02 -32.32 19.49
CA MET D 89 -0.97 -31.28 19.88
C MET D 89 -1.63 -31.62 21.20
N SER D 90 -2.04 -32.87 21.34
CA SER D 90 -2.78 -33.32 22.52
C SER D 90 -1.94 -33.19 23.80
N GLN D 91 -0.62 -33.37 23.69
CA GLN D 91 0.30 -33.12 24.83
C GLN D 91 0.22 -31.69 25.36
N HIS D 92 -0.08 -30.74 24.47
CA HIS D 92 -0.27 -29.34 24.85
C HIS D 92 -1.75 -28.96 25.07
N SER D 93 -2.61 -29.98 25.24
CA SER D 93 -4.06 -29.80 25.37
C SER D 93 -4.70 -29.10 24.18
N MET D 94 -4.07 -29.24 23.01
CA MET D 94 -4.56 -28.61 21.80
C MET D 94 -5.22 -29.64 20.90
N PHE D 95 -6.03 -29.13 19.96
CA PHE D 95 -6.99 -29.92 19.20
C PHE D 95 -6.51 -30.15 17.78
N THR D 96 -6.85 -31.31 17.22
CA THR D 96 -6.50 -31.63 15.82
C THR D 96 -7.77 -32.05 15.10
N ALA D 97 -8.09 -31.40 13.98
CA ALA D 97 -9.13 -31.87 13.08
C ALA D 97 -8.45 -32.75 12.06
N ILE D 98 -8.78 -34.03 12.10
CA ILE D 98 -8.10 -35.02 11.28
C ILE D 98 -8.68 -35.02 9.86
N HIS D 99 -7.82 -35.01 8.85
CA HIS D 99 -8.28 -34.99 7.48
C HIS D 99 -9.12 -36.24 7.19
N LYS D 100 -10.02 -36.11 6.23
CA LYS D 100 -11.03 -37.14 6.01
C LYS D 100 -10.56 -38.34 5.18
N HIS D 101 -9.27 -38.42 4.87
CA HIS D 101 -8.76 -39.43 3.92
C HIS D 101 -8.06 -40.59 4.59
N TYR D 102 -8.02 -40.57 5.91
CA TYR D 102 -7.61 -41.72 6.68
C TYR D 102 -8.66 -42.82 6.61
N SER D 103 -8.20 -44.07 6.53
CA SER D 103 -9.09 -45.21 6.50
C SER D 103 -9.62 -45.51 7.90
N LEU D 104 -10.67 -46.33 7.93
CA LEU D 104 -11.20 -46.87 9.16
C LEU D 104 -10.09 -47.55 9.96
N ASP D 105 -9.30 -48.39 9.29
CA ASP D 105 -8.16 -49.11 9.92
C ASP D 105 -7.14 -48.16 10.54
N ASP D 106 -6.84 -47.08 9.84
CA ASP D 106 -5.92 -46.07 10.33
C ASP D 106 -6.41 -45.46 11.64
N TRP D 107 -7.71 -45.18 11.72
CA TRP D 107 -8.32 -44.69 12.95
C TRP D 107 -8.27 -45.74 14.06
N LYS D 108 -8.63 -46.97 13.72
CA LYS D 108 -8.60 -48.06 14.69
C LYS D 108 -7.20 -48.15 15.32
N LEU D 109 -6.18 -48.03 14.48
CA LEU D 109 -4.79 -48.11 14.91
C LEU D 109 -4.41 -46.92 15.79
N PHE D 110 -4.91 -45.75 15.44
CA PHE D 110 -4.64 -44.56 16.22
C PHE D 110 -5.33 -44.62 17.61
N ALA D 111 -6.53 -45.20 17.66
CA ALA D 111 -7.23 -45.40 18.92
C ALA D 111 -6.48 -46.39 19.80
N THR D 112 -5.98 -47.46 19.17
CA THR D 112 -5.22 -48.48 19.86
C THR D 112 -3.98 -47.86 20.50
N ASN D 113 -3.28 -47.07 19.70
CA ASN D 113 -1.96 -46.55 20.06
C ASN D 113 -1.96 -45.22 20.78
N HIS D 114 -2.97 -44.39 20.54
CA HIS D 114 -3.02 -43.07 21.15
C HIS D 114 -4.41 -42.75 21.74
N PRO D 115 -4.88 -43.58 22.68
CA PRO D 115 -6.20 -43.36 23.29
C PRO D 115 -6.32 -42.00 23.99
N GLU D 116 -5.22 -41.53 24.56
CA GLU D 116 -5.16 -40.24 25.25
C GLU D 116 -5.50 -39.04 24.35
N CYS D 117 -5.34 -39.21 23.04
CA CYS D 117 -5.58 -38.15 22.05
C CYS D 117 -7.02 -37.99 21.59
N LEU D 118 -7.83 -39.05 21.75
CA LEU D 118 -9.11 -39.16 21.06
C LEU D 118 -10.10 -38.06 21.47
N GLN D 119 -9.94 -37.58 22.69
CA GLN D 119 -10.74 -36.48 23.19
C GLN D 119 -10.34 -35.15 22.57
N ASN D 120 -9.17 -35.10 21.93
CA ASN D 120 -8.62 -33.90 21.30
C ASN D 120 -8.55 -33.95 19.76
N VAL D 121 -9.33 -34.84 19.15
CA VAL D 121 -9.42 -34.91 17.69
C VAL D 121 -10.87 -34.85 17.20
N ALA D 122 -11.03 -34.42 15.95
CA ALA D 122 -12.32 -34.48 15.28
C ALA D 122 -12.14 -35.29 14.01
N VAL D 123 -13.16 -36.07 13.71
CA VAL D 123 -13.25 -36.81 12.47
C VAL D 123 -13.93 -35.88 11.49
N SER D 124 -13.42 -35.87 10.26
CA SER D 124 -13.87 -34.93 9.24
C SER D 124 -14.64 -35.62 8.12
N SER D 125 -15.64 -34.92 7.60
CA SER D 125 -16.50 -35.44 6.53
C SER D 125 -16.98 -34.32 5.62
N GLY D 126 -17.05 -34.60 4.32
CA GLY D 126 -17.85 -33.79 3.40
C GLY D 126 -19.33 -34.13 3.50
N SER D 127 -20.13 -33.54 2.63
CA SER D 127 -21.58 -33.74 2.63
C SER D 127 -22.02 -34.92 1.76
N GLY D 128 -21.07 -35.64 1.18
CA GLY D 128 -21.39 -36.81 0.36
C GLY D 128 -21.85 -38.02 1.16
N GLN D 129 -22.56 -38.93 0.49
CA GLN D 129 -23.06 -40.14 1.15
C GLN D 129 -21.91 -41.04 1.62
N ASN D 130 -20.89 -41.17 0.79
CA ASN D 130 -19.72 -42.00 1.11
C ASN D 130 -18.96 -41.50 2.32
N ASP D 131 -18.78 -40.19 2.40
CA ASP D 131 -18.11 -39.55 3.54
C ASP D 131 -18.90 -39.85 4.79
N LEU D 132 -20.22 -39.69 4.74
CA LEU D 132 -21.04 -39.85 5.92
C LEU D 132 -20.94 -41.29 6.42
N GLU D 133 -20.99 -42.24 5.48
CA GLU D 133 -20.86 -43.67 5.83
C GLU D 133 -19.51 -43.98 6.46
N LYS D 134 -18.43 -43.46 5.88
CA LYS D 134 -17.11 -43.72 6.41
C LYS D 134 -16.95 -43.11 7.79
N MET D 135 -17.44 -41.90 7.97
CA MET D 135 -17.37 -41.23 9.27
C MET D 135 -18.17 -42.00 10.31
N THR D 136 -19.39 -42.40 9.92
CA THR D 136 -20.27 -43.22 10.76
C THR D 136 -19.54 -44.46 11.27
N SER D 137 -18.82 -45.14 10.36
CA SER D 137 -18.08 -46.36 10.71
C SER D 137 -16.96 -46.08 11.68
N ILE D 138 -16.28 -44.95 11.49
CA ILE D 138 -15.20 -44.55 12.36
C ILE D 138 -15.72 -44.21 13.77
N LEU D 139 -16.79 -43.44 13.85
CA LEU D 139 -17.37 -43.05 15.14
C LEU D 139 -17.93 -44.25 15.94
N GLU D 140 -18.55 -45.19 15.24
CA GLU D 140 -19.06 -46.40 15.89
C GLU D 140 -17.89 -47.26 16.34
N ALA D 141 -16.83 -47.31 15.55
CA ALA D 141 -15.64 -48.10 15.92
C ALA D 141 -14.80 -47.41 16.99
N VAL D 142 -14.86 -46.08 17.06
CA VAL D 142 -14.08 -45.30 18.02
C VAL D 142 -14.96 -44.34 18.82
N PRO D 143 -15.69 -44.87 19.82
CA PRO D 143 -16.67 -44.08 20.59
C PRO D 143 -16.05 -42.92 21.37
N GLN D 144 -14.73 -42.93 21.49
CA GLN D 144 -13.99 -41.90 22.22
C GLN D 144 -13.87 -40.59 21.43
N VAL D 145 -14.05 -40.65 20.12
CA VAL D 145 -14.06 -39.43 19.28
C VAL D 145 -15.44 -38.80 19.37
N LYS D 146 -15.50 -37.60 19.91
CA LYS D 146 -16.74 -36.92 20.23
C LYS D 146 -16.92 -35.61 19.50
N PHE D 147 -16.13 -35.40 18.44
CA PHE D 147 -16.18 -34.18 17.62
C PHE D 147 -16.25 -34.55 16.18
N ILE D 148 -17.17 -33.92 15.45
CA ILE D 148 -17.32 -34.13 14.03
C ILE D 148 -17.07 -32.81 13.31
N CYS D 149 -16.27 -32.84 12.25
CA CYS D 149 -16.01 -31.65 11.43
C CYS D 149 -16.56 -31.79 10.02
N LEU D 150 -17.54 -30.94 9.70
CA LEU D 150 -18.23 -30.99 8.41
C LEU D 150 -17.87 -29.79 7.57
N ASP D 151 -17.59 -30.04 6.29
CA ASP D 151 -17.09 -29.00 5.41
C ASP D 151 -17.63 -29.15 3.99
N VAL D 152 -18.11 -28.04 3.46
CA VAL D 152 -18.65 -27.99 2.11
C VAL D 152 -18.03 -26.84 1.32
N ALA D 153 -18.27 -26.84 0.01
CA ALA D 153 -17.90 -25.71 -0.82
C ALA D 153 -18.75 -24.52 -0.44
N ASN D 154 -20.06 -24.73 -0.34
CA ASN D 154 -21.03 -23.65 -0.07
C ASN D 154 -21.75 -23.87 1.26
N GLY D 155 -21.18 -23.30 2.32
CA GLY D 155 -21.75 -23.31 3.67
C GLY D 155 -23.04 -22.51 3.83
N TYR D 156 -23.40 -21.74 2.80
CA TYR D 156 -24.68 -21.02 2.76
C TYR D 156 -25.82 -21.78 2.06
N SER D 157 -25.57 -23.01 1.61
CA SER D 157 -26.61 -23.75 0.90
CA SER D 157 -26.57 -23.80 0.89
C SER D 157 -27.59 -24.42 1.84
N GLU D 158 -28.82 -24.58 1.35
CA GLU D 158 -29.87 -25.27 2.11
C GLU D 158 -29.54 -26.73 2.22
N HIS D 159 -28.78 -27.23 1.26
CA HIS D 159 -28.35 -28.60 1.26
C HIS D 159 -27.41 -28.86 2.43
N PHE D 160 -26.62 -27.86 2.80
CA PHE D 160 -25.72 -28.01 3.91
C PHE D 160 -26.49 -27.96 5.23
N VAL D 161 -27.44 -27.03 5.33
CA VAL D 161 -28.32 -26.94 6.49
C VAL D 161 -28.98 -28.29 6.81
N GLU D 162 -29.48 -28.95 5.77
CA GLU D 162 -30.15 -30.26 5.90
C GLU D 162 -29.19 -31.38 6.25
N PHE D 163 -27.96 -31.28 5.78
CA PHE D 163 -26.95 -32.27 6.09
C PHE D 163 -26.53 -32.16 7.55
N VAL D 164 -26.43 -30.95 8.05
CA VAL D 164 -26.19 -30.70 9.45
C VAL D 164 -27.31 -31.24 10.33
N LYS D 165 -28.57 -30.98 9.95
CA LYS D 165 -29.72 -31.57 10.63
C LYS D 165 -29.64 -33.09 10.75
N LEU D 166 -29.18 -33.72 9.67
CA LEU D 166 -29.07 -35.18 9.58
C LEU D 166 -27.96 -35.72 10.48
N VAL D 167 -26.81 -35.08 10.43
CA VAL D 167 -25.67 -35.49 11.25
C VAL D 167 -26.00 -35.31 12.74
N ARG D 168 -26.68 -34.22 13.08
CA ARG D 168 -27.16 -33.97 14.43
C ARG D 168 -28.05 -35.12 14.90
N ALA D 169 -29.03 -35.47 14.06
CA ALA D 169 -29.97 -36.55 14.35
C ALA D 169 -29.26 -37.88 14.49
N LYS D 170 -28.32 -38.16 13.58
CA LYS D 170 -27.55 -39.41 13.60
C LYS D 170 -26.63 -39.53 14.81
N PHE D 171 -26.03 -38.41 15.22
CA PHE D 171 -25.09 -38.37 16.34
C PHE D 171 -25.44 -37.27 17.38
N PRO D 172 -26.52 -37.47 18.17
CA PRO D 172 -27.07 -36.40 19.03
C PRO D 172 -26.15 -35.93 20.14
N GLU D 173 -25.13 -36.70 20.46
CA GLU D 173 -24.23 -36.39 21.56
C GLU D 173 -22.82 -36.04 21.11
N HIS D 174 -22.60 -36.03 19.79
CA HIS D 174 -21.33 -35.57 19.22
C HIS D 174 -21.37 -34.08 19.01
N THR D 175 -20.23 -33.44 19.19
CA THR D 175 -20.11 -32.00 18.96
C THR D 175 -19.77 -31.75 17.52
N ILE D 176 -20.56 -30.88 16.89
CA ILE D 176 -20.45 -30.67 15.43
C ILE D 176 -19.86 -29.32 15.06
N MET D 177 -18.72 -29.39 14.38
CA MET D 177 -18.08 -28.27 13.69
C MET D 177 -18.57 -28.29 12.25
N ALA D 178 -18.99 -27.12 11.75
CA ALA D 178 -19.58 -27.00 10.42
C ALA D 178 -19.14 -25.71 9.76
N GLY D 179 -18.61 -25.79 8.56
CA GLY D 179 -18.27 -24.58 7.85
C GLY D 179 -18.22 -24.72 6.35
N ASN D 180 -17.85 -23.66 5.65
CA ASN D 180 -17.47 -22.38 6.28
C ASN D 180 -18.43 -21.25 5.90
N VAL D 181 -18.58 -20.29 6.78
CA VAL D 181 -19.35 -19.07 6.51
C VAL D 181 -18.57 -17.84 6.99
N VAL D 182 -19.10 -16.64 6.68
CA VAL D 182 -18.45 -15.38 7.10
C VAL D 182 -19.46 -14.36 7.62
N THR D 183 -20.73 -14.76 7.71
CA THR D 183 -21.78 -13.83 8.11
C THR D 183 -22.75 -14.43 9.13
N GLY D 184 -23.27 -13.57 9.98
CA GLY D 184 -24.00 -14.01 11.16
C GLY D 184 -25.32 -14.70 10.93
N GLU D 185 -26.02 -14.35 9.85
CA GLU D 185 -27.31 -14.98 9.58
C GLU D 185 -27.13 -16.46 9.32
N MET D 186 -26.04 -16.84 8.66
CA MET D 186 -25.77 -18.24 8.35
C MET D 186 -25.23 -18.96 9.57
N VAL D 187 -24.51 -18.22 10.42
CA VAL D 187 -24.07 -18.74 11.70
C VAL D 187 -25.28 -19.18 12.51
N GLU D 188 -26.28 -18.29 12.64
CA GLU D 188 -27.49 -18.65 13.36
C GLU D 188 -28.19 -19.84 12.74
N GLU D 189 -28.30 -19.85 11.42
CA GLU D 189 -29.03 -20.89 10.76
C GLU D 189 -28.41 -22.23 11.02
N LEU D 190 -27.10 -22.28 10.92
CA LEU D 190 -26.36 -23.54 11.10
C LEU D 190 -26.39 -24.01 12.53
N ILE D 191 -26.40 -23.06 13.47
CA ILE D 191 -26.49 -23.43 14.89
C ILE D 191 -27.89 -23.92 15.21
N LEU D 192 -28.90 -23.21 14.73
CA LEU D 192 -30.28 -23.63 14.93
C LEU D 192 -30.56 -24.98 14.25
N SER D 193 -29.79 -25.28 13.21
CA SER D 193 -29.92 -26.53 12.49
C SER D 193 -29.15 -27.70 13.11
N GLY D 194 -28.31 -27.42 14.11
CA GLY D 194 -27.68 -28.47 14.92
C GLY D 194 -26.18 -28.40 15.11
N ALA D 195 -25.50 -27.51 14.40
CA ALA D 195 -24.05 -27.40 14.54
C ALA D 195 -23.76 -26.68 15.84
N ASP D 196 -22.73 -27.12 16.55
CA ASP D 196 -22.36 -26.48 17.80
C ASP D 196 -21.37 -25.37 17.56
N ILE D 197 -20.43 -25.62 16.65
CA ILE D 197 -19.34 -24.69 16.37
C ILE D 197 -19.33 -24.44 14.86
N ILE D 198 -19.30 -23.16 14.51
CA ILE D 198 -19.30 -22.73 13.13
C ILE D 198 -17.92 -22.28 12.72
N LYS D 199 -17.44 -22.88 11.64
CA LYS D 199 -16.13 -22.53 11.11
C LYS D 199 -16.23 -21.31 10.22
N VAL D 200 -15.55 -20.24 10.63
CA VAL D 200 -15.67 -18.95 10.01
C VAL D 200 -14.41 -18.60 9.19
N GLY D 201 -14.63 -18.33 7.91
CA GLY D 201 -13.59 -17.80 7.06
C GLY D 201 -13.74 -18.28 5.64
N VAL D 202 -13.84 -17.33 4.70
CA VAL D 202 -13.86 -17.63 3.27
C VAL D 202 -12.99 -16.60 2.55
N GLY D 203 -11.83 -17.02 2.04
CA GLY D 203 -10.90 -16.11 1.34
C GLY D 203 -9.50 -16.05 1.93
N PRO D 204 -9.39 -15.62 3.20
CA PRO D 204 -8.09 -15.44 3.90
C PRO D 204 -7.15 -16.65 4.05
N GLY D 205 -7.64 -17.89 3.90
CA GLY D 205 -6.79 -19.09 4.01
C GLY D 205 -5.52 -19.04 3.17
N SER D 206 -4.36 -19.40 3.73
CA SER D 206 -3.07 -19.32 3.01
C SER D 206 -3.10 -19.93 1.59
N VAL D 207 -3.72 -21.09 1.42
CA VAL D 207 -3.86 -21.72 0.09
C VAL D 207 -5.29 -21.66 -0.52
N CYS D 208 -6.23 -21.01 0.16
CA CYS D 208 -7.54 -20.66 -0.41
C CYS D 208 -7.37 -19.67 -1.58
N THR D 209 -8.20 -19.82 -2.60
CA THR D 209 -8.13 -18.97 -3.78
C THR D 209 -9.51 -18.48 -4.23
N THR D 210 -10.46 -18.35 -3.30
CA THR D 210 -11.82 -17.94 -3.67
C THR D 210 -11.84 -16.53 -4.25
N ARG D 211 -11.02 -15.66 -3.68
CA ARG D 211 -11.03 -14.25 -4.09
C ARG D 211 -10.58 -14.14 -5.55
N THR D 212 -9.54 -14.91 -5.89
CA THR D 212 -8.94 -14.91 -7.19
C THR D 212 -9.83 -15.64 -8.21
N LYS D 213 -10.49 -16.70 -7.76
CA LYS D 213 -11.23 -17.56 -8.68
C LYS D 213 -12.72 -17.26 -8.75
N THR D 214 -13.27 -16.66 -7.70
CA THR D 214 -14.69 -16.33 -7.64
C THR D 214 -14.98 -14.89 -7.23
N GLY D 215 -14.02 -14.19 -6.63
CA GLY D 215 -14.25 -12.83 -6.16
C GLY D 215 -15.17 -12.73 -4.94
N VAL D 216 -15.43 -13.88 -4.33
CA VAL D 216 -16.25 -14.04 -3.15
C VAL D 216 -15.30 -14.26 -1.99
N GLY D 217 -15.65 -13.66 -0.86
CA GLY D 217 -14.79 -13.74 0.32
C GLY D 217 -15.16 -12.68 1.34
N TYR D 218 -14.42 -12.66 2.44
CA TYR D 218 -14.65 -11.69 3.51
C TYR D 218 -13.36 -11.55 4.31
N PRO D 219 -13.00 -10.31 4.75
CA PRO D 219 -11.84 -10.16 5.64
C PRO D 219 -12.02 -10.95 6.93
N GLN D 220 -10.95 -11.59 7.41
CA GLN D 220 -11.07 -12.55 8.52
C GLN D 220 -11.43 -11.91 9.85
N LEU D 221 -10.90 -10.75 10.16
CA LEU D 221 -11.25 -10.06 11.42
C LEU D 221 -12.73 -9.68 11.49
N SER D 222 -13.21 -9.04 10.43
CA SER D 222 -14.60 -8.60 10.38
C SER D 222 -15.56 -9.79 10.37
N ALA D 223 -15.12 -10.89 9.78
CA ALA D 223 -15.90 -12.11 9.75
C ALA D 223 -16.11 -12.56 11.19
N VAL D 224 -15.00 -12.76 11.89
CA VAL D 224 -15.00 -13.22 13.27
C VAL D 224 -15.77 -12.27 14.19
N ILE D 225 -15.61 -10.96 14.00
CA ILE D 225 -16.33 -9.98 14.81
C ILE D 225 -17.83 -10.16 14.74
N GLU D 226 -18.33 -10.25 13.51
CA GLU D 226 -19.77 -10.31 13.27
C GLU D 226 -20.34 -11.66 13.62
N CYS D 227 -19.62 -12.70 13.22
CA CYS D 227 -20.06 -14.08 13.42
C CYS D 227 -20.01 -14.53 14.86
N ALA D 228 -19.01 -14.04 15.61
CA ALA D 228 -18.89 -14.37 17.02
C ALA D 228 -20.12 -13.86 17.77
N ASP D 229 -20.48 -12.60 17.56
CA ASP D 229 -21.67 -12.04 18.20
C ASP D 229 -22.88 -12.92 17.94
N SER D 230 -23.03 -13.31 16.68
CA SER D 230 -24.19 -14.03 16.22
C SER D 230 -24.29 -15.41 16.89
N ALA D 231 -23.15 -16.11 16.95
CA ALA D 231 -23.07 -17.42 17.60
C ALA D 231 -23.34 -17.31 19.09
N HIS D 232 -22.69 -16.36 19.75
CA HIS D 232 -22.77 -16.26 21.21
C HIS D 232 -24.14 -15.82 21.68
N GLY D 233 -24.86 -15.08 20.83
CA GLY D 233 -26.26 -14.72 21.09
C GLY D 233 -27.15 -15.94 21.25
N LEU D 234 -26.72 -17.05 20.64
CA LEU D 234 -27.43 -18.32 20.73
C LEU D 234 -26.77 -19.28 21.72
N LYS D 235 -25.79 -18.80 22.47
CA LYS D 235 -24.95 -19.66 23.30
C LYS D 235 -24.21 -20.73 22.47
N GLY D 236 -23.91 -20.39 21.21
CA GLY D 236 -23.10 -21.24 20.34
C GLY D 236 -21.66 -20.77 20.29
N HIS D 237 -20.88 -21.37 19.41
CA HIS D 237 -19.45 -21.14 19.33
C HIS D 237 -18.93 -21.02 17.89
N ILE D 238 -17.79 -20.34 17.71
CA ILE D 238 -17.16 -20.31 16.40
C ILE D 238 -15.68 -20.68 16.41
N ILE D 239 -15.22 -21.15 15.24
CA ILE D 239 -13.81 -21.30 14.93
C ILE D 239 -13.44 -20.24 13.91
N SER D 240 -12.45 -19.42 14.20
CA SER D 240 -11.79 -18.60 13.18
C SER D 240 -10.91 -19.53 12.31
N ASP D 241 -11.40 -19.78 11.10
CA ASP D 241 -10.75 -20.73 10.23
C ASP D 241 -10.01 -20.06 9.08
N GLY D 242 -8.70 -19.97 9.21
CA GLY D 242 -7.86 -19.46 8.14
C GLY D 242 -7.46 -18.02 8.34
N GLY D 243 -6.35 -17.63 7.70
CA GLY D 243 -5.88 -16.24 7.70
C GLY D 243 -4.74 -15.88 8.63
N CYS D 244 -4.56 -16.63 9.72
CA CYS D 244 -3.50 -16.34 10.67
C CYS D 244 -2.14 -16.70 10.08
N THR D 245 -1.26 -15.71 10.03
CA THR D 245 0.06 -15.87 9.49
C THR D 245 1.10 -15.81 10.58
N CYS D 246 0.66 -15.49 11.79
CA CYS D 246 1.55 -15.36 12.93
C CYS D 246 0.75 -15.41 14.24
N PRO D 247 1.45 -15.61 15.38
CA PRO D 247 0.75 -15.71 16.64
C PRO D 247 -0.07 -14.46 16.99
N GLY D 248 0.32 -13.31 16.48
CA GLY D 248 -0.41 -12.10 16.74
C GLY D 248 -1.80 -12.15 16.15
N ASP D 249 -1.90 -12.67 14.92
CA ASP D 249 -3.19 -12.85 14.26
C ASP D 249 -4.05 -13.81 15.05
N VAL D 250 -3.44 -14.87 15.56
CA VAL D 250 -4.13 -15.87 16.39
C VAL D 250 -4.71 -15.15 17.60
N ALA D 251 -3.92 -14.25 18.20
CA ALA D 251 -4.36 -13.45 19.34
C ALA D 251 -5.49 -12.49 18.97
N LYS D 252 -5.41 -11.86 17.79
CA LYS D 252 -6.48 -10.97 17.31
C LYS D 252 -7.77 -11.73 17.04
N ALA D 253 -7.65 -12.93 16.49
CA ALA D 253 -8.80 -13.78 16.28
C ALA D 253 -9.57 -13.96 17.59
N PHE D 254 -8.84 -14.41 18.61
CA PHE D 254 -9.42 -14.58 19.95
C PHE D 254 -10.00 -13.27 20.55
N GLY D 255 -9.31 -12.15 20.32
CA GLY D 255 -9.75 -10.84 20.79
C GLY D 255 -11.03 -10.39 20.12
N ALA D 256 -11.21 -10.83 18.88
CA ALA D 256 -12.41 -10.49 18.10
C ALA D 256 -13.62 -11.35 18.47
N GLY D 257 -13.40 -12.41 19.25
CA GLY D 257 -14.51 -13.21 19.76
C GLY D 257 -14.46 -14.68 19.43
N ALA D 258 -13.50 -15.10 18.61
CA ALA D 258 -13.34 -16.50 18.21
C ALA D 258 -13.18 -17.38 19.45
N ASP D 259 -13.98 -18.44 19.48
CA ASP D 259 -13.96 -19.37 20.59
C ASP D 259 -12.76 -20.30 20.38
N PHE D 260 -12.55 -20.74 19.15
CA PHE D 260 -11.37 -21.48 18.73
C PHE D 260 -10.70 -20.77 17.56
N VAL D 261 -9.45 -21.13 17.29
CA VAL D 261 -8.76 -20.65 16.10
C VAL D 261 -8.20 -21.88 15.38
N MET D 262 -8.51 -21.98 14.09
CA MET D 262 -8.00 -23.10 13.29
C MET D 262 -6.88 -22.69 12.33
N LEU D 263 -5.81 -23.47 12.34
CA LEU D 263 -4.59 -23.15 11.63
C LEU D 263 -4.11 -24.26 10.70
N GLY D 264 -3.77 -23.90 9.47
CA GLY D 264 -3.15 -24.83 8.53
C GLY D 264 -1.74 -24.39 8.17
N GLY D 265 -1.65 -23.23 7.54
CA GLY D 265 -0.38 -22.73 7.03
C GLY D 265 0.68 -22.64 8.12
N MET D 266 0.28 -22.12 9.28
CA MET D 266 1.23 -21.99 10.41
C MET D 266 1.71 -23.33 10.99
N PHE D 267 0.95 -24.41 10.76
CA PHE D 267 1.39 -25.73 11.16
C PHE D 267 2.05 -26.52 10.03
N SER D 268 1.88 -26.04 8.79
CA SER D 268 2.58 -26.62 7.63
C SER D 268 4.10 -26.57 7.78
N GLY D 269 4.78 -27.51 7.13
CA GLY D 269 6.23 -27.50 7.00
C GLY D 269 7.03 -28.21 8.08
N HIS D 270 6.33 -28.82 9.04
CA HIS D 270 6.98 -29.46 10.18
C HIS D 270 7.24 -30.94 9.98
N THR D 271 8.12 -31.48 10.82
CA THR D 271 8.47 -32.90 10.79
C THR D 271 7.27 -33.82 10.93
N GLU D 272 6.30 -33.38 11.73
CA GLU D 272 5.11 -34.17 12.03
C GLU D 272 4.12 -34.13 10.88
N CYS D 273 4.35 -33.22 9.93
CA CYS D 273 3.48 -33.09 8.75
C CYS D 273 3.66 -34.25 7.81
N ALA D 274 2.57 -34.61 7.14
CA ALA D 274 2.60 -35.60 6.09
C ALA D 274 3.49 -35.09 4.96
N GLY D 275 4.32 -36.01 4.44
CA GLY D 275 5.20 -35.70 3.31
C GLY D 275 6.66 -35.78 3.73
N GLU D 276 7.52 -35.94 2.73
CA GLU D 276 8.96 -35.92 2.94
C GLU D 276 9.52 -34.53 2.64
N VAL D 277 10.76 -34.30 3.07
CA VAL D 277 11.45 -33.04 2.80
C VAL D 277 11.93 -32.99 1.35
N ILE D 278 11.77 -31.83 0.72
CA ILE D 278 12.18 -31.62 -0.67
C ILE D 278 13.48 -30.80 -0.77
N ARG D 283 17.97 -25.39 0.06
CA ARG D 283 16.70 -25.09 0.69
C ARG D 283 15.93 -26.39 0.99
N LYS D 284 15.55 -26.59 2.26
CA LYS D 284 14.68 -27.72 2.66
C LYS D 284 13.22 -27.28 2.72
N LEU D 285 12.35 -28.03 2.05
CA LEU D 285 10.95 -27.68 1.93
C LEU D 285 10.00 -28.87 2.11
N LYS D 286 8.77 -28.57 2.50
CA LYS D 286 7.68 -29.56 2.52
C LYS D 286 6.57 -29.03 1.63
N LEU D 287 5.83 -29.93 0.99
CA LEU D 287 4.68 -29.54 0.17
C LEU D 287 3.44 -29.31 1.02
N PHE D 288 2.71 -28.24 0.73
CA PHE D 288 1.48 -27.91 1.45
C PHE D 288 0.43 -27.56 0.41
N TYR D 289 -0.69 -28.26 0.43
CA TYR D 289 -1.70 -28.10 -0.61
C TYR D 289 -3.14 -28.02 -0.07
N GLY D 290 -3.96 -27.28 -0.83
CA GLY D 290 -5.37 -27.10 -0.51
C GLY D 290 -6.15 -28.39 -0.47
N MET D 291 -7.19 -28.39 0.34
CA MET D 291 -8.07 -29.53 0.50
C MET D 291 -8.83 -29.88 -0.77
N SER D 292 -9.12 -28.86 -1.58
CA SER D 292 -9.74 -29.04 -2.91
C SER D 292 -8.75 -28.70 -4.02
N SER D 293 -7.45 -28.81 -3.75
CA SER D 293 -6.42 -28.50 -4.74
C SER D 293 -6.37 -29.57 -5.82
N ASP D 294 -5.69 -29.25 -6.92
CA ASP D 294 -5.40 -30.24 -7.96
C ASP D 294 -4.59 -31.43 -7.41
N THR D 295 -3.67 -31.13 -6.50
CA THR D 295 -2.85 -32.13 -5.83
C THR D 295 -3.72 -33.10 -5.01
N ALA D 296 -4.68 -32.56 -4.28
CA ALA D 296 -5.62 -33.39 -3.52
C ALA D 296 -6.51 -34.20 -4.47
N MET D 297 -7.01 -33.55 -5.53
CA MET D 297 -7.88 -34.22 -6.51
C MET D 297 -7.16 -35.41 -7.17
N ASN D 298 -5.88 -35.24 -7.51
CA ASN D 298 -5.09 -36.33 -8.06
C ASN D 298 -4.78 -37.43 -7.04
N LYS D 299 -4.51 -37.02 -5.81
CA LYS D 299 -4.18 -37.94 -4.71
C LYS D 299 -5.41 -38.74 -4.21
N HIS D 300 -6.58 -38.11 -4.25
CA HIS D 300 -7.85 -38.73 -3.81
C HIS D 300 -8.89 -38.66 -4.92
N ALA D 305 -13.86 -32.43 -4.72
CA ALA D 305 -14.23 -31.50 -5.80
C ALA D 305 -14.81 -30.21 -5.22
N GLU D 306 -15.89 -30.34 -4.47
CA GLU D 306 -16.52 -29.18 -3.83
C GLU D 306 -16.56 -29.39 -2.33
N TYR D 307 -15.41 -29.78 -1.78
CA TYR D 307 -15.23 -29.93 -0.36
C TYR D 307 -15.05 -28.55 0.25
N ARG D 308 -14.26 -27.71 -0.45
CA ARG D 308 -13.99 -26.32 -0.05
C ARG D 308 -14.46 -25.35 -1.13
N ALA D 309 -14.61 -24.08 -0.77
CA ALA D 309 -15.19 -23.07 -1.67
C ALA D 309 -14.36 -22.79 -2.93
N SER D 310 -13.06 -23.11 -2.90
CA SER D 310 -12.14 -22.88 -4.02
C SER D 310 -11.24 -24.08 -4.23
N GLU D 311 -10.73 -24.22 -5.45
CA GLU D 311 -9.69 -25.19 -5.71
C GLU D 311 -8.39 -24.55 -5.21
N GLY D 312 -7.83 -25.11 -4.13
CA GLY D 312 -6.79 -24.41 -3.40
C GLY D 312 -5.44 -24.50 -4.05
N LYS D 313 -4.50 -23.70 -3.54
CA LYS D 313 -3.13 -23.68 -4.01
C LYS D 313 -2.34 -24.92 -3.57
N THR D 314 -1.28 -25.21 -4.31
CA THR D 314 -0.26 -26.14 -3.87
C THR D 314 1.01 -25.30 -3.71
N VAL D 315 1.58 -25.25 -2.51
CA VAL D 315 2.81 -24.49 -2.28
C VAL D 315 3.90 -25.34 -1.64
N GLU D 316 5.16 -24.96 -1.90
CA GLU D 316 6.31 -25.50 -1.19
C GLU D 316 6.60 -24.51 -0.04
N VAL D 317 6.54 -25.01 1.19
CA VAL D 317 6.79 -24.18 2.36
C VAL D 317 8.17 -24.55 2.94
N PRO D 318 8.91 -23.55 3.46
CA PRO D 318 10.18 -23.82 4.16
C PRO D 318 10.04 -24.86 5.28
N TYR D 319 10.95 -25.82 5.32
CA TYR D 319 10.97 -26.81 6.39
C TYR D 319 11.23 -26.13 7.75
N LYS D 320 10.24 -26.18 8.64
CA LYS D 320 10.31 -25.50 9.92
C LYS D 320 10.95 -26.34 11.04
N GLY D 321 11.06 -27.65 10.82
CA GLY D 321 11.57 -28.56 11.85
C GLY D 321 10.45 -29.18 12.68
N ASP D 322 10.72 -29.47 13.95
CA ASP D 322 9.69 -30.04 14.85
C ASP D 322 8.64 -29.01 15.27
N VAL D 323 7.38 -29.46 15.32
CA VAL D 323 6.23 -28.57 15.57
C VAL D 323 6.16 -28.06 17.01
N GLU D 324 6.86 -28.77 17.92
CA GLU D 324 6.94 -28.37 19.32
C GLU D 324 7.31 -26.90 19.44
N ASN D 325 8.39 -26.50 18.76
CA ASN D 325 8.87 -25.13 18.82
C ASN D 325 7.82 -24.11 18.36
N THR D 326 7.14 -24.42 17.25
CA THR D 326 6.07 -23.59 16.73
C THR D 326 4.91 -23.44 17.71
N ILE D 327 4.50 -24.55 18.31
CA ILE D 327 3.45 -24.52 19.35
C ILE D 327 3.83 -23.60 20.49
N LEU D 328 5.08 -23.70 20.94
CA LEU D 328 5.56 -22.90 22.05
C LEU D 328 5.58 -21.40 21.70
N ASP D 329 5.87 -21.08 20.45
CA ASP D 329 5.86 -19.71 19.98
C ASP D 329 4.45 -19.17 19.98
N ILE D 330 3.50 -19.99 19.55
CA ILE D 330 2.10 -19.54 19.43
C ILE D 330 1.48 -19.33 20.80
N LEU D 331 1.62 -20.33 21.66
CA LEU D 331 1.13 -20.29 23.03
C LEU D 331 1.81 -19.17 23.83
N GLY D 332 3.13 -19.09 23.71
CA GLY D 332 3.89 -18.03 24.36
C GLY D 332 3.43 -16.63 23.99
N GLY D 333 3.23 -16.41 22.70
CA GLY D 333 2.78 -15.10 22.22
C GLY D 333 1.37 -14.77 22.64
N LEU D 334 0.53 -15.77 22.77
CA LEU D 334 -0.86 -15.59 23.16
C LEU D 334 -0.96 -15.34 24.65
N ARG D 335 -0.04 -15.95 25.41
CA ARG D 335 0.07 -15.65 26.84
C ARG D 335 0.52 -14.21 27.05
N SER D 336 1.49 -13.78 26.24
CA SER D 336 1.96 -12.40 26.27
C SER D 336 0.83 -11.38 25.96
N THR D 337 0.10 -11.65 24.87
CA THR D 337 -1.05 -10.84 24.51
C THR D 337 -1.95 -10.66 25.71
N CYS D 338 -2.29 -11.78 26.34
CA CYS D 338 -3.26 -11.79 27.43
C CYS D 338 -2.75 -11.00 28.60
N THR D 339 -1.46 -11.16 28.91
CA THR D 339 -0.80 -10.35 29.93
C THR D 339 -0.95 -8.85 29.62
N TYR D 340 -0.71 -8.48 28.37
CA TYR D 340 -0.63 -7.08 27.98
C TYR D 340 -1.97 -6.35 27.95
N VAL D 341 -3.06 -7.11 27.79
CA VAL D 341 -4.42 -6.53 27.81
C VAL D 341 -5.13 -6.79 29.14
N GLY D 342 -4.49 -7.55 30.02
CA GLY D 342 -4.98 -7.80 31.38
C GLY D 342 -5.86 -9.02 31.54
N ALA D 343 -5.65 -10.01 30.68
CA ALA D 343 -6.46 -11.22 30.68
C ALA D 343 -5.70 -12.38 31.30
N ALA D 344 -6.12 -12.80 32.49
CA ALA D 344 -5.45 -13.87 33.23
C ALA D 344 -5.77 -15.23 32.64
N LYS D 345 -6.87 -15.27 31.90
CA LYS D 345 -7.34 -16.47 31.23
C LYS D 345 -7.70 -16.07 29.81
N LEU D 346 -7.50 -16.99 28.86
CA LEU D 346 -7.90 -16.78 27.45
C LEU D 346 -9.38 -16.41 27.29
N LYS D 347 -10.22 -16.90 28.19
CA LYS D 347 -11.63 -16.49 28.26
C LYS D 347 -11.77 -14.95 28.29
N GLU D 348 -10.92 -14.29 29.08
CA GLU D 348 -11.02 -12.84 29.29
C GLU D 348 -10.56 -11.98 28.09
N LEU D 349 -9.90 -12.59 27.10
CA LEU D 349 -9.26 -11.84 26.03
C LEU D 349 -10.26 -10.92 25.34
N SER D 350 -11.31 -11.49 24.79
CA SER D 350 -12.26 -10.74 23.97
C SER D 350 -12.94 -9.63 24.78
N ARG D 351 -13.23 -9.93 26.04
CA ARG D 351 -13.76 -8.91 26.96
C ARG D 351 -12.79 -7.73 27.06
N ARG D 352 -11.48 -7.99 27.04
CA ARG D 352 -10.49 -6.94 27.27
C ARG D 352 -9.76 -6.51 26.00
N ALA D 353 -10.18 -7.08 24.87
CA ALA D 353 -9.64 -6.71 23.57
C ALA D 353 -10.26 -5.41 23.10
N THR D 354 -9.42 -4.40 22.91
CA THR D 354 -9.79 -3.18 22.20
C THR D 354 -8.82 -3.09 21.05
N PHE D 355 -9.36 -2.95 19.85
CA PHE D 355 -8.54 -2.82 18.67
C PHE D 355 -8.36 -1.35 18.29
N ILE D 356 -7.19 -1.03 17.76
CA ILE D 356 -6.97 0.24 17.08
C ILE D 356 -6.73 -0.02 15.59
N ARG D 357 -7.24 0.88 14.74
CA ARG D 357 -7.03 0.79 13.31
C ARG D 357 -5.66 1.40 13.05
N VAL D 358 -4.86 0.72 12.24
CA VAL D 358 -3.56 1.23 11.84
C VAL D 358 -3.41 1.25 10.33
N THR D 359 -2.30 1.81 9.86
CA THR D 359 -1.95 1.87 8.45
C THR D 359 -0.84 0.88 8.14
K K E . 11.61 12.80 -2.85
P 5GP F . 12.11 16.02 -10.22
O1P 5GP F . 11.23 15.09 -9.38
O2P 5GP F . 11.40 16.62 -11.42
O3P 5GP F . 13.49 15.52 -10.56
O5' 5GP F . 12.45 17.27 -9.30
C5' 5GP F . 13.37 18.28 -9.68
C4' 5GP F . 13.41 19.24 -8.50
O4' 5GP F . 14.00 18.61 -7.37
C3' 5GP F . 14.24 20.51 -8.68
O3' 5GP F . 13.59 21.50 -9.49
C2' 5GP F . 14.49 20.94 -7.25
O2' 5GP F . 13.37 21.63 -6.69
C1' 5GP F . 14.60 19.62 -6.52
N9 5GP F . 16.00 19.27 -6.18
C8 5GP F . 17.07 18.97 -6.97
N7 5GP F . 18.15 18.73 -6.19
C5 5GP F . 17.74 18.87 -4.90
C6 5GP F . 18.32 18.78 -3.61
O6 5GP F . 19.53 18.48 -3.47
N1 5GP F . 17.57 19.02 -2.50
C2 5GP F . 16.25 19.38 -2.63
N2 5GP F . 15.41 19.65 -1.62
N3 5GP F . 15.68 19.47 -3.83
C4 5GP F . 16.39 19.22 -4.94
K K G . -2.83 -0.47 -17.39
P 5GP H . -7.55 -6.44 -20.58
O1P 5GP H . -7.46 -5.79 -19.21
O2P 5GP H . -8.65 -7.47 -20.60
O3P 5GP H . -6.25 -6.87 -21.26
O5' 5GP H . -8.08 -5.21 -21.47
C5' 5GP H . -8.46 -5.36 -22.82
C4' 5GP H . -8.72 -3.97 -23.34
O4' 5GP H . -7.58 -3.13 -23.18
C3' 5GP H . -9.02 -3.88 -24.83
O3' 5GP H . -10.28 -4.38 -25.21
C2' 5GP H . -8.88 -2.40 -25.06
O2' 5GP H . -10.03 -1.63 -24.66
C1' 5GP H . -7.69 -2.07 -24.16
N9 5GP H . -6.50 -1.95 -25.05
C8 5GP H . -5.90 -2.89 -25.77
N7 5GP H . -4.84 -2.37 -26.44
C5 5GP H . -4.78 -1.06 -26.11
C6 5GP H . -3.94 0.00 -26.46
O6 5GP H . -2.99 -0.15 -27.26
N1 5GP H . -4.20 1.23 -25.92
C2 5GP H . -5.24 1.41 -25.08
N2 5GP H . -5.52 2.58 -24.53
N3 5GP H . -6.03 0.41 -24.72
C4 5GP H . -5.83 -0.82 -25.23
K K I . 9.03 -3.87 14.48
P 5GP J . 14.70 1.30 17.30
O1P 5GP J . 13.60 1.27 16.28
O2P 5GP J . 15.46 2.61 17.17
O3P 5GP J . 15.58 0.07 17.43
O5' 5GP J . 13.96 1.32 18.73
C5' 5GP J . 14.70 1.02 19.92
C4' 5GP J . 13.76 0.54 21.01
O4' 5GP J . 13.17 -0.72 20.65
C3' 5GP J . 14.48 0.25 22.32
O3' 5GP J . 14.71 1.38 23.11
C2' 5GP J . 13.56 -0.74 22.99
O2' 5GP J . 12.54 -0.03 23.68
C1' 5GP J . 12.97 -1.53 21.83
N9 5GP J . 13.56 -2.93 21.84
C8 5GP J . 14.86 -3.33 21.81
N7 5GP J . 14.91 -4.71 21.87
C5 5GP J . 13.63 -5.16 21.96
C6 5GP J . 13.00 -6.42 22.07
O6 5GP J . 13.66 -7.46 22.09
N1 5GP J . 11.66 -6.51 22.14
C2 5GP J . 10.89 -5.39 22.12
N2 5GP J . 9.55 -5.42 22.20
N3 5GP J . 11.45 -4.17 22.03
C4 5GP J . 12.80 -4.03 21.93
K K K . -5.88 -16.56 0.29
P 5GP L . -4.64 -21.04 7.03
O1P 5GP L . -4.83 -19.55 6.83
O2P 5GP L . -4.49 -21.41 8.47
O3P 5GP L . -3.68 -21.74 6.08
O5' 5GP L . -6.04 -21.60 6.53
C5' 5GP L . -6.37 -22.96 6.68
C4' 5GP L . -7.77 -23.08 6.13
O4' 5GP L . -7.83 -22.66 4.75
C3' 5GP L . -8.32 -24.50 6.19
O3' 5GP L . -8.71 -24.87 7.51
C2' 5GP L . -9.47 -24.37 5.21
O2' 5GP L . -10.64 -23.89 5.88
C1' 5GP L . -8.93 -23.38 4.15
N9 5GP L . -8.52 -24.21 2.97
C8 5GP L . -7.60 -25.19 2.86
N7 5GP L . -7.60 -25.67 1.59
C5 5GP L . -8.54 -24.96 0.90
C6 5GP L . -9.03 -24.96 -0.40
O6 5GP L . -8.55 -25.76 -1.23
N1 5GP L . -10.03 -24.06 -0.76
C2 5GP L . -10.52 -23.19 0.18
N2 5GP L . -11.50 -22.28 -0.06
N3 5GP L . -10.06 -23.18 1.43
C4 5GP L . -9.09 -24.05 1.80
#